data_5XDD
#
_entry.id   5XDD
#
_cell.length_a   100.790
_cell.length_b   100.790
_cell.length_c   424.400
_cell.angle_alpha   90.00
_cell.angle_beta   90.00
_cell.angle_gamma   90.00
#
_symmetry.space_group_name_H-M   'P 41 21 2'
#
loop_
_entity.id
_entity.type
_entity.pdbx_description
1 polymer 'Thermophilic dibenzothiophene desulfurization enzyme C'
2 non-polymer 'FLAVIN MONONUCLEOTIDE'
3 non-polymer 'SULFATE ION'
4 non-polymer GLYCEROL
5 non-polymer INDOLE
6 water water
#
_entity_poly.entity_id   1
_entity_poly.type   'polypeptide(L)'
_entity_poly.pdbx_seq_one_letter_code
;MRTIHANSSAVREDHRALDVATELAKTFRVTVRERERAGGTPKAERDAIRRSGLLTLLISKERGGLGESWPTVYEAIAEI
ASADASLGHLFGYHFSNFAYVDLFASPEQKARWYPQAVRERWFLGNASSENNAHVLDWRVTATPLPDGSYEINGTKAFCS
GSADADRLLVFAVTSRDPNGDGRIVAALIPSDRAGVQVNGDWDSLGMRQTDSGSVTFSGVVVYPDELLGTPGQVTDAFAS
GSKPSLWTPITQLIFTHLYLGIARGALEEAAHYSRSHSRPFTLAGVEKATEDPYVLAIYGEFAAQLQVAEAGAREVALRV
QELWERNHVTPEQRGQLMVQVASAKIVATRLVIELTSRLYEAMGARAAASRQFGFDRFWRDARTHTLHDPVAYKIREVGN
WFLNHRFPTPSFYS
;
_entity_poly.pdbx_strand_id   A,B,C,D
#
loop_
_chem_comp.id
_chem_comp.type
_chem_comp.name
_chem_comp.formula
FMN non-polymer 'FLAVIN MONONUCLEOTIDE' 'C17 H21 N4 O9 P'
GOL non-polymer GLYCEROL 'C3 H8 O3'
IND non-polymer INDOLE 'C8 H7 N'
SO4 non-polymer 'SULFATE ION' 'O4 S -2'
#
# COMPACT_ATOMS: atom_id res chain seq x y z
N ASP A 14 38.59 -8.26 9.68
CA ASP A 14 38.53 -9.72 9.62
C ASP A 14 37.20 -10.20 9.06
N HIS A 15 37.22 -10.59 7.79
CA HIS A 15 36.04 -11.01 7.04
C HIS A 15 36.05 -12.52 6.79
N ARG A 16 36.84 -13.28 7.54
CA ARG A 16 37.03 -14.69 7.23
C ARG A 16 35.78 -15.51 7.49
N ALA A 17 35.09 -15.27 8.62
CA ALA A 17 33.88 -16.03 8.93
C ALA A 17 32.81 -15.78 7.90
N LEU A 18 32.67 -14.54 7.43
CA LEU A 18 31.65 -14.23 6.42
C LEU A 18 32.01 -14.83 5.08
N ASP A 19 33.29 -14.86 4.72
CA ASP A 19 33.71 -15.60 3.53
C ASP A 19 33.32 -17.05 3.63
N VAL A 20 33.51 -17.64 4.80
CA VAL A 20 33.12 -19.04 4.99
C VAL A 20 31.62 -19.19 4.81
N ALA A 21 30.85 -18.29 5.43
CA ALA A 21 29.40 -18.34 5.27
C ALA A 21 28.99 -18.13 3.81
N THR A 22 29.61 -17.18 3.11
CA THR A 22 29.29 -17.01 1.70
C THR A 22 29.54 -18.30 0.91
N GLU A 23 30.66 -18.97 1.17
CA GLU A 23 30.93 -20.22 0.46
C GLU A 23 29.90 -21.30 0.77
N LEU A 24 29.55 -21.46 2.04
CA LEU A 24 28.48 -22.39 2.40
C LEU A 24 27.20 -22.06 1.64
N ALA A 25 26.83 -20.77 1.60
CA ALA A 25 25.61 -20.37 0.92
C ALA A 25 25.65 -20.73 -0.57
N LYS A 26 26.79 -20.46 -1.22
CA LYS A 26 26.92 -20.81 -2.63
C LYS A 26 26.72 -22.30 -2.86
N THR A 27 27.22 -23.14 -1.93
CA THR A 27 27.02 -24.58 -2.06
C THR A 27 25.56 -24.97 -1.87
N PHE A 28 24.87 -24.37 -0.89
CA PHE A 28 23.49 -24.73 -0.63
C PHE A 28 22.56 -24.36 -1.81
N ARG A 29 22.85 -23.27 -2.52
CA ARG A 29 22.00 -22.85 -3.65
C ARG A 29 21.95 -23.93 -4.71
N VAL A 30 23.05 -24.66 -4.87
CA VAL A 30 23.14 -25.62 -5.97
C VAL A 30 22.05 -26.66 -5.86
N THR A 31 21.72 -27.07 -4.62
CA THR A 31 20.83 -28.19 -4.38
C THR A 31 19.56 -27.84 -3.65
N VAL A 32 19.35 -26.57 -3.25
CA VAL A 32 18.19 -26.26 -2.38
C VAL A 32 16.89 -26.63 -3.09
N ARG A 33 16.81 -26.40 -4.40
CA ARG A 33 15.57 -26.66 -5.11
C ARG A 33 15.11 -28.10 -4.91
N GLU A 34 15.99 -29.07 -5.12
CA GLU A 34 15.59 -30.47 -4.95
C GLU A 34 15.46 -30.86 -3.50
N ARG A 35 16.34 -30.36 -2.63
CA ARG A 35 16.26 -30.75 -1.23
C ARG A 35 14.96 -30.28 -0.59
N GLU A 36 14.58 -29.02 -0.77
CA GLU A 36 13.42 -28.54 -0.01
C GLU A 36 12.13 -29.20 -0.46
N ARG A 37 12.07 -29.65 -1.72
CA ARG A 37 10.90 -30.41 -2.18
C ARG A 37 10.70 -31.69 -1.35
N ALA A 38 11.77 -32.47 -1.19
CA ALA A 38 11.67 -33.68 -0.38
C ALA A 38 11.35 -33.37 1.09
N GLY A 39 11.77 -32.23 1.58
CA GLY A 39 11.57 -31.96 2.99
C GLY A 39 12.52 -32.83 3.81
N GLY A 40 12.11 -33.17 5.01
CA GLY A 40 13.02 -33.96 5.83
C GLY A 40 14.29 -33.22 6.25
N THR A 41 15.27 -34.01 6.70
CA THR A 41 16.42 -33.48 7.43
C THR A 41 17.57 -33.24 6.47
N PRO A 42 18.13 -31.97 6.38
CA PRO A 42 19.29 -31.70 5.52
C PRO A 42 20.60 -32.11 6.17
N LYS A 43 20.79 -33.42 6.33
CA LYS A 43 21.91 -33.94 7.11
C LYS A 43 23.25 -33.49 6.54
N ALA A 44 23.44 -33.65 5.23
CA ALA A 44 24.74 -33.32 4.65
C ALA A 44 25.07 -31.83 4.79
N GLU A 45 24.06 -30.98 4.75
CA GLU A 45 24.28 -29.55 4.86
C GLU A 45 24.54 -29.13 6.31
N ARG A 46 23.81 -29.74 7.24
CA ARG A 46 24.09 -29.51 8.65
C ARG A 46 25.52 -29.94 8.99
N ASP A 47 25.99 -31.03 8.37
CA ASP A 47 27.36 -31.47 8.60
C ASP A 47 28.36 -30.51 7.97
N ALA A 48 28.03 -29.96 6.82
CA ALA A 48 28.88 -28.91 6.27
C ALA A 48 28.98 -27.72 7.21
N ILE A 49 27.85 -27.35 7.83
CA ILE A 49 27.92 -26.24 8.78
C ILE A 49 28.82 -26.61 9.96
N ARG A 50 28.72 -27.85 10.45
CA ARG A 50 29.62 -28.33 11.50
C ARG A 50 31.08 -28.20 11.11
N ARG A 51 31.45 -28.64 9.87
CA ARG A 51 32.85 -28.55 9.44
C ARG A 51 33.30 -27.11 9.33
N SER A 52 32.38 -26.18 9.10
CA SER A 52 32.78 -24.80 8.85
C SER A 52 33.32 -24.15 10.09
N GLY A 53 32.95 -24.63 11.27
CA GLY A 53 33.29 -23.94 12.51
C GLY A 53 32.34 -22.83 12.92
N LEU A 54 31.43 -22.39 12.04
CA LEU A 54 30.70 -21.17 12.33
C LEU A 54 29.73 -21.34 13.48
N LEU A 55 29.35 -22.58 13.82
CA LEU A 55 28.51 -22.78 14.97
C LEU A 55 29.16 -22.31 16.26
N THR A 56 30.48 -22.08 16.26
CA THR A 56 31.26 -21.68 17.43
C THR A 56 31.62 -20.21 17.38
N LEU A 57 30.89 -19.43 16.57
CA LEU A 57 31.23 -18.01 16.37
C LEU A 57 31.28 -17.24 17.67
N LEU A 58 30.44 -17.57 18.62
CA LEU A 58 30.34 -16.79 19.84
C LEU A 58 31.07 -17.43 21.02
N ILE A 59 31.67 -18.59 20.83
CA ILE A 59 32.54 -19.19 21.85
C ILE A 59 33.89 -18.52 21.79
N SER A 60 34.42 -18.13 22.95
CA SER A 60 35.73 -17.48 23.02
C SER A 60 36.83 -18.37 22.45
N LYS A 61 37.88 -17.73 21.95
CA LYS A 61 39.02 -18.45 21.42
C LYS A 61 39.68 -19.31 22.50
N GLU A 62 39.70 -18.80 23.74
CA GLU A 62 40.22 -19.57 24.86
C GLU A 62 39.45 -20.88 25.05
N ARG A 63 38.16 -20.89 24.79
CA ARG A 63 37.37 -22.12 24.91
C ARG A 63 37.33 -22.91 23.59
N GLY A 64 38.12 -22.52 22.60
CA GLY A 64 38.21 -23.21 21.34
C GLY A 64 37.39 -22.63 20.22
N GLY A 65 36.67 -21.52 20.45
CA GLY A 65 35.74 -20.99 19.48
C GLY A 65 36.38 -19.93 18.59
N LEU A 66 35.54 -19.24 17.82
CA LEU A 66 36.04 -18.21 16.93
C LEU A 66 36.12 -16.84 17.59
N GLY A 67 35.47 -16.64 18.74
CA GLY A 67 35.55 -15.34 19.40
C GLY A 67 35.02 -14.18 18.59
N GLU A 68 33.96 -14.41 17.83
CA GLU A 68 33.40 -13.38 16.95
C GLU A 68 32.25 -12.69 17.67
N SER A 69 31.55 -11.82 16.95
CA SER A 69 30.57 -10.91 17.53
C SER A 69 29.19 -11.08 16.89
N TRP A 70 28.18 -10.52 17.56
CA TRP A 70 26.82 -10.65 17.05
C TRP A 70 26.66 -10.09 15.65
N PRO A 71 27.26 -8.94 15.28
CA PRO A 71 27.11 -8.45 13.90
C PRO A 71 27.59 -9.44 12.86
N THR A 72 28.67 -10.17 13.16
CA THR A 72 29.11 -11.25 12.27
C THR A 72 28.06 -12.36 12.20
N VAL A 73 27.51 -12.74 13.34
CA VAL A 73 26.51 -13.81 13.36
C VAL A 73 25.31 -13.41 12.50
N TYR A 74 24.81 -12.19 12.69
CA TYR A 74 23.62 -11.76 11.95
C TYR A 74 23.89 -11.74 10.46
N GLU A 75 25.05 -11.24 10.06
CA GLU A 75 25.38 -11.23 8.64
C GLU A 75 25.42 -12.64 8.07
N ALA A 76 26.04 -13.59 8.79
CA ALA A 76 26.08 -14.99 8.36
C ALA A 76 24.68 -15.58 8.24
N ILE A 77 23.82 -15.34 9.22
CA ILE A 77 22.43 -15.80 9.17
C ILE A 77 21.77 -15.34 7.87
N ALA A 78 21.83 -14.04 7.59
CA ALA A 78 21.18 -13.53 6.39
C ALA A 78 21.78 -14.12 5.11
N GLU A 79 23.11 -14.24 5.05
CA GLU A 79 23.75 -14.80 3.85
C GLU A 79 23.30 -16.22 3.59
N ILE A 80 23.30 -17.06 4.63
CA ILE A 80 22.85 -18.44 4.46
C ILE A 80 21.38 -18.47 4.10
N ALA A 81 20.57 -17.66 4.78
CA ALA A 81 19.14 -17.62 4.50
C ALA A 81 18.85 -17.22 3.05
N SER A 82 19.68 -16.36 2.48
CA SER A 82 19.45 -15.95 1.09
C SER A 82 19.56 -17.12 0.12
N ALA A 83 20.33 -18.16 0.49
CA ALA A 83 20.57 -19.34 -0.34
C ALA A 83 19.60 -20.46 -0.01
N ASP A 84 19.28 -20.61 1.27
CA ASP A 84 18.41 -21.69 1.75
C ASP A 84 17.81 -21.24 3.07
N ALA A 85 16.50 -20.99 3.08
CA ALA A 85 15.86 -20.44 4.26
C ALA A 85 15.78 -21.47 5.39
N SER A 86 15.73 -22.77 5.08
CA SER A 86 15.66 -23.75 6.15
C SER A 86 17.00 -23.85 6.86
N LEU A 87 18.09 -23.91 6.11
CA LEU A 87 19.41 -23.91 6.73
C LEU A 87 19.69 -22.57 7.42
N GLY A 88 19.20 -21.45 6.86
CA GLY A 88 19.36 -20.18 7.55
C GLY A 88 18.63 -20.17 8.87
N HIS A 89 17.41 -20.67 8.87
CA HIS A 89 16.62 -20.79 10.09
C HIS A 89 17.30 -21.68 11.12
N LEU A 90 17.77 -22.88 10.72
CA LEU A 90 18.41 -23.80 11.67
C LEU A 90 19.66 -23.16 12.27
N PHE A 91 20.50 -22.59 11.41
CA PHE A 91 21.68 -21.85 11.85
C PHE A 91 21.30 -20.74 12.81
N GLY A 92 20.31 -19.92 12.45
CA GLY A 92 19.93 -18.81 13.30
C GLY A 92 19.39 -19.28 14.63
N TYR A 93 18.55 -20.31 14.62
CA TYR A 93 17.96 -20.80 15.85
C TYR A 93 19.01 -21.46 16.76
N HIS A 94 20.02 -22.09 16.17
CA HIS A 94 21.20 -22.49 16.94
C HIS A 94 21.69 -21.34 17.81
N PHE A 95 21.84 -20.15 17.22
CA PHE A 95 22.35 -19.02 18.00
C PHE A 95 21.34 -18.45 18.98
N SER A 96 20.03 -18.54 18.71
CA SER A 96 19.07 -18.24 19.77
C SER A 96 19.23 -19.19 20.96
N ASN A 97 19.34 -20.49 20.67
CA ASN A 97 19.56 -21.46 21.72
C ASN A 97 20.88 -21.19 22.44
N PHE A 98 21.95 -20.88 21.68
CA PHE A 98 23.22 -20.61 22.30
C PHE A 98 23.14 -19.38 23.18
N ALA A 99 22.46 -18.33 22.68
CA ALA A 99 22.28 -17.11 23.47
C ALA A 99 21.63 -17.42 24.81
N TYR A 100 20.57 -18.25 24.80
CA TYR A 100 19.88 -18.58 26.04
C TYR A 100 20.82 -19.30 27.01
N VAL A 101 21.49 -20.36 26.54
CA VAL A 101 22.53 -21.07 27.28
C VAL A 101 23.56 -20.09 27.86
N ASP A 102 24.11 -19.21 27.02
CA ASP A 102 25.18 -18.34 27.49
C ASP A 102 24.68 -17.34 28.53
N LEU A 103 23.40 -16.98 28.46
CA LEU A 103 22.85 -16.03 29.41
C LEU A 103 22.52 -16.67 30.77
N PHE A 104 22.48 -18.02 30.86
CA PHE A 104 22.06 -18.68 32.09
C PHE A 104 23.05 -19.72 32.58
N ALA A 105 24.00 -20.14 31.76
CA ALA A 105 24.93 -21.19 32.15
C ALA A 105 25.87 -20.72 33.26
N SER A 106 26.18 -21.62 34.17
CA SER A 106 27.20 -21.35 35.18
C SER A 106 28.61 -21.34 34.58
N PRO A 107 29.57 -20.74 35.28
CA PRO A 107 30.97 -20.84 34.82
C PRO A 107 31.45 -22.27 34.63
N GLU A 108 30.98 -23.18 35.47
CA GLU A 108 31.31 -24.59 35.37
C GLU A 108 30.72 -25.18 34.09
N GLN A 109 29.45 -24.83 33.80
CA GLN A 109 28.80 -25.29 32.57
C GLN A 109 29.52 -24.77 31.33
N LYS A 110 30.00 -23.54 31.35
CA LYS A 110 30.65 -23.04 30.16
C LYS A 110 32.02 -23.68 29.98
N ALA A 111 32.72 -23.89 31.10
CA ALA A 111 34.07 -24.44 31.05
C ALA A 111 34.07 -25.86 30.46
N ARG A 112 33.05 -26.65 30.74
CA ARG A 112 33.02 -27.94 30.10
C ARG A 112 32.21 -27.98 28.80
N TRP A 113 31.05 -27.31 28.72
CA TRP A 113 30.19 -27.42 27.52
C TRP A 113 30.82 -26.76 26.31
N TYR A 114 31.49 -25.60 26.48
CA TYR A 114 31.89 -24.92 25.26
C TYR A 114 33.05 -25.64 24.57
N PRO A 115 34.06 -26.11 25.30
CA PRO A 115 35.08 -26.94 24.62
C PRO A 115 34.50 -28.19 24.01
N GLN A 116 33.52 -28.79 24.68
CA GLN A 116 32.83 -29.95 24.14
C GLN A 116 32.02 -29.59 22.90
N ALA A 117 31.39 -28.40 22.88
CA ALA A 117 30.63 -27.97 21.71
C ALA A 117 31.52 -27.74 20.49
N VAL A 118 32.75 -27.27 20.70
CA VAL A 118 33.73 -27.14 19.61
C VAL A 118 34.16 -28.51 19.11
N ARG A 119 34.47 -29.40 20.06
N ARG A 119 34.43 -29.43 20.04
CA ARG A 119 34.98 -30.75 19.79
CA ARG A 119 35.00 -30.74 19.71
C ARG A 119 33.94 -31.60 19.09
C ARG A 119 33.95 -31.66 19.08
N GLU A 120 32.77 -31.74 19.69
CA GLU A 120 31.68 -32.51 19.14
C GLU A 120 30.87 -31.76 18.06
N ARG A 121 31.21 -30.51 17.78
CA ARG A 121 30.53 -29.69 16.76
C ARG A 121 29.02 -29.66 16.99
N TRP A 122 28.65 -29.26 18.19
CA TRP A 122 27.25 -29.19 18.57
C TRP A 122 26.46 -28.25 17.67
N PHE A 123 25.31 -28.72 17.20
CA PHE A 123 24.33 -27.97 16.44
C PHE A 123 23.07 -28.06 17.30
N LEU A 124 22.69 -26.96 17.93
CA LEU A 124 21.68 -27.00 18.97
C LEU A 124 20.29 -26.95 18.38
N GLY A 125 19.37 -27.67 19.03
CA GLY A 125 17.95 -27.62 18.74
C GLY A 125 17.18 -27.27 20.00
N ASN A 126 15.88 -27.08 19.84
CA ASN A 126 15.09 -26.72 21.00
C ASN A 126 13.70 -27.34 20.96
N ALA A 127 13.14 -27.43 22.16
CA ALA A 127 11.79 -27.94 22.33
C ALA A 127 11.15 -27.09 23.42
N SER A 128 10.35 -26.10 22.99
CA SER A 128 9.86 -25.01 23.83
C SER A 128 8.35 -24.84 23.73
N SER A 129 7.88 -24.57 22.51
CA SER A 129 6.47 -24.31 22.27
C SER A 129 5.65 -25.59 22.38
N GLU A 130 4.36 -25.43 22.57
CA GLU A 130 3.43 -26.54 22.58
C GLU A 130 2.27 -26.18 21.67
N ASN A 131 1.40 -27.16 21.40
CA ASN A 131 0.23 -26.89 20.58
C ASN A 131 -1.04 -27.02 21.41
N ASN A 132 -1.17 -26.15 22.40
CA ASN A 132 -2.34 -26.14 23.29
C ASN A 132 -3.36 -25.14 22.79
N ALA A 133 -4.46 -25.01 23.52
CA ALA A 133 -5.54 -24.11 23.09
C ALA A 133 -5.04 -22.70 22.85
N HIS A 134 -3.97 -22.29 23.53
CA HIS A 134 -3.40 -20.98 23.30
C HIS A 134 -1.89 -21.00 23.54
N VAL A 135 -1.23 -19.95 23.02
CA VAL A 135 0.22 -19.97 22.87
C VAL A 135 0.93 -20.02 24.21
N LEU A 136 0.33 -19.44 25.25
CA LEU A 136 0.95 -19.38 26.57
C LEU A 136 1.51 -20.74 26.98
N TRP A 138 1.46 -24.03 28.68
CA TRP A 138 2.43 -25.13 28.75
C TRP A 138 1.94 -26.26 29.66
N ARG A 139 2.03 -27.51 29.16
CA ARG A 139 1.69 -28.70 29.94
C ARG A 139 2.82 -29.73 30.02
N VAL A 140 3.97 -29.49 29.40
CA VAL A 140 5.15 -30.31 29.64
C VAL A 140 5.68 -30.02 31.05
N THR A 141 5.76 -31.06 31.87
CA THR A 141 6.01 -30.92 33.30
C THR A 141 7.42 -31.39 33.66
N ALA A 142 7.98 -30.73 34.67
CA ALA A 142 9.23 -31.13 35.29
C ALA A 142 8.92 -31.47 36.73
N THR A 143 9.09 -32.73 37.09
CA THR A 143 8.77 -33.26 38.40
C THR A 143 10.04 -33.57 39.16
N PRO A 144 10.22 -33.08 40.39
CA PRO A 144 11.52 -33.24 41.06
C PRO A 144 11.82 -34.70 41.37
N LEU A 145 13.11 -35.03 41.32
CA LEU A 145 13.65 -36.32 41.73
C LEU A 145 14.61 -36.11 42.89
N PRO A 146 15.14 -37.16 43.48
CA PRO A 146 16.20 -36.98 44.49
C PRO A 146 17.50 -36.50 43.87
N ASP A 147 18.38 -36.00 44.74
CA ASP A 147 19.69 -35.53 44.33
C ASP A 147 19.61 -34.28 43.47
N GLY A 148 18.42 -33.69 43.33
CA GLY A 148 18.24 -32.46 42.57
C GLY A 148 17.80 -32.64 41.13
N SER A 149 17.40 -33.83 40.72
CA SER A 149 17.04 -34.08 39.33
C SER A 149 15.56 -33.80 39.10
N TYR A 150 15.19 -33.73 37.82
CA TYR A 150 13.81 -33.56 37.40
C TYR A 150 13.50 -34.57 36.31
N GLU A 151 12.24 -34.97 36.25
CA GLU A 151 11.73 -35.86 35.22
C GLU A 151 10.79 -35.06 34.35
N ILE A 152 11.07 -35.05 33.05
CA ILE A 152 10.29 -34.30 32.07
C ILE A 152 9.26 -35.23 31.42
N ASN A 153 7.99 -34.80 31.39
CA ASN A 153 6.94 -35.52 30.68
C ASN A 153 6.08 -34.60 29.82
N GLY A 154 5.85 -35.01 28.58
CA GLY A 154 4.93 -34.32 27.69
C GLY A 154 5.43 -34.18 26.27
N THR A 155 4.62 -33.52 25.44
CA THR A 155 4.92 -33.30 24.03
C THR A 155 5.09 -31.82 23.74
N LYS A 156 6.16 -31.49 23.05
CA LYS A 156 6.42 -30.15 22.54
C LYS A 156 6.17 -30.09 21.04
N ALA A 157 5.77 -28.92 20.55
CA ALA A 157 5.51 -28.69 19.13
C ALA A 157 6.51 -27.66 18.57
N PHE A 158 6.63 -27.64 17.23
CA PHE A 158 7.51 -26.71 16.52
C PHE A 158 8.93 -26.73 17.07
N CYS A 159 9.49 -27.94 17.17
CA CYS A 159 10.81 -28.12 17.78
C CYS A 159 11.91 -27.98 16.73
N SER A 160 12.14 -26.74 16.32
CA SER A 160 13.05 -26.50 15.22
C SER A 160 14.41 -27.10 15.48
N GLY A 161 14.93 -27.76 14.46
CA GLY A 161 16.25 -28.33 14.49
C GLY A 161 16.36 -29.47 15.47
N SER A 162 15.23 -30.09 15.82
CA SER A 162 15.23 -31.18 16.80
C SER A 162 15.85 -32.45 16.23
N ALA A 163 15.78 -32.63 14.92
CA ALA A 163 16.39 -33.78 14.29
C ALA A 163 17.87 -33.50 14.06
N ASP A 164 18.70 -34.51 14.30
CA ASP A 164 20.15 -34.39 14.16
C ASP A 164 20.73 -33.31 15.08
N ALA A 165 20.02 -32.94 16.13
CA ALA A 165 20.55 -32.05 17.14
C ALA A 165 21.45 -32.82 18.12
N ASP A 166 22.56 -32.21 18.50
CA ASP A 166 23.42 -32.84 19.49
C ASP A 166 22.93 -32.60 20.92
N ARG A 167 22.34 -31.43 21.17
CA ARG A 167 21.74 -31.07 22.44
C ARG A 167 20.44 -30.36 22.12
N LEU A 168 19.47 -30.54 23.00
CA LEU A 168 18.17 -29.88 22.94
C LEU A 168 18.05 -28.96 24.14
N LEU A 169 17.73 -27.71 23.87
CA LEU A 169 17.31 -26.78 24.92
C LEU A 169 15.82 -26.97 25.17
N VAL A 170 15.49 -27.42 26.36
CA VAL A 170 14.15 -27.87 26.71
C VAL A 170 13.59 -27.03 27.85
N PHE A 171 12.29 -26.79 27.81
CA PHE A 171 11.60 -25.94 28.77
C PHE A 171 10.44 -26.73 29.34
N ALA A 172 10.27 -26.68 30.66
CA ALA A 172 9.18 -27.36 31.34
C ALA A 172 8.72 -26.49 32.50
N VAL A 173 7.56 -26.85 33.08
CA VAL A 173 7.03 -26.17 34.25
C VAL A 173 6.98 -27.16 35.39
N THR A 174 7.43 -26.74 36.57
CA THR A 174 7.49 -27.63 37.72
C THR A 174 6.10 -28.10 38.13
N SER A 175 6.03 -29.35 38.59
CA SER A 175 4.82 -29.83 39.24
C SER A 175 5.22 -30.84 40.30
N ARG A 176 4.27 -31.09 41.21
CA ARG A 176 4.53 -31.91 42.38
C ARG A 176 5.80 -31.46 43.08
N ASP A 177 6.02 -30.13 43.07
CA ASP A 177 7.26 -29.53 43.53
C ASP A 177 7.06 -28.85 44.88
N PRO A 178 7.66 -29.37 45.96
CA PRO A 178 7.52 -28.69 47.27
C PRO A 178 8.05 -27.28 47.29
N ASN A 179 8.92 -26.91 46.35
CA ASN A 179 9.52 -25.58 46.29
C ASN A 179 8.80 -24.66 45.32
N GLY A 180 7.64 -25.07 44.82
CA GLY A 180 6.78 -24.20 44.00
C GLY A 180 6.46 -24.85 42.67
N ASP A 181 5.17 -24.92 42.39
CA ASP A 181 4.73 -25.42 41.10
C ASP A 181 4.64 -24.28 40.09
N GLY A 182 4.67 -24.65 38.83
CA GLY A 182 4.53 -23.67 37.78
C GLY A 182 5.75 -22.84 37.50
N ARG A 183 6.92 -23.21 38.04
CA ARG A 183 8.14 -22.49 37.75
C ARG A 183 8.77 -23.05 36.50
N ILE A 184 9.34 -22.16 35.68
CA ILE A 184 9.92 -22.57 34.39
C ILE A 184 11.33 -23.11 34.62
N VAL A 185 11.54 -24.36 34.22
CA VAL A 185 12.87 -24.95 34.15
C VAL A 185 13.32 -24.99 32.71
N ALA A 186 14.60 -24.71 32.51
CA ALA A 186 15.25 -24.85 31.22
C ALA A 186 16.43 -25.77 31.43
N ALA A 187 16.64 -26.68 30.49
CA ALA A 187 17.74 -27.63 30.59
C ALA A 187 18.35 -27.87 29.22
N LEU A 188 19.64 -28.17 29.20
CA LEU A 188 20.34 -28.50 27.96
C LEU A 188 20.70 -29.97 28.05
N ILE A 189 20.05 -30.80 27.23
CA ILE A 189 20.22 -32.25 27.38
C ILE A 189 20.62 -32.91 26.07
N PRO A 190 21.32 -34.03 26.14
CA PRO A 190 21.55 -34.86 24.95
C PRO A 190 20.25 -35.23 24.26
N SER A 191 20.26 -35.14 22.93
CA SER A 191 19.07 -35.45 22.14
C SER A 191 18.73 -36.92 22.15
N ASP A 192 19.70 -37.79 22.47
CA ASP A 192 19.51 -39.22 22.54
C ASP A 192 19.33 -39.72 23.98
N ARG A 193 19.14 -38.81 24.92
CA ARG A 193 18.78 -39.18 26.29
C ARG A 193 17.51 -40.04 26.28
N ALA A 194 17.52 -41.12 27.06
CA ALA A 194 16.42 -42.07 27.03
C ALA A 194 15.10 -41.39 27.33
N GLY A 195 14.04 -41.80 26.62
CA GLY A 195 12.73 -41.20 26.78
C GLY A 195 12.46 -40.00 25.88
N VAL A 196 13.45 -39.54 25.11
CA VAL A 196 13.26 -38.45 24.17
C VAL A 196 12.90 -39.04 22.81
N GLN A 197 11.71 -38.70 22.29
CA GLN A 197 11.27 -39.18 20.98
C GLN A 197 11.01 -38.01 20.03
N VAL A 198 11.90 -37.83 19.06
CA VAL A 198 11.76 -36.86 17.97
C VAL A 198 10.87 -37.47 16.88
N ASN A 199 9.70 -36.88 16.66
CA ASN A 199 8.61 -37.57 15.93
C ASN A 199 8.64 -37.39 14.42
N GLY A 200 9.36 -36.41 13.87
CA GLY A 200 9.51 -36.27 12.42
C GLY A 200 8.23 -36.03 11.63
N ASP A 201 7.31 -35.23 12.16
CA ASP A 201 6.01 -34.95 11.54
C ASP A 201 5.92 -33.52 10.99
N TRP A 202 7.01 -33.00 10.45
CA TRP A 202 7.05 -31.65 9.88
C TRP A 202 6.82 -31.75 8.37
N ASP A 203 5.71 -31.18 7.91
CA ASP A 203 5.35 -31.21 6.48
C ASP A 203 4.63 -29.91 6.17
N SER A 204 5.40 -28.88 5.84
CA SER A 204 4.96 -27.49 5.86
C SER A 204 4.97 -26.90 4.46
N LEU A 205 4.27 -25.78 4.29
CA LEU A 205 4.25 -25.08 3.02
C LEU A 205 5.66 -24.64 2.63
N GLY A 206 6.32 -23.93 3.55
CA GLY A 206 7.70 -23.59 3.39
C GLY A 206 8.48 -23.93 4.66
N MET A 207 9.74 -23.50 4.73
CA MET A 207 10.66 -23.88 5.80
C MET A 207 10.66 -25.41 5.96
N ARG A 208 10.70 -26.09 4.82
CA ARG A 208 10.40 -27.51 4.78
C ARG A 208 11.53 -28.38 5.34
N GLN A 209 12.74 -27.84 5.49
CA GLN A 209 13.84 -28.65 6.03
C GLN A 209 14.31 -28.15 7.41
N THR A 210 13.42 -27.49 8.18
CA THR A 210 13.76 -27.04 9.53
C THR A 210 13.47 -28.08 10.61
N ASP A 211 12.80 -29.19 10.27
CA ASP A 211 12.52 -30.26 11.23
C ASP A 211 11.76 -29.73 12.44
N SER A 212 10.78 -28.88 12.20
CA SER A 212 10.06 -28.21 13.29
C SER A 212 8.82 -28.99 13.70
N GLY A 213 8.95 -30.31 13.83
CA GLY A 213 7.88 -31.15 14.30
C GLY A 213 7.87 -31.28 15.81
N SER A 214 7.17 -32.30 16.27
CA SER A 214 6.92 -32.46 17.69
C SER A 214 7.95 -33.41 18.31
N VAL A 215 8.10 -33.28 19.61
CA VAL A 215 9.04 -34.09 20.40
C VAL A 215 8.31 -34.52 21.65
N THR A 216 8.31 -35.82 21.92
CA THR A 216 7.66 -36.39 23.07
C THR A 216 8.69 -36.78 24.12
N PHE A 217 8.41 -36.44 25.37
CA PHE A 217 9.26 -36.72 26.52
C PHE A 217 8.56 -37.74 27.40
N SER A 218 9.15 -38.92 27.55
CA SER A 218 8.59 -39.99 28.41
C SER A 218 9.57 -40.26 29.55
N GLY A 219 9.28 -39.70 30.72
CA GLY A 219 10.14 -39.90 31.89
C GLY A 219 11.59 -39.53 31.67
N VAL A 220 11.86 -38.41 30.99
CA VAL A 220 13.24 -38.03 30.65
C VAL A 220 13.91 -37.41 31.86
N VAL A 221 15.09 -37.91 32.22
CA VAL A 221 15.82 -37.41 33.38
C VAL A 221 16.68 -36.22 32.96
N VAL A 222 16.60 -35.14 33.75
CA VAL A 222 17.47 -33.97 33.64
C VAL A 222 18.29 -33.87 34.92
N TYR A 223 19.60 -33.76 34.78
CA TYR A 223 20.46 -33.73 35.96
C TYR A 223 20.74 -32.29 36.37
N PRO A 224 21.09 -32.06 37.64
CA PRO A 224 21.28 -30.67 38.09
C PRO A 224 22.33 -29.93 37.29
N ASP A 225 23.39 -30.62 36.88
CA ASP A 225 24.44 -30.02 36.08
C ASP A 225 24.00 -29.73 34.63
N GLU A 226 22.76 -30.05 34.28
CA GLU A 226 22.14 -29.73 33.00
C GLU A 226 21.13 -28.60 33.09
N LEU A 227 20.80 -28.16 34.30
CA LEU A 227 19.80 -27.11 34.50
C LEU A 227 20.41 -25.76 34.20
N LEU A 228 19.66 -24.93 33.49
CA LEU A 228 20.11 -23.58 33.16
C LEU A 228 19.47 -22.63 34.18
N GLY A 229 20.20 -22.36 35.25
CA GLY A 229 19.66 -21.63 36.37
C GLY A 229 18.72 -22.47 37.22
N THR A 230 18.23 -21.86 38.29
CA THR A 230 17.23 -22.52 39.13
C THR A 230 15.86 -22.41 38.48
N PRO A 231 14.93 -23.30 38.82
CA PRO A 231 13.55 -23.18 38.31
C PRO A 231 12.98 -21.78 38.62
N GLY A 232 12.38 -21.16 37.60
CA GLY A 232 11.79 -19.85 37.75
C GLY A 232 12.75 -18.69 37.57
N GLN A 233 14.05 -18.95 37.54
CA GLN A 233 15.02 -17.88 37.39
C GLN A 233 14.78 -17.07 36.12
N VAL A 234 14.37 -17.73 35.03
CA VAL A 234 14.14 -17.00 33.79
C VAL A 234 13.00 -15.99 33.98
N THR A 235 11.96 -16.38 34.72
CA THR A 235 10.89 -15.44 35.00
C THR A 235 11.40 -14.25 35.80
N ASP A 236 12.23 -14.50 36.81
CA ASP A 236 12.79 -13.40 37.57
C ASP A 236 13.72 -12.55 36.72
N ALA A 237 14.53 -13.19 35.88
CA ALA A 237 15.46 -12.40 35.07
C ALA A 237 14.70 -11.52 34.08
N PHE A 238 13.62 -12.05 33.48
CA PHE A 238 12.88 -11.24 32.50
C PHE A 238 12.08 -10.14 33.18
N ALA A 239 11.37 -10.46 34.27
CA ALA A 239 10.57 -9.44 34.93
C ALA A 239 11.42 -8.28 35.45
N SER A 240 12.69 -8.50 35.70
CA SER A 240 13.55 -7.44 36.24
C SER A 240 14.42 -6.76 35.18
N GLY A 241 14.32 -7.17 33.92
CA GLY A 241 15.22 -6.63 32.89
C GLY A 241 16.68 -6.94 33.14
N SER A 242 16.96 -8.04 33.84
CA SER A 242 18.30 -8.55 33.95
C SER A 242 18.85 -8.86 32.55
N LYS A 243 20.18 -9.05 32.47
CA LYS A 243 20.82 -9.31 31.18
C LYS A 243 20.13 -10.41 30.37
N PRO A 244 19.65 -11.50 30.95
CA PRO A 244 18.99 -12.52 30.12
C PRO A 244 17.78 -11.99 29.36
N SER A 245 17.21 -10.84 29.72
CA SER A 245 16.05 -10.31 29.00
C SER A 245 16.45 -9.85 27.60
N LEU A 246 17.75 -9.77 27.33
CA LEU A 246 18.22 -9.52 25.97
C LEU A 246 17.89 -10.68 25.02
N TRP A 247 17.55 -11.84 25.56
CA TRP A 247 17.36 -13.00 24.68
C TRP A 247 16.31 -12.73 23.61
N THR A 248 15.21 -12.09 24.00
CA THR A 248 14.12 -11.87 23.05
C THR A 248 14.49 -10.90 21.94
N PRO A 249 15.05 -9.72 22.21
CA PRO A 249 15.43 -8.87 21.09
C PRO A 249 16.47 -9.52 20.19
N ILE A 250 17.38 -10.27 20.80
CA ILE A 250 18.37 -11.03 20.04
C ILE A 250 17.68 -11.98 19.06
N THR A 251 16.76 -12.77 19.56
CA THR A 251 16.09 -13.80 18.78
C THR A 251 15.19 -13.22 17.70
N GLN A 252 14.40 -12.20 18.06
CA GLN A 252 13.56 -11.51 17.09
C GLN A 252 14.38 -10.83 16.00
N LEU A 253 15.58 -10.35 16.34
CA LEU A 253 16.49 -9.83 15.31
C LEU A 253 17.09 -10.94 14.45
N ILE A 254 17.19 -12.15 15.00
CA ILE A 254 17.58 -13.29 14.18
C ILE A 254 16.53 -13.54 13.11
N PHE A 255 15.26 -13.58 13.52
CA PHE A 255 14.17 -13.74 12.56
C PHE A 255 14.18 -12.64 11.52
N THR A 256 14.38 -11.39 11.96
CA THR A 256 14.45 -10.26 11.03
C THR A 256 15.49 -10.54 9.96
N HIS A 257 16.65 -11.07 10.34
CA HIS A 257 17.72 -11.30 9.39
C HIS A 257 17.39 -12.46 8.45
N LEU A 258 16.61 -13.44 8.91
CA LEU A 258 16.12 -14.44 7.96
C LEU A 258 15.28 -13.80 6.89
N TYR A 259 14.38 -12.87 7.28
CA TYR A 259 13.48 -12.24 6.32
C TYR A 259 14.22 -11.35 5.33
N LEU A 260 15.23 -10.59 5.81
CA LEU A 260 16.00 -9.79 4.89
C LEU A 260 16.85 -10.67 3.97
N GLY A 261 17.31 -11.81 4.45
CA GLY A 261 18.12 -12.68 3.62
C GLY A 261 17.28 -13.31 2.51
N ILE A 262 16.12 -13.85 2.89
CA ILE A 262 15.15 -14.33 1.88
C ILE A 262 14.83 -13.23 0.88
N ALA A 263 14.57 -12.02 1.37
CA ALA A 263 14.26 -10.92 0.46
C ALA A 263 15.38 -10.69 -0.53
N ARG A 264 16.62 -10.56 -0.04
CA ARG A 264 17.75 -10.34 -0.92
C ARG A 264 17.93 -11.49 -1.91
N GLY A 265 17.72 -12.72 -1.44
CA GLY A 265 17.91 -13.88 -2.31
C GLY A 265 16.88 -13.90 -3.43
N ALA A 266 15.64 -13.58 -3.10
CA ALA A 266 14.56 -13.53 -4.09
C ALA A 266 14.81 -12.42 -5.11
N LEU A 267 15.25 -11.26 -4.65
CA LEU A 267 15.49 -10.15 -5.56
C LEU A 267 16.66 -10.45 -6.51
N GLU A 268 17.72 -11.07 -5.99
CA GLU A 268 18.85 -11.39 -6.84
C GLU A 268 18.48 -12.47 -7.84
N GLU A 269 17.75 -13.49 -7.39
CA GLU A 269 17.33 -14.56 -8.28
C GLU A 269 16.41 -14.02 -9.37
N ALA A 270 15.46 -13.14 -9.00
CA ALA A 270 14.58 -12.55 -10.01
C ALA A 270 15.39 -11.74 -11.02
N ALA A 271 16.36 -10.97 -10.54
CA ALA A 271 17.10 -10.11 -11.46
C ALA A 271 17.88 -10.95 -12.46
N HIS A 272 18.45 -12.06 -12.00
CA HIS A 272 19.19 -12.91 -12.93
C HIS A 272 18.24 -13.48 -13.98
N TYR A 273 17.03 -13.83 -13.58
CA TYR A 273 16.03 -14.30 -14.54
C TYR A 273 15.71 -13.22 -15.54
N SER A 274 15.51 -11.99 -15.07
CA SER A 274 15.18 -10.89 -15.97
C SER A 274 16.30 -10.60 -16.95
N ARG A 275 17.55 -10.64 -16.48
CA ARG A 275 18.69 -10.36 -17.37
C ARG A 275 18.83 -11.42 -18.44
N SER A 276 18.54 -12.66 -18.09
CA SER A 276 18.84 -13.76 -18.99
C SER A 276 17.63 -14.42 -19.64
N HIS A 277 16.41 -14.23 -19.14
CA HIS A 277 15.28 -15.08 -19.55
C HIS A 277 14.03 -14.29 -19.94
N SER A 278 13.76 -13.18 -19.26
CA SER A 278 12.58 -12.39 -19.60
C SER A 278 12.66 -11.93 -21.05
N ARG A 279 11.44 -11.85 -21.73
CA ARG A 279 11.25 -11.26 -23.04
C ARG A 279 10.65 -9.86 -22.91
N PRO A 280 11.12 -8.88 -23.70
CA PRO A 280 10.52 -7.54 -23.61
C PRO A 280 9.04 -7.60 -23.93
N PHE A 281 8.31 -6.60 -23.46
CA PHE A 281 6.91 -6.42 -23.88
C PHE A 281 6.95 -5.52 -25.11
N THR A 282 7.29 -6.16 -26.21
CA THR A 282 7.61 -5.49 -27.44
C THR A 282 6.37 -4.89 -28.12
N LEU A 283 5.16 -5.27 -27.68
CA LEU A 283 3.94 -4.58 -28.11
C LEU A 283 3.99 -3.09 -27.77
N ALA A 284 4.60 -2.76 -26.62
CA ALA A 284 4.76 -1.38 -26.19
C ALA A 284 6.12 -0.80 -26.58
N GLY A 285 6.76 -1.34 -27.61
CA GLY A 285 8.02 -0.80 -28.10
C GLY A 285 9.20 -0.97 -27.17
N VAL A 286 9.14 -1.95 -26.27
CA VAL A 286 10.29 -2.28 -25.44
C VAL A 286 11.18 -3.24 -26.22
N GLU A 287 12.49 -2.94 -26.25
CA GLU A 287 13.44 -3.81 -26.95
C GLU A 287 14.08 -4.85 -26.05
N LYS A 288 14.32 -4.53 -24.77
CA LYS A 288 14.77 -5.49 -23.78
C LYS A 288 14.03 -5.26 -22.46
N ALA A 289 13.72 -6.37 -21.78
CA ALA A 289 12.98 -6.30 -20.54
C ALA A 289 13.72 -5.50 -19.47
N THR A 290 15.04 -5.54 -19.49
CA THR A 290 15.86 -4.84 -18.51
C THR A 290 15.83 -3.34 -18.70
N GLU A 291 15.26 -2.85 -19.81
CA GLU A 291 15.07 -1.43 -20.06
C GLU A 291 13.62 -1.00 -19.87
N ASP A 292 12.72 -1.92 -19.60
CA ASP A 292 11.32 -1.57 -19.42
C ASP A 292 11.10 -0.67 -18.21
N PRO A 293 10.34 0.42 -18.33
CA PRO A 293 10.22 1.35 -17.19
C PRO A 293 9.53 0.75 -15.99
N TYR A 294 8.61 -0.19 -16.20
CA TYR A 294 7.88 -0.77 -15.08
C TYR A 294 8.65 -1.93 -14.45
N VAL A 295 9.40 -2.71 -15.23
CA VAL A 295 10.35 -3.68 -14.65
C VAL A 295 11.35 -2.95 -13.77
N LEU A 296 11.89 -1.84 -14.28
CA LEU A 296 12.87 -1.10 -13.52
C LEU A 296 12.27 -0.52 -12.23
N ALA A 297 11.03 -0.02 -12.29
CA ALA A 297 10.37 0.50 -11.09
C ALA A 297 10.14 -0.59 -10.03
N ILE A 298 9.79 -1.79 -10.46
CA ILE A 298 9.58 -2.87 -9.50
C ILE A 298 10.88 -3.20 -8.80
N TYR A 299 11.97 -3.36 -9.55
CA TYR A 299 13.25 -3.63 -8.92
C TYR A 299 13.72 -2.45 -8.07
N GLY A 300 13.48 -1.23 -8.53
CA GLY A 300 13.90 -0.08 -7.76
C GLY A 300 13.16 0.07 -6.45
N GLU A 301 11.85 -0.14 -6.48
CA GLU A 301 11.04 0.01 -5.28
C GLU A 301 11.48 -0.99 -4.20
N PHE A 302 11.66 -2.25 -4.60
CA PHE A 302 12.01 -3.25 -3.61
C PHE A 302 13.49 -3.16 -3.22
N ALA A 303 14.40 -2.91 -4.16
CA ALA A 303 15.79 -2.81 -3.77
C ALA A 303 16.03 -1.62 -2.84
N ALA A 304 15.30 -0.52 -3.08
CA ALA A 304 15.46 0.66 -2.22
C ALA A 304 15.02 0.37 -0.78
N GLN A 305 13.83 -0.22 -0.60
CA GLN A 305 13.39 -0.60 0.74
C GLN A 305 14.37 -1.58 1.38
N LEU A 306 14.88 -2.54 0.59
CA LEU A 306 15.88 -3.49 1.11
C LEU A 306 17.16 -2.78 1.56
N GLN A 307 17.65 -1.80 0.78
CA GLN A 307 18.85 -1.09 1.20
C GLN A 307 18.66 -0.40 2.56
N VAL A 308 17.52 0.25 2.75
CA VAL A 308 17.26 0.95 4.01
C VAL A 308 17.11 -0.06 5.15
N ALA A 309 16.36 -1.13 4.91
CA ALA A 309 16.14 -2.10 5.97
C ALA A 309 17.44 -2.78 6.39
N GLU A 310 18.29 -3.12 5.43
CA GLU A 310 19.56 -3.75 5.75
C GLU A 310 20.49 -2.78 6.50
N ALA A 311 20.51 -1.51 6.09
CA ALA A 311 21.34 -0.54 6.80
C ALA A 311 20.83 -0.37 8.21
N GLY A 312 19.51 -0.36 8.38
CA GLY A 312 18.98 -0.22 9.71
C GLY A 312 19.26 -1.43 10.55
N ALA A 313 19.26 -2.61 9.94
CA ALA A 313 19.46 -3.85 10.69
C ALA A 313 20.91 -3.96 11.15
N ARG A 314 21.84 -3.53 10.30
CA ARG A 314 23.24 -3.42 10.74
C ARG A 314 23.38 -2.54 11.99
N GLU A 315 22.75 -1.35 12.01
N GLU A 315 22.72 -1.38 12.01
CA GLU A 315 22.86 -0.50 13.19
CA GLU A 315 22.86 -0.48 13.15
C GLU A 315 22.37 -1.21 14.44
C GLU A 315 22.29 -1.10 14.44
N VAL A 316 21.20 -1.86 14.35
CA VAL A 316 20.60 -2.50 15.52
C VAL A 316 21.42 -3.70 15.96
N ALA A 317 22.04 -4.38 15.02
CA ALA A 317 22.95 -5.46 15.35
C ALA A 317 24.11 -4.95 16.19
N LEU A 318 24.62 -3.75 15.88
CA LEU A 318 25.72 -3.19 16.65
C LEU A 318 25.29 -2.82 18.05
N ARG A 319 24.03 -2.40 18.20
CA ARG A 319 23.50 -2.13 19.54
C ARG A 319 23.33 -3.40 20.34
N VAL A 320 22.92 -4.49 19.70
CA VAL A 320 22.88 -5.77 20.40
C VAL A 320 24.26 -6.09 20.96
N GLN A 321 25.30 -5.92 20.14
CA GLN A 321 26.65 -6.25 20.61
C GLN A 321 27.04 -5.35 21.79
N GLU A 322 26.80 -4.05 21.66
CA GLU A 322 27.13 -3.10 22.72
C GLU A 322 26.48 -3.50 24.05
N LEU A 323 25.18 -3.81 24.03
CA LEU A 323 24.53 -4.21 25.28
C LEU A 323 24.96 -5.60 25.73
N TRP A 324 25.19 -6.50 24.78
CA TRP A 324 25.67 -7.83 25.13
C TRP A 324 26.96 -7.77 25.97
N GLU A 325 27.80 -6.77 25.73
CA GLU A 325 29.06 -6.63 26.46
C GLU A 325 28.93 -5.87 27.77
N ARG A 326 27.77 -5.27 28.07
CA ARG A 326 27.60 -4.53 29.32
C ARG A 326 27.35 -5.50 30.46
N ASN A 327 27.80 -5.15 31.67
CA ASN A 327 27.48 -6.03 32.78
CA ASN A 327 27.49 -6.01 32.81
C ASN A 327 26.02 -5.91 33.17
N HIS A 328 25.44 -4.72 33.03
CA HIS A 328 24.04 -4.48 33.35
C HIS A 328 23.38 -3.73 32.21
N VAL A 329 22.14 -4.09 31.92
CA VAL A 329 21.31 -3.38 30.96
C VAL A 329 20.07 -2.86 31.67
N THR A 330 19.80 -1.58 31.53
CA THR A 330 18.64 -1.00 32.21
C THR A 330 17.36 -1.37 31.48
N PRO A 331 16.22 -1.33 32.18
CA PRO A 331 14.94 -1.59 31.51
C PRO A 331 14.71 -0.68 30.34
N GLU A 332 15.21 0.56 30.41
CA GLU A 332 15.08 1.48 29.31
C GLU A 332 15.97 1.12 28.13
N GLN A 333 17.20 0.66 28.41
CA GLN A 333 18.07 0.22 27.32
C GLN A 333 17.49 -1.01 26.63
N ARG A 334 16.96 -1.95 27.40
CA ARG A 334 16.42 -3.17 26.82
C ARG A 334 15.12 -2.89 26.06
N GLY A 335 14.30 -2.01 26.64
CA GLY A 335 13.04 -1.67 26.01
C GLY A 335 13.22 -0.96 24.69
N GLN A 336 14.18 -0.03 24.65
CA GLN A 336 14.49 0.67 23.41
C GLN A 336 15.02 -0.30 22.37
N LEU A 337 15.91 -1.21 22.76
CA LEU A 337 16.38 -2.20 21.80
C LEU A 337 15.21 -3.04 21.28
N MET A 338 14.34 -3.50 22.18
CA MET A 338 13.22 -4.34 21.74
C MET A 338 12.33 -3.56 20.77
N VAL A 339 12.14 -2.26 21.02
CA VAL A 339 11.39 -1.43 20.08
C VAL A 339 12.08 -1.37 18.73
N GLN A 340 13.40 -1.13 18.73
CA GLN A 340 14.13 -1.12 17.46
C GLN A 340 14.07 -2.46 16.75
N VAL A 341 14.17 -3.54 17.49
CA VAL A 341 14.13 -4.86 16.89
C VAL A 341 12.75 -5.15 16.32
N ALA A 342 11.71 -4.87 17.08
CA ALA A 342 10.37 -5.12 16.58
C ALA A 342 10.09 -4.29 15.33
N SER A 343 10.58 -3.04 15.31
CA SER A 343 10.34 -2.19 14.15
C SER A 343 11.01 -2.78 12.94
N ALA A 344 12.23 -3.28 13.12
CA ALA A 344 12.95 -3.94 12.01
C ALA A 344 12.18 -5.16 11.52
N LYS A 345 11.71 -5.99 12.46
CA LYS A 345 10.99 -7.19 12.05
C LYS A 345 9.71 -6.85 11.29
N ILE A 346 8.99 -5.82 11.74
CA ILE A 346 7.77 -5.37 11.06
C ILE A 346 8.08 -5.00 9.61
N VAL A 347 9.03 -4.07 9.41
CA VAL A 347 9.39 -3.66 8.08
C VAL A 347 9.87 -4.86 7.25
N ALA A 348 10.67 -5.75 7.83
CA ALA A 348 11.21 -6.87 7.06
C ALA A 348 10.11 -7.87 6.71
N THR A 349 9.12 -8.04 7.60
CA THR A 349 7.99 -8.91 7.30
C THR A 349 7.21 -8.37 6.11
N ARG A 350 6.85 -7.09 6.13
CA ARG A 350 6.06 -6.55 5.03
C ARG A 350 6.85 -6.59 3.74
N LEU A 351 8.12 -6.21 3.82
CA LEU A 351 8.95 -6.19 2.64
C LEU A 351 9.06 -7.58 2.00
N VAL A 352 9.34 -8.62 2.81
CA VAL A 352 9.63 -9.91 2.20
C VAL A 352 8.35 -10.56 1.66
N ILE A 353 7.24 -10.39 2.36
CA ILE A 353 5.98 -10.95 1.89
C ILE A 353 5.55 -10.29 0.59
N GLU A 354 5.73 -8.99 0.45
CA GLU A 354 5.32 -8.32 -0.77
C GLU A 354 6.27 -8.66 -1.93
N LEU A 355 7.58 -8.57 -1.68
CA LEU A 355 8.60 -8.75 -2.71
C LEU A 355 8.56 -10.14 -3.34
N THR A 356 8.47 -11.18 -2.53
CA THR A 356 8.52 -12.53 -3.05
C THR A 356 7.30 -12.88 -3.89
N SER A 357 6.18 -12.19 -3.70
CA SER A 357 5.02 -12.35 -4.56
C SER A 357 5.10 -11.44 -5.80
N ARG A 358 5.40 -10.15 -5.61
CA ARG A 358 5.27 -9.20 -6.71
C ARG A 358 6.40 -9.28 -7.73
N LEU A 359 7.54 -9.89 -7.39
CA LEU A 359 8.62 -9.91 -8.39
C LEU A 359 8.29 -10.78 -9.57
N TYR A 360 7.31 -11.68 -9.47
CA TYR A 360 6.86 -12.38 -10.66
C TYR A 360 6.45 -11.40 -11.75
N GLU A 361 5.88 -10.27 -11.36
CA GLU A 361 5.43 -9.28 -12.34
C GLU A 361 6.59 -8.73 -13.14
N ALA A 362 7.80 -8.65 -12.56
CA ALA A 362 8.97 -8.22 -13.32
C ALA A 362 9.56 -9.33 -14.18
N MET A 363 9.24 -10.61 -13.90
CA MET A 363 9.85 -11.72 -14.62
C MET A 363 8.97 -12.22 -15.77
N GLY A 364 7.67 -12.30 -15.56
CA GLY A 364 6.73 -12.72 -16.59
C GLY A 364 6.21 -14.13 -16.40
N ALA A 365 5.30 -14.50 -17.32
CA ALA A 365 4.48 -15.71 -17.17
C ALA A 365 5.33 -16.98 -17.12
N ARG A 366 6.39 -17.03 -17.92
CA ARG A 366 7.19 -18.24 -17.98
C ARG A 366 7.85 -18.58 -16.65
N ALA A 367 8.07 -17.58 -15.80
CA ALA A 367 8.61 -17.87 -14.48
C ALA A 367 7.65 -18.69 -13.64
N ALA A 368 6.33 -18.59 -13.91
CA ALA A 368 5.38 -19.43 -13.20
C ALA A 368 4.93 -20.64 -14.01
N ALA A 369 5.02 -20.58 -15.34
CA ALA A 369 4.56 -21.68 -16.19
C ALA A 369 5.39 -22.95 -15.99
N SER A 370 6.66 -22.80 -15.61
CA SER A 370 7.52 -23.94 -15.27
C SER A 370 7.65 -24.02 -13.75
N ARG A 371 6.91 -24.92 -13.13
CA ARG A 371 7.01 -25.10 -11.69
C ARG A 371 8.45 -25.30 -11.24
N GLN A 372 9.25 -25.98 -12.07
CA GLN A 372 10.60 -26.38 -11.67
C GLN A 372 11.54 -25.20 -11.51
N PHE A 373 11.20 -24.04 -12.08
CA PHE A 373 12.02 -22.87 -11.81
C PHE A 373 12.09 -22.60 -10.31
N GLY A 374 10.99 -22.85 -9.61
CA GLY A 374 11.05 -22.95 -8.17
C GLY A 374 11.13 -21.63 -7.43
N PHE A 375 10.78 -20.53 -8.09
CA PHE A 375 10.91 -19.24 -7.45
C PHE A 375 9.94 -19.06 -6.29
N ASP A 376 8.83 -19.79 -6.31
CA ASP A 376 7.82 -19.71 -5.25
C ASP A 376 8.36 -20.16 -3.89
N ARG A 377 9.49 -20.89 -3.85
CA ARG A 377 10.13 -21.24 -2.58
C ARG A 377 10.35 -20.00 -1.68
N PHE A 378 10.75 -18.86 -2.25
CA PHE A 378 10.98 -17.68 -1.43
C PHE A 378 9.72 -17.22 -0.71
N TRP A 379 8.61 -17.12 -1.46
CA TRP A 379 7.36 -16.73 -0.84
C TRP A 379 6.90 -17.79 0.15
N ARG A 380 7.00 -19.07 -0.20
CA ARG A 380 6.53 -20.10 0.72
C ARG A 380 7.30 -20.07 2.03
N ASP A 381 8.64 -19.95 1.96
CA ASP A 381 9.48 -19.89 3.16
C ASP A 381 9.12 -18.67 4.01
N ALA A 382 9.08 -17.49 3.39
CA ALA A 382 8.77 -16.26 4.12
C ALA A 382 7.33 -16.27 4.65
N ARG A 383 6.39 -16.79 3.87
CA ARG A 383 5.00 -16.77 4.29
C ARG A 383 4.79 -17.70 5.47
N THR A 384 5.56 -18.79 5.53
CA THR A 384 5.48 -19.70 6.67
C THR A 384 6.10 -19.06 7.90
N HIS A 385 7.33 -18.57 7.79
CA HIS A 385 8.06 -18.19 8.98
C HIS A 385 7.52 -16.90 9.61
N THR A 386 7.09 -15.94 8.77
CA THR A 386 6.61 -14.64 9.25
C THR A 386 5.40 -14.76 10.14
N LEU A 387 4.76 -15.92 10.21
CA LEU A 387 3.66 -16.19 11.11
C LEU A 387 4.12 -16.70 12.48
N HIS A 388 5.43 -16.82 12.69
CA HIS A 388 5.97 -17.34 13.95
C HIS A 388 5.30 -16.68 15.14
N ASP A 389 5.24 -15.35 15.12
CA ASP A 389 4.34 -14.64 16.00
C ASP A 389 3.71 -13.50 15.21
N PRO A 390 2.49 -13.13 15.57
CA PRO A 390 1.72 -12.22 14.71
C PRO A 390 2.32 -10.82 14.64
N VAL A 391 2.58 -10.37 13.41
CA VAL A 391 3.14 -9.04 13.23
C VAL A 391 2.16 -7.96 13.69
N ALA A 392 0.85 -8.27 13.70
CA ALA A 392 -0.12 -7.29 14.16
C ALA A 392 0.17 -6.88 15.60
N TYR A 393 0.63 -7.82 16.43
CA TYR A 393 0.93 -7.50 17.82
C TYR A 393 2.33 -6.92 18.01
N LYS A 394 3.28 -7.21 17.13
CA LYS A 394 4.50 -6.42 17.14
C LYS A 394 4.19 -4.96 16.81
N ILE A 395 3.27 -4.72 15.86
CA ILE A 395 2.87 -3.36 15.51
C ILE A 395 2.20 -2.70 16.72
N ARG A 396 1.31 -3.43 17.39
CA ARG A 396 0.67 -2.90 18.60
C ARG A 396 1.69 -2.53 19.67
N GLU A 397 2.71 -3.37 19.88
CA GLU A 397 3.73 -3.05 20.88
C GLU A 397 4.45 -1.78 20.53
N VAL A 398 4.76 -1.55 19.25
CA VAL A 398 5.49 -0.34 18.88
C VAL A 398 4.58 0.87 19.02
N GLY A 399 3.29 0.70 18.72
CA GLY A 399 2.32 1.78 18.87
C GLY A 399 2.08 2.12 20.33
N ASN A 400 2.01 1.11 21.17
CA ASN A 400 1.84 1.33 22.62
C ASN A 400 3.05 2.05 23.18
N TRP A 401 4.24 1.70 22.71
CA TRP A 401 5.44 2.43 23.07
C TRP A 401 5.39 3.88 22.60
N PHE A 402 5.14 4.11 21.31
CA PHE A 402 5.21 5.48 20.82
C PHE A 402 4.11 6.34 21.43
N LEU A 403 2.89 5.83 21.49
CA LEU A 403 1.76 6.66 21.92
C LEU A 403 1.68 6.76 23.44
N ASN A 404 1.91 5.65 24.14
CA ASN A 404 1.69 5.60 25.58
C ASN A 404 2.97 5.50 26.40
N HIS A 405 4.15 5.57 25.76
CA HIS A 405 5.44 5.48 26.44
C HIS A 405 5.59 4.19 27.24
N ARG A 406 4.96 3.11 26.80
CA ARG A 406 5.08 1.84 27.49
C ARG A 406 5.95 0.89 26.66
N PHE A 407 7.07 0.50 27.25
CA PHE A 407 7.92 -0.52 26.66
C PHE A 407 7.22 -1.87 26.70
N PRO A 408 7.55 -2.75 25.76
CA PRO A 408 6.93 -4.08 25.77
C PRO A 408 7.32 -4.81 27.04
N THR A 409 6.42 -5.69 27.47
CA THR A 409 6.64 -6.49 28.66
C THR A 409 7.56 -7.66 28.33
N PRO A 410 8.73 -7.79 28.98
CA PRO A 410 9.64 -8.88 28.58
C PRO A 410 8.97 -10.23 28.72
N SER A 411 9.11 -11.04 27.69
CA SER A 411 8.58 -12.39 27.69
C SER A 411 9.37 -13.19 26.65
N PHE A 412 8.93 -14.41 26.37
CA PHE A 412 9.52 -15.15 25.26
C PHE A 412 9.17 -14.54 23.92
N TYR A 413 8.17 -13.67 23.87
CA TYR A 413 7.72 -13.10 22.62
C TYR A 413 7.96 -11.61 22.50
N SER A 414 8.19 -10.91 23.60
CA SER A 414 8.40 -9.45 23.56
C SER A 414 9.42 -8.97 24.60
N HIS B 15 -32.49 -18.28 -13.60
CA HIS B 15 -31.38 -18.56 -12.67
C HIS B 15 -30.90 -20.01 -12.73
N ARG B 16 -31.47 -20.81 -13.63
CA ARG B 16 -31.15 -22.23 -13.63
C ARG B 16 -29.69 -22.47 -14.02
N ALA B 17 -29.21 -21.80 -15.07
CA ALA B 17 -27.81 -21.97 -15.49
C ALA B 17 -26.88 -21.75 -14.31
N LEU B 18 -27.11 -20.69 -13.54
CA LEU B 18 -26.23 -20.38 -12.42
C LEU B 18 -26.32 -21.43 -11.32
N ASP B 19 -27.51 -22.01 -11.10
CA ASP B 19 -27.63 -23.12 -10.16
C ASP B 19 -26.82 -24.32 -10.61
N VAL B 20 -26.89 -24.63 -11.91
CA VAL B 20 -26.11 -25.73 -12.46
C VAL B 20 -24.61 -25.47 -12.25
N ALA B 21 -24.18 -24.24 -12.48
CA ALA B 21 -22.76 -23.93 -12.27
C ALA B 21 -22.42 -24.03 -10.79
N THR B 22 -23.33 -23.60 -9.94
CA THR B 22 -23.06 -23.69 -8.52
C THR B 22 -22.89 -25.14 -8.11
N GLU B 23 -23.73 -26.04 -8.62
CA GLU B 23 -23.64 -27.46 -8.25
C GLU B 23 -22.39 -28.09 -8.82
N LEU B 24 -22.02 -27.73 -10.06
CA LEU B 24 -20.73 -28.18 -10.59
C LEU B 24 -19.59 -27.73 -9.68
N ALA B 25 -19.57 -26.46 -9.31
CA ALA B 25 -18.49 -25.98 -8.44
C ALA B 25 -18.45 -26.75 -7.13
N LYS B 26 -19.61 -27.05 -6.54
CA LYS B 26 -19.61 -27.79 -5.28
C LYS B 26 -18.93 -29.14 -5.41
N THR B 27 -19.20 -29.86 -6.50
CA THR B 27 -18.53 -31.16 -6.66
C THR B 27 -17.05 -30.97 -6.93
N PHE B 28 -16.65 -29.91 -7.63
CA PHE B 28 -15.24 -29.70 -7.93
C PHE B 28 -14.43 -29.42 -6.65
N ARG B 29 -15.03 -28.70 -5.67
CA ARG B 29 -14.29 -28.39 -4.44
C ARG B 29 -13.92 -29.64 -3.65
N VAL B 30 -14.69 -30.71 -3.78
CA VAL B 30 -14.43 -31.93 -3.01
C VAL B 30 -13.06 -32.50 -3.36
N THR B 31 -12.69 -32.44 -4.63
CA THR B 31 -11.51 -33.15 -5.12
C THR B 31 -10.38 -32.26 -5.65
N VAL B 32 -10.50 -30.93 -5.62
CA VAL B 32 -9.52 -30.09 -6.32
C VAL B 32 -8.14 -30.22 -5.68
N ARG B 33 -8.09 -30.33 -4.35
CA ARG B 33 -6.79 -30.39 -3.68
C ARG B 33 -5.95 -31.56 -4.17
N GLU B 34 -6.55 -32.75 -4.30
CA GLU B 34 -5.79 -33.90 -4.79
C GLU B 34 -5.55 -33.85 -6.30
N ARG B 35 -6.55 -33.45 -7.07
CA ARG B 35 -6.37 -33.39 -8.52
C ARG B 35 -5.30 -32.39 -8.93
N GLU B 36 -5.32 -31.19 -8.35
CA GLU B 36 -4.42 -30.17 -8.89
C GLU B 36 -2.96 -30.51 -8.62
N ARG B 37 -2.68 -31.20 -7.51
CA ARG B 37 -1.33 -31.70 -7.25
C ARG B 37 -0.83 -32.56 -8.40
N ALA B 38 -1.67 -33.50 -8.85
CA ALA B 38 -1.26 -34.39 -9.94
C ALA B 38 -1.08 -33.66 -11.25
N GLY B 39 -1.79 -32.54 -11.48
CA GLY B 39 -1.69 -31.90 -12.77
C GLY B 39 -2.40 -32.73 -13.83
N GLY B 40 -1.98 -32.56 -15.08
CA GLY B 40 -2.64 -33.38 -16.10
C GLY B 40 -4.07 -32.94 -16.41
N THR B 41 -4.83 -33.85 -17.01
CA THR B 41 -6.11 -33.51 -17.66
C THR B 41 -7.28 -33.90 -16.77
N PRO B 42 -8.13 -32.95 -16.35
CA PRO B 42 -9.27 -33.30 -15.47
C PRO B 42 -10.46 -33.79 -16.28
N LYS B 43 -10.30 -34.99 -16.87
CA LYS B 43 -11.25 -35.52 -17.84
C LYS B 43 -12.64 -35.67 -17.25
N ALA B 44 -12.74 -36.22 -16.04
CA ALA B 44 -14.06 -36.47 -15.47
C ALA B 44 -14.81 -35.16 -15.24
N GLU B 45 -14.08 -34.12 -14.83
CA GLU B 45 -14.68 -32.82 -14.57
C GLU B 45 -15.07 -32.13 -15.87
N ARG B 46 -14.22 -32.23 -16.89
CA ARG B 46 -14.61 -31.73 -18.21
C ARG B 46 -15.87 -32.42 -18.74
N ASP B 47 -16.01 -33.73 -18.50
CA ASP B 47 -17.21 -34.44 -18.97
C ASP B 47 -18.43 -34.03 -18.17
N ALA B 48 -18.26 -33.75 -16.87
CA ALA B 48 -19.37 -33.19 -16.10
C ALA B 48 -19.80 -31.83 -16.68
N ILE B 49 -18.84 -31.00 -17.09
CA ILE B 49 -19.23 -29.76 -17.75
C ILE B 49 -19.97 -30.05 -19.05
N ARG B 50 -19.46 -30.97 -19.86
CA ARG B 50 -20.15 -31.37 -21.09
C ARG B 50 -21.60 -31.77 -20.80
N ARG B 51 -21.83 -32.59 -19.76
CA ARG B 51 -23.18 -33.06 -19.46
C ARG B 51 -24.08 -31.95 -18.95
N SER B 52 -23.50 -30.88 -18.41
CA SER B 52 -24.31 -29.82 -17.80
C SER B 52 -25.04 -29.01 -18.84
N GLY B 53 -24.60 -29.04 -20.08
CA GLY B 53 -25.10 -28.14 -21.09
C GLY B 53 -24.51 -26.74 -21.09
N LEU B 54 -23.76 -26.35 -20.06
CA LEU B 54 -23.34 -24.95 -19.97
C LEU B 54 -22.35 -24.55 -21.06
N LEU B 55 -21.69 -25.49 -21.73
CA LEU B 55 -20.82 -25.07 -22.83
C LEU B 55 -21.62 -24.40 -23.94
N THR B 56 -22.93 -24.57 -23.95
CA THR B 56 -23.77 -24.01 -25.01
C THR B 56 -24.48 -22.71 -24.60
N LEU B 57 -24.09 -22.11 -23.45
CA LEU B 57 -24.75 -20.91 -22.92
C LEU B 57 -24.98 -19.83 -23.96
N LEU B 58 -23.99 -19.58 -24.82
CA LEU B 58 -24.10 -18.45 -25.74
C LEU B 58 -24.62 -18.85 -27.11
N ILE B 59 -24.80 -20.15 -27.36
CA ILE B 59 -25.44 -20.54 -28.62
C ILE B 59 -26.93 -20.24 -28.50
N SER B 60 -27.49 -19.68 -29.56
CA SER B 60 -28.90 -19.30 -29.54
C SER B 60 -29.80 -20.53 -29.39
N LYS B 61 -30.99 -20.29 -28.86
CA LYS B 61 -31.94 -21.40 -28.73
C LYS B 61 -32.29 -21.97 -30.09
N GLU B 62 -32.38 -21.11 -31.11
CA GLU B 62 -32.61 -21.55 -32.49
C GLU B 62 -31.61 -22.61 -32.95
N ARG B 63 -30.34 -22.48 -32.57
CA ARG B 63 -29.33 -23.47 -32.95
C ARG B 63 -29.13 -24.55 -31.91
N GLY B 64 -30.00 -24.61 -30.91
CA GLY B 64 -30.00 -25.68 -29.95
C GLY B 64 -29.30 -25.37 -28.63
N GLY B 65 -28.86 -24.13 -28.43
CA GLY B 65 -28.14 -23.75 -27.23
C GLY B 65 -29.08 -23.18 -26.19
N LEU B 66 -28.49 -22.54 -25.18
CA LEU B 66 -29.28 -22.06 -24.07
C LEU B 66 -29.73 -20.62 -24.24
N GLY B 67 -29.19 -19.90 -25.21
CA GLY B 67 -29.64 -18.54 -25.48
C GLY B 67 -29.42 -17.59 -24.33
N GLU B 68 -28.38 -17.80 -23.53
CA GLU B 68 -28.09 -16.97 -22.37
C GLU B 68 -27.15 -15.83 -22.72
N SER B 69 -26.84 -15.00 -21.71
CA SER B 69 -26.12 -13.74 -21.90
C SER B 69 -24.70 -13.79 -21.31
N TRP B 70 -23.87 -12.85 -21.74
CA TRP B 70 -22.52 -12.75 -21.15
C TRP B 70 -22.53 -12.55 -19.64
N PRO B 71 -23.42 -11.74 -19.05
CA PRO B 71 -23.49 -11.69 -17.57
C PRO B 71 -23.63 -13.05 -16.92
N THR B 72 -24.49 -13.93 -17.45
CA THR B 72 -24.61 -15.28 -16.91
C THR B 72 -23.30 -16.04 -17.06
N VAL B 73 -22.68 -15.96 -18.23
CA VAL B 73 -21.42 -16.65 -18.49
C VAL B 73 -20.36 -16.19 -17.50
N TYR B 74 -20.20 -14.88 -17.36
CA TYR B 74 -19.17 -14.35 -16.46
C TYR B 74 -19.39 -14.80 -15.02
N GLU B 75 -20.63 -14.73 -14.55
CA GLU B 75 -20.92 -15.18 -13.20
C GLU B 75 -20.66 -16.67 -13.05
N ALA B 76 -21.02 -17.47 -14.06
CA ALA B 76 -20.74 -18.89 -14.01
C ALA B 76 -19.23 -19.17 -13.96
N ILE B 77 -18.44 -18.42 -14.75
CA ILE B 77 -16.97 -18.57 -14.74
C ILE B 77 -16.40 -18.30 -13.35
N ALA B 78 -16.82 -17.19 -12.73
CA ALA B 78 -16.33 -16.83 -11.42
C ALA B 78 -16.74 -17.86 -10.37
N GLU B 79 -17.96 -18.43 -10.50
CA GLU B 79 -18.39 -19.42 -9.52
C GLU B 79 -17.54 -20.68 -9.64
N ILE B 80 -17.35 -21.17 -10.86
CA ILE B 80 -16.55 -22.39 -11.03
C ILE B 80 -15.11 -22.12 -10.61
N ALA B 81 -14.55 -20.96 -11.02
CA ALA B 81 -13.17 -20.60 -10.65
C ALA B 81 -12.97 -20.57 -9.13
N SER B 82 -13.97 -20.10 -8.39
CA SER B 82 -13.84 -20.05 -6.94
C SER B 82 -13.68 -21.44 -6.33
N ALA B 83 -14.13 -22.49 -7.03
CA ALA B 83 -13.98 -23.86 -6.57
C ALA B 83 -12.71 -24.55 -7.10
N ASP B 84 -12.41 -24.35 -8.38
CA ASP B 84 -11.27 -24.97 -9.03
C ASP B 84 -10.85 -24.01 -10.12
N ALA B 85 -9.71 -23.32 -9.93
CA ALA B 85 -9.32 -22.27 -10.88
C ALA B 85 -8.97 -22.85 -12.24
N SER B 86 -8.43 -24.07 -12.31
CA SER B 86 -8.15 -24.67 -13.61
C SER B 86 -9.43 -24.93 -14.37
N LEU B 87 -10.45 -25.50 -13.72
CA LEU B 87 -11.71 -25.72 -14.42
C LEU B 87 -12.39 -24.39 -14.75
N GLY B 88 -12.21 -23.39 -13.89
CA GLY B 88 -12.74 -22.07 -14.21
C GLY B 88 -12.08 -21.50 -15.45
N HIS B 89 -10.76 -21.66 -15.55
CA HIS B 89 -10.01 -21.19 -16.71
C HIS B 89 -10.42 -21.95 -17.98
N LEU B 90 -10.43 -23.28 -17.93
CA LEU B 90 -10.83 -24.06 -19.11
C LEU B 90 -12.23 -23.65 -19.60
N PHE B 91 -13.18 -23.56 -18.66
CA PHE B 91 -14.54 -23.12 -18.98
C PHE B 91 -14.54 -21.73 -19.57
N GLY B 92 -13.84 -20.79 -18.93
CA GLY B 92 -13.78 -19.42 -19.46
C GLY B 92 -13.18 -19.33 -20.85
N TYR B 93 -12.05 -20.01 -21.07
CA TYR B 93 -11.38 -19.97 -22.36
C TYR B 93 -12.23 -20.57 -23.46
N HIS B 94 -12.99 -21.62 -23.15
CA HIS B 94 -13.96 -22.14 -24.10
C HIS B 94 -14.79 -21.01 -24.69
N PHE B 95 -15.28 -20.09 -23.83
CA PHE B 95 -16.08 -18.98 -24.30
C PHE B 95 -15.25 -17.89 -25.01
N SER B 96 -13.99 -17.68 -24.61
CA SER B 96 -13.11 -16.87 -25.45
C SER B 96 -13.00 -17.47 -26.85
N ASN B 97 -12.78 -18.78 -26.95
CA ASN B 97 -12.65 -19.43 -28.24
C ASN B 97 -13.94 -19.31 -29.04
N PHE B 98 -15.05 -19.59 -28.36
CA PHE B 98 -16.38 -19.44 -28.97
C PHE B 98 -16.61 -18.02 -29.45
N ALA B 99 -16.26 -17.03 -28.62
CA ALA B 99 -16.45 -15.65 -29.04
C ALA B 99 -15.70 -15.37 -30.32
N TYR B 100 -14.46 -15.86 -30.45
CA TYR B 100 -13.69 -15.64 -31.67
C TYR B 100 -14.42 -16.24 -32.88
N VAL B 101 -14.89 -17.49 -32.74
CA VAL B 101 -15.64 -18.15 -33.82
C VAL B 101 -16.87 -17.33 -34.19
N ASP B 102 -17.63 -16.92 -33.19
CA ASP B 102 -18.86 -16.19 -33.46
C ASP B 102 -18.60 -14.89 -34.20
N LEU B 103 -17.49 -14.22 -33.87
CA LEU B 103 -17.23 -12.91 -34.40
C LEU B 103 -16.64 -12.95 -35.80
N PHE B 104 -16.09 -14.08 -36.22
CA PHE B 104 -15.45 -14.19 -37.52
C PHE B 104 -16.06 -15.24 -38.45
N ALA B 105 -16.85 -16.18 -37.92
CA ALA B 105 -17.42 -17.22 -38.76
C ALA B 105 -18.56 -16.70 -39.62
N SER B 106 -18.76 -17.33 -40.78
CA SER B 106 -19.90 -16.99 -41.62
C SER B 106 -21.18 -17.56 -41.02
N PRO B 107 -22.33 -16.98 -41.36
CA PRO B 107 -23.61 -17.57 -40.93
C PRO B 107 -23.78 -19.00 -41.39
N GLU B 108 -23.27 -19.31 -42.57
CA GLU B 108 -23.33 -20.70 -43.04
C GLU B 108 -22.51 -21.61 -42.13
N GLN B 109 -21.30 -21.17 -41.76
CA GLN B 109 -20.44 -21.94 -40.85
C GLN B 109 -21.11 -22.17 -39.52
N LYS B 110 -21.77 -21.14 -38.96
CA LYS B 110 -22.43 -21.28 -37.66
C LYS B 110 -23.62 -22.20 -37.74
N ALA B 111 -24.36 -22.16 -38.85
CA ALA B 111 -25.53 -23.03 -38.99
C ALA B 111 -25.13 -24.49 -38.96
N ARG B 112 -23.93 -24.81 -39.42
CA ARG B 112 -23.41 -26.17 -39.29
C ARG B 112 -22.75 -26.41 -37.93
N TRP B 113 -21.85 -25.51 -37.54
CA TRP B 113 -21.00 -25.79 -36.38
C TRP B 113 -21.79 -25.79 -35.09
N TYR B 114 -22.71 -24.84 -34.91
CA TYR B 114 -23.26 -24.67 -33.55
C TYR B 114 -24.20 -25.81 -33.17
N PRO B 115 -25.08 -26.26 -34.07
CA PRO B 115 -25.83 -27.48 -33.74
C PRO B 115 -24.95 -28.68 -33.53
N GLN B 116 -23.84 -28.77 -34.25
CA GLN B 116 -22.89 -29.86 -34.01
C GLN B 116 -22.25 -29.73 -32.64
N ALA B 117 -21.84 -28.52 -32.27
CA ALA B 117 -21.31 -28.27 -30.93
C ALA B 117 -22.30 -28.68 -29.84
N VAL B 118 -23.60 -28.45 -30.05
CA VAL B 118 -24.59 -28.85 -29.06
C VAL B 118 -24.68 -30.37 -28.98
N ARG B 119 -24.91 -31.02 -30.12
CA ARG B 119 -25.13 -32.47 -30.15
C ARG B 119 -23.94 -33.25 -29.65
N GLU B 120 -22.73 -32.85 -30.04
CA GLU B 120 -21.50 -33.55 -29.67
C GLU B 120 -20.88 -33.02 -28.39
N ARG B 121 -21.49 -32.00 -27.76
CA ARG B 121 -21.04 -31.46 -26.46
C ARG B 121 -19.58 -31.00 -26.53
N TRP B 122 -19.32 -30.10 -27.48
CA TRP B 122 -17.98 -29.64 -27.74
C TRP B 122 -17.44 -28.77 -26.62
N PHE B 123 -16.22 -29.10 -26.17
CA PHE B 123 -15.41 -28.29 -25.26
C PHE B 123 -14.22 -27.78 -26.08
N LEU B 124 -14.19 -26.48 -26.35
CA LEU B 124 -13.20 -25.92 -27.26
C LEU B 124 -11.86 -25.68 -26.57
N GLY B 125 -10.78 -25.86 -27.33
CA GLY B 125 -9.44 -25.50 -26.90
C GLY B 125 -8.77 -24.53 -27.86
N ASN B 126 -7.55 -24.14 -27.48
CA ASN B 126 -6.86 -23.01 -28.07
C ASN B 126 -5.44 -23.41 -28.42
N ALA B 127 -4.96 -23.04 -29.62
CA ALA B 127 -3.53 -23.16 -29.97
C ALA B 127 -3.18 -21.93 -30.80
N SER B 128 -2.84 -20.82 -30.11
CA SER B 128 -2.52 -19.51 -30.69
C SER B 128 -1.15 -18.96 -30.33
N SER B 129 -0.75 -19.00 -29.07
CA SER B 129 0.44 -18.24 -28.74
C SER B 129 1.72 -19.04 -28.94
N GLU B 130 2.84 -18.32 -28.95
CA GLU B 130 4.15 -18.91 -29.23
C GLU B 130 5.24 -18.40 -28.30
N ASP B 137 7.26 -12.53 -35.76
CA ASP B 137 8.05 -13.70 -35.40
C ASP B 137 7.18 -14.86 -34.90
N TRP B 138 6.30 -15.37 -35.77
CA TRP B 138 5.50 -16.55 -35.44
C TRP B 138 6.11 -17.76 -36.08
N ARG B 139 6.36 -18.79 -35.27
CA ARG B 139 6.93 -20.05 -35.72
C ARG B 139 5.92 -20.98 -36.37
N VAL B 140 4.62 -20.65 -36.40
CA VAL B 140 3.64 -21.57 -36.96
C VAL B 140 3.12 -20.96 -38.25
N THR B 141 3.44 -21.60 -39.35
CA THR B 141 3.17 -21.08 -40.67
C THR B 141 1.97 -21.79 -41.30
N ALA B 142 1.29 -21.06 -42.16
CA ALA B 142 0.19 -21.60 -42.97
C ALA B 142 0.60 -21.40 -44.42
N THR B 143 0.89 -22.53 -45.13
CA THR B 143 1.30 -22.47 -46.53
C THR B 143 0.12 -22.76 -47.44
N PRO B 144 -0.22 -21.91 -48.39
CA PRO B 144 -1.47 -22.12 -49.13
C PRO B 144 -1.34 -23.30 -50.11
N LEU B 145 -2.38 -24.08 -50.19
CA LEU B 145 -2.47 -25.13 -51.18
C LEU B 145 -3.43 -24.71 -52.30
N PRO B 146 -3.35 -25.38 -53.45
CA PRO B 146 -4.06 -24.85 -54.65
C PRO B 146 -5.58 -24.80 -54.51
N ASP B 147 -6.16 -25.67 -53.69
CA ASP B 147 -7.59 -25.68 -53.47
C ASP B 147 -8.06 -24.62 -52.47
N GLY B 148 -7.15 -23.84 -51.89
CA GLY B 148 -7.50 -22.93 -50.80
C GLY B 148 -7.36 -23.47 -49.39
N SER B 149 -7.00 -24.73 -49.23
CA SER B 149 -6.60 -25.22 -47.94
C SER B 149 -5.27 -24.56 -47.53
N TYR B 150 -4.86 -24.79 -46.27
CA TYR B 150 -3.54 -24.38 -45.81
C TYR B 150 -2.88 -25.54 -45.08
N GLU B 151 -1.57 -25.67 -45.26
CA GLU B 151 -0.75 -26.62 -44.52
C GLU B 151 -0.09 -25.88 -43.37
N ILE B 152 -0.33 -26.36 -42.15
CA ILE B 152 0.15 -25.72 -40.94
C ILE B 152 1.38 -26.47 -40.45
N ASN B 153 2.43 -25.73 -40.10
CA ASN B 153 3.66 -26.33 -39.57
C ASN B 153 4.24 -25.48 -38.45
N GLY B 154 4.63 -26.13 -37.37
CA GLY B 154 5.29 -25.49 -36.24
C GLY B 154 4.69 -25.92 -34.92
N THR B 155 5.28 -25.41 -33.85
CA THR B 155 4.86 -25.74 -32.48
C THR B 155 4.34 -24.51 -31.79
N LYS B 156 3.12 -24.60 -31.25
CA LYS B 156 2.46 -23.56 -30.48
C LYS B 156 2.68 -23.78 -29.00
N ALA B 157 2.81 -22.68 -28.25
CA ALA B 157 2.95 -22.72 -26.80
C ALA B 157 1.69 -22.18 -26.10
N PHE B 158 1.51 -22.61 -24.85
CA PHE B 158 0.43 -22.13 -23.99
C PHE B 158 -0.92 -22.40 -24.64
N CYS B 159 -1.09 -23.63 -25.12
CA CYS B 159 -2.33 -23.99 -25.82
C CYS B 159 -3.37 -24.46 -24.80
N SER B 160 -3.88 -23.49 -24.03
CA SER B 160 -4.83 -23.81 -22.97
C SER B 160 -5.97 -24.67 -23.48
N GLY B 161 -6.38 -25.62 -22.66
CA GLY B 161 -7.42 -26.54 -23.03
C GLY B 161 -7.14 -27.39 -24.24
N SER B 162 -5.86 -27.58 -24.59
CA SER B 162 -5.53 -28.33 -25.80
C SER B 162 -5.80 -29.83 -25.67
N ALA B 163 -5.83 -30.37 -24.46
CA ALA B 163 -6.10 -31.79 -24.28
C ALA B 163 -7.61 -32.05 -24.16
N ASP B 164 -8.04 -33.22 -24.67
CA ASP B 164 -9.48 -33.57 -24.63
C ASP B 164 -10.34 -32.50 -25.30
N ALA B 165 -9.78 -31.75 -26.23
CA ALA B 165 -10.55 -30.72 -26.94
C ALA B 165 -11.26 -31.34 -28.13
N ASP B 166 -12.54 -30.99 -28.30
CA ASP B 166 -13.29 -31.44 -29.47
C ASP B 166 -12.89 -30.67 -30.71
N ARG B 167 -12.57 -29.38 -30.54
CA ARG B 167 -12.02 -28.57 -31.61
C ARG B 167 -10.99 -27.63 -30.99
N LEU B 168 -9.98 -27.31 -31.81
CA LEU B 168 -8.96 -26.32 -31.48
C LEU B 168 -9.15 -25.09 -32.35
N LEU B 169 -9.11 -23.93 -31.72
CA LEU B 169 -8.98 -22.67 -32.44
C LEU B 169 -7.49 -22.46 -32.66
N VAL B 170 -7.07 -22.41 -33.93
CA VAL B 170 -5.65 -22.39 -34.32
C VAL B 170 -5.37 -21.11 -35.08
N PHE B 171 -4.21 -20.52 -34.82
CA PHE B 171 -3.74 -19.34 -35.54
C PHE B 171 -2.38 -19.61 -36.15
N ALA B 172 -2.16 -19.07 -37.35
CA ALA B 172 -0.89 -19.27 -38.05
C ALA B 172 -0.68 -18.08 -38.97
N VAL B 173 0.53 -17.94 -39.51
CA VAL B 173 0.88 -16.81 -40.37
C VAL B 173 1.22 -17.36 -41.74
N THR B 174 0.69 -16.71 -42.77
CA THR B 174 0.89 -17.19 -44.12
C THR B 174 2.36 -17.16 -44.51
N SER B 175 2.77 -18.17 -45.29
CA SER B 175 4.12 -18.37 -45.75
C SER B 175 4.08 -18.92 -47.16
N ARG B 176 5.04 -18.51 -47.99
CA ARG B 176 5.09 -18.91 -49.41
C ARG B 176 3.73 -18.66 -50.07
N ASP B 177 3.26 -17.42 -49.92
CA ASP B 177 1.89 -17.06 -50.24
C ASP B 177 1.91 -15.95 -51.28
N PRO B 178 1.56 -16.23 -52.53
CA PRO B 178 1.57 -15.16 -53.54
C PRO B 178 0.74 -13.96 -53.16
N ASN B 179 -0.29 -14.16 -52.34
CA ASN B 179 -1.21 -13.09 -51.98
C ASN B 179 -0.78 -12.34 -50.72
N GLY B 180 0.37 -12.67 -50.15
CA GLY B 180 0.96 -11.90 -49.06
C GLY B 180 1.39 -12.81 -47.92
N ASP B 181 2.66 -12.77 -47.53
CA ASP B 181 3.12 -13.50 -46.36
C ASP B 181 2.87 -12.69 -45.08
N GLY B 182 2.97 -13.37 -43.94
CA GLY B 182 2.79 -12.77 -42.63
C GLY B 182 1.37 -12.40 -42.24
N ARG B 183 0.37 -12.89 -42.97
CA ARG B 183 -1.03 -12.62 -42.67
C ARG B 183 -1.57 -13.70 -41.73
N ILE B 184 -2.28 -13.29 -40.69
CA ILE B 184 -2.80 -14.23 -39.71
C ILE B 184 -4.02 -14.93 -40.29
N VAL B 185 -3.99 -16.25 -40.28
CA VAL B 185 -5.17 -17.05 -40.53
C VAL B 185 -5.56 -17.76 -39.24
N ALA B 186 -6.86 -18.01 -39.11
CA ALA B 186 -7.42 -18.71 -37.99
C ALA B 186 -8.38 -19.80 -38.48
N ALA B 187 -8.45 -20.90 -37.74
CA ALA B 187 -9.30 -22.03 -38.13
C ALA B 187 -9.79 -22.74 -36.90
N LEU B 188 -10.92 -23.43 -37.04
CA LEU B 188 -11.44 -24.34 -36.03
C LEU B 188 -11.36 -25.76 -36.58
N ILE B 189 -10.50 -26.60 -35.98
CA ILE B 189 -10.23 -27.91 -36.55
C ILE B 189 -10.34 -28.98 -35.47
N PRO B 190 -10.57 -30.23 -35.88
CA PRO B 190 -10.52 -31.35 -34.93
C PRO B 190 -9.12 -31.49 -34.36
N SER B 191 -9.05 -31.88 -33.09
CA SER B 191 -7.76 -32.06 -32.43
C SER B 191 -7.07 -33.35 -32.85
N ASP B 192 -7.79 -34.32 -33.43
CA ASP B 192 -7.17 -35.53 -33.96
C ASP B 192 -6.98 -35.47 -35.48
N ARG B 193 -7.08 -34.30 -36.08
CA ARG B 193 -6.66 -34.12 -37.48
C ARG B 193 -5.21 -34.59 -37.65
N ALA B 194 -4.95 -35.27 -38.78
CA ALA B 194 -3.63 -35.84 -39.02
C ALA B 194 -2.54 -34.78 -38.92
N GLY B 195 -1.50 -35.09 -38.15
CA GLY B 195 -0.38 -34.23 -37.98
C GLY B 195 -0.45 -33.35 -36.73
N VAL B 196 -1.59 -33.36 -36.03
CA VAL B 196 -1.73 -32.60 -34.78
C VAL B 196 -1.23 -33.46 -33.64
N GLN B 197 -0.28 -32.94 -32.88
CA GLN B 197 0.22 -33.66 -31.71
C GLN B 197 0.11 -32.74 -30.49
N VAL B 198 -0.77 -33.09 -29.57
CA VAL B 198 -0.93 -32.38 -28.31
C VAL B 198 0.08 -32.97 -27.33
N ASN B 199 0.97 -32.14 -26.82
CA ASN B 199 2.18 -32.65 -26.18
C ASN B 199 2.08 -32.90 -24.68
N GLY B 200 1.09 -32.37 -23.98
CA GLY B 200 1.03 -32.66 -22.54
C GLY B 200 2.23 -32.20 -21.73
N ASP B 201 2.91 -31.15 -22.15
CA ASP B 201 4.12 -30.68 -21.47
C ASP B 201 3.81 -29.46 -20.58
N TRP B 202 2.95 -29.66 -19.61
CA TRP B 202 2.47 -28.59 -18.73
C TRP B 202 2.66 -29.04 -17.30
N ASP B 203 3.58 -28.37 -16.61
CA ASP B 203 3.92 -28.64 -15.20
C ASP B 203 4.21 -27.29 -14.55
N SER B 204 3.16 -26.65 -14.05
CA SER B 204 3.17 -25.24 -13.72
C SER B 204 3.00 -24.98 -12.23
N LEU B 205 3.27 -23.74 -11.84
CA LEU B 205 3.11 -23.37 -10.44
C LEU B 205 1.66 -23.52 -10.01
N GLY B 206 0.76 -22.88 -10.75
CA GLY B 206 -0.67 -23.01 -10.54
C GLY B 206 -1.35 -23.14 -11.89
N MET B 207 -2.69 -23.07 -11.94
CA MET B 207 -3.44 -23.44 -13.14
C MET B 207 -2.97 -24.79 -13.65
N ARG B 208 -2.72 -25.71 -12.72
CA ARG B 208 -2.02 -26.94 -13.03
C ARG B 208 -2.82 -27.90 -13.89
N GLN B 209 -4.15 -27.76 -13.97
CA GLN B 209 -4.94 -28.68 -14.79
C GLN B 209 -5.55 -28.00 -16.02
N THR B 210 -4.91 -26.95 -16.54
CA THR B 210 -5.39 -26.26 -17.73
C THR B 210 -4.82 -26.82 -19.03
N ASP B 211 -3.93 -27.80 -18.96
CA ASP B 211 -3.31 -28.37 -20.15
C ASP B 211 -2.80 -27.27 -21.10
N SER B 212 -2.02 -26.33 -20.55
CA SER B 212 -1.51 -25.21 -21.32
C SER B 212 -0.10 -25.47 -21.86
N GLY B 213 0.22 -26.71 -22.19
CA GLY B 213 1.47 -27.02 -22.87
C GLY B 213 1.42 -26.68 -24.36
N SER B 214 2.28 -27.36 -25.12
CA SER B 214 2.42 -27.07 -26.53
C SER B 214 1.63 -28.07 -27.41
N VAL B 215 1.36 -27.64 -28.64
CA VAL B 215 0.79 -28.47 -29.69
C VAL B 215 1.70 -28.37 -30.93
N THR B 216 2.08 -29.52 -31.49
CA THR B 216 2.92 -29.57 -32.67
C THR B 216 2.08 -29.85 -33.90
N PHE B 217 2.25 -29.02 -34.91
CA PHE B 217 1.58 -29.18 -36.20
C PHE B 217 2.61 -29.66 -37.20
N SER B 218 2.42 -30.89 -37.73
CA SER B 218 3.30 -31.47 -38.74
C SER B 218 2.50 -31.72 -40.01
N GLY B 219 2.63 -30.81 -40.98
CA GLY B 219 1.86 -30.90 -42.22
C GLY B 219 0.37 -31.03 -42.03
N VAL B 220 -0.20 -30.27 -41.10
CA VAL B 220 -1.62 -30.35 -40.80
C VAL B 220 -2.38 -29.58 -41.86
N VAL B 221 -3.37 -30.23 -42.48
CA VAL B 221 -4.14 -29.57 -43.53
C VAL B 221 -5.37 -28.96 -42.91
N VAL B 222 -5.58 -27.66 -43.15
CA VAL B 222 -6.80 -26.96 -42.73
C VAL B 222 -7.62 -26.68 -44.00
N TYR B 223 -8.87 -27.16 -44.00
CA TYR B 223 -9.69 -27.06 -45.20
C TYR B 223 -10.45 -25.73 -45.26
N PRO B 224 -10.88 -25.33 -46.46
CA PRO B 224 -11.38 -23.96 -46.61
C PRO B 224 -12.63 -23.69 -45.81
N ASP B 225 -13.44 -24.70 -45.53
CA ASP B 225 -14.63 -24.48 -44.74
C ASP B 225 -14.35 -24.42 -43.25
N GLU B 226 -13.09 -24.58 -42.84
CA GLU B 226 -12.71 -24.47 -41.44
C GLU B 226 -12.12 -23.10 -41.10
N LEU B 227 -11.78 -22.32 -42.10
CA LEU B 227 -11.13 -21.04 -41.93
C LEU B 227 -12.10 -20.02 -41.38
N LEU B 228 -11.57 -19.13 -40.56
CA LEU B 228 -12.34 -18.07 -39.94
C LEU B 228 -11.92 -16.78 -40.61
N GLY B 229 -12.79 -16.25 -41.48
CA GLY B 229 -12.46 -15.07 -42.22
C GLY B 229 -11.36 -15.31 -43.24
N THR B 230 -10.83 -14.22 -43.73
CA THR B 230 -9.77 -14.29 -44.72
C THR B 230 -8.45 -13.94 -44.06
N PRO B 231 -7.32 -14.26 -44.71
CA PRO B 231 -6.01 -14.00 -44.11
C PRO B 231 -5.82 -12.52 -43.83
N GLY B 232 -5.45 -12.21 -42.60
CA GLY B 232 -5.25 -10.85 -42.18
C GLY B 232 -6.50 -10.12 -41.74
N GLN B 233 -7.67 -10.75 -41.85
CA GLN B 233 -8.90 -10.06 -41.47
C GLN B 233 -8.92 -9.71 -39.98
N VAL B 234 -8.32 -10.53 -39.12
CA VAL B 234 -8.35 -10.18 -37.69
C VAL B 234 -7.49 -8.93 -37.45
N THR B 235 -6.38 -8.81 -38.17
CA THR B 235 -5.55 -7.61 -38.09
C THR B 235 -6.34 -6.38 -38.55
N ASP B 236 -7.03 -6.49 -39.69
CA ASP B 236 -7.81 -5.36 -40.17
C ASP B 236 -8.93 -5.01 -39.19
N ALA B 237 -9.56 -6.02 -38.59
CA ALA B 237 -10.60 -5.71 -37.61
C ALA B 237 -10.02 -4.98 -36.42
N PHE B 238 -8.84 -5.41 -35.95
CA PHE B 238 -8.19 -4.70 -34.84
C PHE B 238 -7.91 -3.26 -35.23
N ALA B 239 -7.32 -3.06 -36.40
CA ALA B 239 -6.98 -1.73 -36.85
C ALA B 239 -8.21 -0.84 -36.99
N SER B 240 -9.38 -1.44 -37.26
CA SER B 240 -10.62 -0.70 -37.43
C SER B 240 -11.33 -0.43 -36.12
N GLY B 241 -10.96 -1.13 -35.06
CA GLY B 241 -11.77 -1.10 -33.86
C GLY B 241 -13.19 -1.52 -34.11
N SER B 242 -13.41 -2.45 -35.03
CA SER B 242 -14.75 -2.86 -35.42
C SER B 242 -15.21 -4.00 -34.53
N LYS B 243 -16.41 -4.53 -34.79
CA LYS B 243 -17.01 -5.45 -33.84
C LYS B 243 -16.13 -6.66 -33.52
N PRO B 244 -15.46 -7.31 -34.46
CA PRO B 244 -14.65 -8.49 -34.09
C PRO B 244 -13.53 -8.18 -33.11
N SER B 245 -13.10 -6.91 -33.02
CA SER B 245 -12.11 -6.52 -32.02
C SER B 245 -12.65 -6.55 -30.60
N LEU B 246 -13.96 -6.75 -30.42
CA LEU B 246 -14.51 -7.02 -29.11
C LEU B 246 -13.92 -8.27 -28.48
N TRP B 247 -13.30 -9.15 -29.27
CA TRP B 247 -12.79 -10.39 -28.73
C TRP B 247 -11.88 -10.10 -27.53
N THR B 248 -11.01 -9.07 -27.63
CA THR B 248 -10.06 -8.80 -26.56
C THR B 248 -10.75 -8.36 -25.27
N PRO B 249 -11.57 -7.29 -25.26
CA PRO B 249 -12.25 -6.94 -24.00
C PRO B 249 -13.06 -8.09 -23.45
N ILE B 250 -13.72 -8.85 -24.33
CA ILE B 250 -14.49 -10.01 -23.85
C ILE B 250 -13.58 -10.94 -23.08
N THR B 251 -12.43 -11.29 -23.67
CA THR B 251 -11.54 -12.27 -23.10
C THR B 251 -10.86 -11.73 -21.85
N GLN B 252 -10.50 -10.45 -21.85
CA GLN B 252 -9.85 -9.87 -20.69
C GLN B 252 -10.82 -9.78 -19.51
N LEU B 253 -12.12 -9.57 -19.76
CA LEU B 253 -13.08 -9.69 -18.67
C LEU B 253 -13.33 -11.13 -18.21
N ILE B 254 -13.10 -12.13 -19.07
CA ILE B 254 -13.07 -13.50 -18.60
C ILE B 254 -11.99 -13.66 -17.54
N PHE B 255 -10.76 -13.23 -17.87
CA PHE B 255 -9.67 -13.30 -16.92
C PHE B 255 -10.03 -12.61 -15.60
N THR B 256 -10.60 -11.39 -15.70
CA THR B 256 -11.03 -10.64 -14.53
C THR B 256 -11.90 -11.48 -13.61
N HIS B 257 -12.87 -12.21 -14.20
CA HIS B 257 -13.75 -13.07 -13.41
C HIS B 257 -13.05 -14.31 -12.85
N LEU B 258 -12.05 -14.83 -13.54
CA LEU B 258 -11.19 -15.82 -12.90
C LEU B 258 -10.58 -15.27 -11.61
N TYR B 259 -10.08 -14.04 -11.65
CA TYR B 259 -9.39 -13.45 -10.50
C TYR B 259 -10.37 -13.14 -9.38
N LEU B 260 -11.54 -12.61 -9.73
CA LEU B 260 -12.58 -12.40 -8.72
C LEU B 260 -13.04 -13.70 -8.10
N GLY B 261 -13.18 -14.75 -8.92
CA GLY B 261 -13.60 -16.04 -8.40
C GLY B 261 -12.58 -16.65 -7.44
N ILE B 262 -11.30 -16.58 -7.80
CA ILE B 262 -10.26 -17.06 -6.89
C ILE B 262 -10.25 -16.24 -5.62
N ALA B 263 -10.43 -14.92 -5.74
CA ALA B 263 -10.45 -14.07 -4.56
C ALA B 263 -11.56 -14.51 -3.59
N ARG B 264 -12.77 -14.68 -4.10
CA ARG B 264 -13.91 -15.07 -3.26
C ARG B 264 -13.67 -16.44 -2.63
N GLY B 265 -13.18 -17.40 -3.42
CA GLY B 265 -12.95 -18.72 -2.87
C GLY B 265 -11.93 -18.71 -1.75
N ALA B 266 -10.86 -17.94 -1.91
CA ALA B 266 -9.80 -17.90 -0.92
C ALA B 266 -10.32 -17.28 0.37
N LEU B 267 -11.08 -16.20 0.23
CA LEU B 267 -11.61 -15.52 1.39
C LEU B 267 -12.54 -16.44 2.19
N GLU B 268 -13.45 -17.14 1.49
CA GLU B 268 -14.37 -18.06 2.17
C GLU B 268 -13.63 -19.25 2.79
N GLU B 269 -12.60 -19.74 2.11
CA GLU B 269 -11.82 -20.86 2.65
C GLU B 269 -11.02 -20.42 3.87
N ALA B 270 -10.44 -19.21 3.84
CA ALA B 270 -9.74 -18.70 5.00
C ALA B 270 -10.70 -18.52 6.18
N ALA B 271 -11.87 -17.93 5.92
CA ALA B 271 -12.83 -17.72 7.00
C ALA B 271 -13.21 -19.03 7.69
N HIS B 272 -13.48 -20.06 6.91
CA HIS B 272 -13.76 -21.38 7.49
C HIS B 272 -12.63 -21.80 8.43
N TYR B 273 -11.38 -21.66 7.97
CA TYR B 273 -10.26 -22.02 8.84
C TYR B 273 -10.25 -21.16 10.10
N SER B 274 -10.44 -19.85 9.95
CA SER B 274 -10.41 -18.96 11.11
C SER B 274 -11.46 -19.34 12.14
N ARG B 275 -12.66 -19.69 11.69
CA ARG B 275 -13.71 -20.09 12.60
C ARG B 275 -13.41 -21.42 13.30
N SER B 276 -12.73 -22.36 12.62
CA SER B 276 -12.56 -23.74 13.09
C SER B 276 -11.21 -24.04 13.72
N HIS B 277 -10.14 -23.33 13.35
CA HIS B 277 -8.79 -23.76 13.72
C HIS B 277 -7.90 -22.69 14.30
N SER B 278 -8.19 -21.41 14.11
CA SER B 278 -7.27 -20.38 14.54
C SER B 278 -7.25 -20.29 16.06
N ARG B 279 -6.06 -20.30 16.64
CA ARG B 279 -6.06 -20.06 18.08
C ARG B 279 -6.03 -18.55 18.36
N PRO B 280 -6.67 -18.10 19.44
CA PRO B 280 -6.52 -16.70 19.83
C PRO B 280 -5.14 -16.42 20.39
N PHE B 281 -4.74 -15.16 20.28
CA PHE B 281 -3.46 -14.69 20.83
C PHE B 281 -3.73 -14.22 22.27
N THR B 282 -3.82 -15.21 23.18
CA THR B 282 -4.20 -14.97 24.57
C THR B 282 -3.24 -14.05 25.28
N LEU B 283 -2.04 -13.90 24.75
CA LEU B 283 -1.05 -13.05 25.38
C LEU B 283 -1.38 -11.58 25.17
N ALA B 284 -2.18 -11.30 24.15
CA ALA B 284 -2.75 -9.97 24.03
C ALA B 284 -4.07 -9.82 24.79
N GLY B 285 -4.53 -10.87 25.49
CA GLY B 285 -5.83 -10.82 26.10
C GLY B 285 -6.97 -11.29 25.21
N VAL B 286 -6.69 -11.77 24.02
CA VAL B 286 -7.72 -12.15 23.05
C VAL B 286 -8.29 -13.51 23.43
N GLU B 287 -9.62 -13.59 23.47
CA GLU B 287 -10.29 -14.82 23.86
C GLU B 287 -10.65 -15.69 22.68
N LYS B 288 -10.96 -15.09 21.54
CA LYS B 288 -11.39 -15.85 20.38
C LYS B 288 -10.83 -15.19 19.14
N ALA B 289 -10.29 -16.01 18.22
CA ALA B 289 -9.64 -15.47 17.03
C ALA B 289 -10.63 -14.69 16.17
N THR B 290 -11.89 -15.14 16.12
CA THR B 290 -12.92 -14.49 15.35
C THR B 290 -13.34 -13.13 15.93
N GLU B 291 -12.83 -12.79 17.11
CA GLU B 291 -13.07 -11.51 17.76
C GLU B 291 -11.81 -10.65 17.79
N ASP B 292 -10.71 -11.16 17.28
CA ASP B 292 -9.48 -10.41 17.22
C ASP B 292 -9.67 -9.18 16.33
N PRO B 293 -9.35 -7.98 16.80
CA PRO B 293 -9.59 -6.77 15.96
C PRO B 293 -8.80 -6.78 14.66
N TYR B 294 -7.61 -7.39 14.64
CA TYR B 294 -6.78 -7.37 13.45
C TYR B 294 -7.16 -8.46 12.46
N VAL B 295 -7.61 -9.62 12.96
CA VAL B 295 -8.23 -10.63 12.12
C VAL B 295 -9.45 -10.03 11.44
N LEU B 296 -10.29 -9.33 12.20
CA LEU B 296 -11.50 -8.77 11.61
C LEU B 296 -11.16 -7.69 10.58
N ALA B 297 -10.12 -6.91 10.83
CA ALA B 297 -9.72 -5.89 9.86
C ALA B 297 -9.22 -6.48 8.54
N ILE B 298 -8.50 -7.59 8.60
CA ILE B 298 -8.08 -8.26 7.36
C ILE B 298 -9.30 -8.71 6.55
N TYR B 299 -10.22 -9.43 7.18
CA TYR B 299 -11.41 -9.87 6.43
C TYR B 299 -12.22 -8.69 5.93
N GLY B 300 -12.27 -7.61 6.72
CA GLY B 300 -13.11 -6.49 6.35
C GLY B 300 -12.57 -5.77 5.14
N GLU B 301 -11.27 -5.48 5.15
CA GLU B 301 -10.65 -4.77 4.04
C GLU B 301 -10.81 -5.56 2.74
N PHE B 302 -10.51 -6.85 2.79
CA PHE B 302 -10.56 -7.65 1.56
C PHE B 302 -12.00 -7.93 1.11
N ALA B 303 -12.89 -8.27 2.04
CA ALA B 303 -14.27 -8.45 1.67
C ALA B 303 -14.89 -7.17 1.10
N ALA B 304 -14.54 -6.00 1.66
CA ALA B 304 -15.06 -4.74 1.12
C ALA B 304 -14.56 -4.49 -0.30
N GLN B 305 -13.26 -4.64 -0.55
CA GLN B 305 -12.77 -4.47 -1.92
C GLN B 305 -13.43 -5.44 -2.86
N LEU B 306 -13.58 -6.70 -2.44
CA LEU B 306 -14.18 -7.73 -3.28
C LEU B 306 -15.61 -7.36 -3.65
N GLN B 307 -16.42 -6.91 -2.68
CA GLN B 307 -17.79 -6.48 -3.01
C GLN B 307 -17.81 -5.42 -4.10
N VAL B 308 -16.97 -4.40 -3.95
CA VAL B 308 -16.99 -3.30 -4.93
C VAL B 308 -16.51 -3.80 -6.27
N ALA B 309 -15.46 -4.61 -6.28
CA ALA B 309 -14.91 -5.10 -7.54
C ALA B 309 -15.93 -5.97 -8.25
N GLU B 310 -16.64 -6.80 -7.50
CA GLU B 310 -17.66 -7.66 -8.10
C GLU B 310 -18.83 -6.84 -8.64
N ALA B 311 -19.29 -5.85 -7.87
CA ALA B 311 -20.37 -4.99 -8.34
C ALA B 311 -19.97 -4.26 -9.60
N GLY B 312 -18.75 -3.76 -9.66
CA GLY B 312 -18.34 -3.07 -10.86
C GLY B 312 -18.24 -3.96 -12.08
N ALA B 313 -17.81 -5.21 -11.87
CA ALA B 313 -17.64 -6.14 -12.98
C ALA B 313 -18.99 -6.53 -13.58
N ARG B 314 -20.03 -6.64 -12.75
CA ARG B 314 -21.37 -6.90 -13.25
C ARG B 314 -21.81 -5.82 -14.25
N GLU B 315 -21.46 -4.56 -13.98
CA GLU B 315 -21.86 -3.49 -14.87
C GLU B 315 -21.11 -3.56 -16.19
N VAL B 316 -19.81 -3.86 -16.16
CA VAL B 316 -19.08 -3.98 -17.42
C VAL B 316 -19.59 -5.16 -18.24
N ALA B 317 -20.01 -6.22 -17.56
CA ALA B 317 -20.50 -7.41 -18.25
C ALA B 317 -21.80 -7.13 -18.99
N LEU B 318 -22.66 -6.27 -18.43
CA LEU B 318 -23.86 -5.83 -19.11
C LEU B 318 -23.50 -5.06 -20.37
N ARG B 319 -22.42 -4.30 -20.33
CA ARG B 319 -22.03 -3.54 -21.51
C ARG B 319 -21.47 -4.45 -22.61
N VAL B 320 -20.75 -5.51 -22.23
CA VAL B 320 -20.33 -6.54 -23.18
C VAL B 320 -21.55 -7.10 -23.92
N GLN B 321 -22.62 -7.42 -23.17
CA GLN B 321 -23.81 -7.97 -23.81
C GLN B 321 -24.43 -6.97 -24.77
N GLU B 322 -24.49 -5.70 -24.37
CA GLU B 322 -25.06 -4.67 -25.23
C GLU B 322 -24.34 -4.60 -26.57
N LEU B 323 -23.01 -4.53 -26.53
CA LEU B 323 -22.28 -4.42 -27.77
C LEU B 323 -22.26 -5.74 -28.54
N TRP B 324 -22.27 -6.87 -27.82
CA TRP B 324 -22.33 -8.18 -28.48
C TRP B 324 -23.53 -8.29 -29.41
N GLU B 325 -24.65 -7.68 -29.02
CA GLU B 325 -25.89 -7.78 -29.78
C GLU B 325 -25.97 -6.77 -30.93
N ARG B 326 -25.03 -5.85 -31.06
CA ARG B 326 -25.10 -4.83 -32.11
C ARG B 326 -24.61 -5.41 -33.44
N ASN B 327 -25.19 -4.90 -34.53
CA ASN B 327 -24.66 -5.23 -35.85
C ASN B 327 -23.31 -4.57 -36.07
N HIS B 328 -23.12 -3.36 -35.57
CA HIS B 328 -21.91 -2.62 -35.81
C HIS B 328 -21.44 -1.96 -34.52
N VAL B 329 -20.13 -1.86 -34.37
CA VAL B 329 -19.51 -1.31 -33.18
C VAL B 329 -18.49 -0.29 -33.62
N THR B 330 -18.54 0.89 -33.02
CA THR B 330 -17.56 1.90 -33.37
C THR B 330 -16.29 1.70 -32.55
N PRO B 331 -15.16 2.17 -33.05
CA PRO B 331 -13.94 2.14 -32.23
C PRO B 331 -14.09 2.88 -30.92
N GLU B 332 -14.91 3.92 -30.88
CA GLU B 332 -15.17 4.62 -29.62
C GLU B 332 -15.88 3.68 -28.63
N GLN B 333 -16.92 2.98 -29.10
CA GLN B 333 -17.61 2.04 -28.22
C GLN B 333 -16.67 0.94 -27.76
N ARG B 334 -15.85 0.41 -28.68
CA ARG B 334 -14.95 -0.67 -28.33
C ARG B 334 -13.86 -0.17 -27.39
N GLY B 335 -13.31 1.01 -27.65
CA GLY B 335 -12.26 1.55 -26.82
C GLY B 335 -12.73 1.84 -25.41
N GLN B 336 -13.94 2.39 -25.29
CA GLN B 336 -14.52 2.65 -23.97
C GLN B 336 -14.75 1.34 -23.22
N LEU B 337 -15.22 0.30 -23.91
CA LEU B 337 -15.42 -0.97 -23.25
C LEU B 337 -14.09 -1.54 -22.75
N MET B 338 -13.06 -1.47 -23.60
CA MET B 338 -11.75 -2.01 -23.24
C MET B 338 -11.18 -1.30 -22.02
N VAL B 339 -11.33 0.03 -21.95
CA VAL B 339 -10.90 0.79 -20.77
C VAL B 339 -11.60 0.30 -19.51
N GLN B 340 -12.92 0.11 -19.59
CA GLN B 340 -13.66 -0.39 -18.45
C GLN B 340 -13.20 -1.80 -18.04
N VAL B 341 -12.99 -2.68 -19.03
CA VAL B 341 -12.49 -4.03 -18.76
C VAL B 341 -11.10 -3.97 -18.16
N ALA B 342 -10.22 -3.17 -18.75
CA ALA B 342 -8.85 -3.05 -18.21
C ALA B 342 -8.88 -2.61 -16.75
N SER B 343 -9.77 -1.65 -16.43
CA SER B 343 -9.88 -1.12 -15.07
C SER B 343 -10.29 -2.20 -14.09
N ALA B 344 -11.30 -2.98 -14.46
CA ALA B 344 -11.74 -4.07 -13.62
C ALA B 344 -10.67 -5.13 -13.48
N LYS B 345 -9.93 -5.42 -14.55
CA LYS B 345 -8.84 -6.39 -14.44
C LYS B 345 -7.74 -5.89 -13.52
N ILE B 346 -7.39 -4.60 -13.61
CA ILE B 346 -6.36 -4.05 -12.73
C ILE B 346 -6.75 -4.23 -11.26
N VAL B 347 -7.96 -3.77 -10.89
CA VAL B 347 -8.40 -3.89 -9.50
C VAL B 347 -8.45 -5.35 -9.07
N ALA B 348 -8.97 -6.23 -9.92
CA ALA B 348 -9.10 -7.64 -9.59
C ALA B 348 -7.73 -8.29 -9.41
N THR B 349 -6.76 -7.92 -10.25
CA THR B 349 -5.40 -8.45 -10.14
C THR B 349 -4.77 -8.08 -8.81
N ARG B 350 -4.73 -6.78 -8.50
CA ARG B 350 -4.16 -6.36 -7.22
C ARG B 350 -4.84 -7.04 -6.05
N LEU B 351 -6.17 -7.11 -6.09
CA LEU B 351 -6.93 -7.69 -4.98
C LEU B 351 -6.58 -9.16 -4.78
N VAL B 352 -6.63 -9.96 -5.84
CA VAL B 352 -6.45 -11.39 -5.65
C VAL B 352 -5.02 -11.68 -5.24
N ILE B 353 -4.05 -10.94 -5.77
CA ILE B 353 -2.65 -11.20 -5.46
C ILE B 353 -2.37 -10.89 -3.98
N GLU B 354 -2.88 -9.77 -3.49
CA GLU B 354 -2.66 -9.36 -2.11
C GLU B 354 -3.42 -10.26 -1.14
N LEU B 355 -4.68 -10.53 -1.45
CA LEU B 355 -5.54 -11.32 -0.60
C LEU B 355 -5.01 -12.75 -0.38
N THR B 356 -4.63 -13.44 -1.45
CA THR B 356 -4.25 -14.86 -1.33
C THR B 356 -2.97 -15.07 -0.54
N SER B 357 -2.17 -14.02 -0.42
CA SER B 357 -0.96 -14.04 0.43
C SER B 357 -1.25 -13.53 1.84
N ARG B 358 -2.01 -12.44 1.98
CA ARG B 358 -2.10 -11.81 3.30
C ARG B 358 -3.09 -12.52 4.22
N LEU B 359 -4.02 -13.29 3.67
CA LEU B 359 -5.00 -13.97 4.52
C LEU B 359 -4.35 -14.97 5.47
N TYR B 360 -3.13 -15.42 5.18
CA TYR B 360 -2.43 -16.26 6.16
C TYR B 360 -2.30 -15.54 7.51
N GLU B 361 -2.10 -14.22 7.47
CA GLU B 361 -1.95 -13.44 8.71
C GLU B 361 -3.20 -13.46 9.57
N ALA B 362 -4.35 -13.71 8.96
CA ALA B 362 -5.59 -13.87 9.70
C ALA B 362 -5.82 -15.29 10.22
N MET B 363 -5.07 -16.28 9.74
CA MET B 363 -5.29 -17.68 10.08
C MET B 363 -4.28 -18.21 11.09
N GLY B 364 -3.03 -17.80 11.00
CA GLY B 364 -2.01 -18.19 11.94
C GLY B 364 -1.03 -19.18 11.34
N ALA B 365 0.06 -19.38 12.09
CA ALA B 365 1.15 -20.23 11.62
C ALA B 365 0.69 -21.62 11.23
N ARG B 366 -0.31 -22.19 11.90
CA ARG B 366 -0.65 -23.58 11.59
C ARG B 366 -1.28 -23.73 10.23
N ALA B 367 -1.85 -22.66 9.67
CA ALA B 367 -2.33 -22.74 8.30
C ALA B 367 -1.19 -22.98 7.31
N ALA B 368 0.01 -22.48 7.61
CA ALA B 368 1.16 -22.75 6.74
C ALA B 368 1.98 -23.95 7.19
N ALA B 369 1.96 -24.28 8.49
CA ALA B 369 2.70 -25.41 9.01
C ALA B 369 2.22 -26.73 8.42
N SER B 370 0.93 -26.82 8.17
CA SER B 370 0.31 -28.02 7.61
C SER B 370 0.17 -27.81 6.10
N ARG B 371 1.17 -28.29 5.34
CA ARG B 371 1.12 -28.16 3.88
C ARG B 371 -0.19 -28.71 3.33
N GLN B 372 -0.68 -29.80 3.91
CA GLN B 372 -1.87 -30.45 3.38
C GLN B 372 -3.11 -29.57 3.44
N PHE B 373 -3.10 -28.50 4.24
CA PHE B 373 -4.21 -27.56 4.16
C PHE B 373 -4.39 -27.08 2.71
N GLY B 374 -3.29 -26.82 2.02
CA GLY B 374 -3.35 -26.51 0.60
C GLY B 374 -3.87 -25.12 0.25
N PHE B 375 -3.91 -24.19 1.22
CA PHE B 375 -4.48 -22.88 0.94
C PHE B 375 -3.64 -22.13 -0.07
N ASP B 376 -2.35 -22.46 -0.19
CA ASP B 376 -1.47 -21.79 -1.15
C ASP B 376 -1.89 -22.01 -2.60
N ARG B 377 -2.80 -22.94 -2.87
CA ARG B 377 -3.34 -23.12 -4.22
C ARG B 377 -3.93 -21.82 -4.76
N PHE B 378 -4.63 -21.04 -3.93
CA PHE B 378 -5.25 -19.82 -4.44
C PHE B 378 -4.21 -18.84 -4.94
N TRP B 379 -3.17 -18.59 -4.14
CA TRP B 379 -2.07 -17.72 -4.55
C TRP B 379 -1.34 -18.28 -5.78
N ARG B 380 -1.06 -19.58 -5.79
CA ARG B 380 -0.36 -20.14 -6.95
C ARG B 380 -1.20 -19.98 -8.22
N ASP B 381 -2.51 -20.23 -8.14
CA ASP B 381 -3.36 -20.11 -9.32
C ASP B 381 -3.42 -18.67 -9.80
N ALA B 382 -3.69 -17.74 -8.87
CA ALA B 382 -3.77 -16.33 -9.24
C ALA B 382 -2.41 -15.79 -9.67
N ARG B 383 -1.34 -16.12 -8.94
CA ARG B 383 -0.02 -15.59 -9.28
C ARG B 383 0.42 -16.05 -10.67
N THR B 384 0.07 -17.29 -11.03
CA THR B 384 0.39 -17.78 -12.37
C THR B 384 -0.41 -17.03 -13.46
N HIS B 385 -1.75 -16.98 -13.36
CA HIS B 385 -2.55 -16.50 -14.48
C HIS B 385 -2.51 -14.98 -14.64
N THR B 386 -2.42 -14.23 -13.53
CA THR B 386 -2.33 -12.78 -13.64
C THR B 386 -1.14 -12.32 -14.48
N LEU B 387 -0.16 -13.19 -14.75
CA LEU B 387 1.00 -12.85 -15.57
C LEU B 387 0.73 -12.97 -17.08
N HIS B 388 -0.45 -13.46 -17.45
CA HIS B 388 -0.79 -13.67 -18.86
C HIS B 388 -0.38 -12.51 -19.75
N ASP B 389 -0.75 -11.30 -19.38
CA ASP B 389 -0.18 -10.10 -19.96
C ASP B 389 0.01 -9.09 -18.84
N PRO B 390 0.96 -8.19 -19.00
CA PRO B 390 1.43 -7.45 -17.82
C PRO B 390 0.45 -6.36 -17.42
N VAL B 391 0.06 -6.39 -16.14
CA VAL B 391 -0.89 -5.43 -15.60
C VAL B 391 -0.33 -4.02 -15.67
N ALA B 392 0.99 -3.88 -15.62
CA ALA B 392 1.60 -2.56 -15.78
C ALA B 392 1.17 -1.90 -17.08
N TYR B 393 0.95 -2.69 -18.16
CA TYR B 393 0.54 -2.06 -19.41
C TYR B 393 -0.96 -1.84 -19.48
N LYS B 394 -1.77 -2.65 -18.77
CA LYS B 394 -3.18 -2.30 -18.61
C LYS B 394 -3.34 -0.96 -17.87
N ILE B 395 -2.51 -0.75 -16.85
CA ILE B 395 -2.48 0.55 -16.15
C ILE B 395 -2.11 1.68 -17.12
N ARG B 396 -1.02 1.49 -17.87
CA ARG B 396 -0.64 2.50 -18.87
C ARG B 396 -1.79 2.78 -19.84
N GLU B 397 -2.49 1.74 -20.29
CA GLU B 397 -3.59 1.95 -21.22
C GLU B 397 -4.72 2.79 -20.60
N VAL B 398 -5.10 2.51 -19.35
CA VAL B 398 -6.16 3.31 -18.74
C VAL B 398 -5.67 4.73 -18.53
N GLY B 399 -4.40 4.89 -18.15
CA GLY B 399 -3.88 6.23 -17.94
C GLY B 399 -3.79 7.03 -19.23
N ASN B 400 -3.44 6.36 -20.32
CA ASN B 400 -3.33 7.05 -21.61
C ASN B 400 -4.70 7.47 -22.10
N TRP B 401 -5.71 6.66 -21.81
CA TRP B 401 -7.07 7.08 -22.09
C TRP B 401 -7.45 8.27 -21.22
N PHE B 402 -7.25 8.17 -19.91
CA PHE B 402 -7.77 9.23 -19.04
C PHE B 402 -7.09 10.56 -19.32
N LEU B 403 -5.75 10.56 -19.40
CA LEU B 403 -4.97 11.79 -19.54
C LEU B 403 -4.98 12.31 -20.98
N ASN B 404 -4.83 11.44 -21.96
CA ASN B 404 -4.62 11.84 -23.34
C ASN B 404 -5.82 11.53 -24.23
N HIS B 405 -6.91 10.98 -23.68
CA HIS B 405 -8.08 10.57 -24.48
C HIS B 405 -7.70 9.64 -25.63
N ARG B 406 -6.65 8.83 -25.47
CA ARG B 406 -6.28 7.84 -26.48
C ARG B 406 -6.78 6.47 -26.04
N PHE B 407 -7.58 5.83 -26.89
CA PHE B 407 -8.01 4.47 -26.62
C PHE B 407 -6.86 3.48 -26.86
N PRO B 408 -6.90 2.33 -26.19
CA PRO B 408 -5.88 1.32 -26.44
C PRO B 408 -5.87 0.91 -27.89
N THR B 409 -4.69 0.66 -28.40
CA THR B 409 -4.53 0.10 -29.73
C THR B 409 -4.99 -1.36 -29.73
N PRO B 410 -6.04 -1.71 -30.47
CA PRO B 410 -6.54 -3.09 -30.38
C PRO B 410 -5.49 -4.11 -30.81
N SER B 411 -5.46 -5.23 -30.08
CA SER B 411 -4.51 -6.30 -30.32
C SER B 411 -5.07 -7.55 -29.63
N PHE B 412 -4.29 -8.63 -29.64
CA PHE B 412 -4.71 -9.81 -28.89
C PHE B 412 -4.59 -9.60 -27.37
N TYR B 413 -3.98 -8.50 -26.93
CA TYR B 413 -3.83 -8.19 -25.52
C TYR B 413 -4.49 -6.89 -25.09
N SER B 414 -4.86 -6.00 -26.01
CA SER B 414 -5.49 -4.75 -25.64
C SER B 414 -6.52 -4.26 -26.66
N ASP C 14 -35.98 10.88 -19.44
CA ASP C 14 -35.04 11.94 -19.74
C ASP C 14 -33.97 12.03 -18.65
N HIS C 15 -32.93 12.82 -18.93
CA HIS C 15 -31.88 13.11 -17.97
C HIS C 15 -31.99 14.53 -17.43
N ARG C 16 -33.21 15.05 -17.33
CA ARG C 16 -33.40 16.47 -17.06
C ARG C 16 -32.76 16.87 -15.73
N ALA C 17 -33.05 16.13 -14.66
CA ALA C 17 -32.58 16.50 -13.34
C ALA C 17 -31.06 16.51 -13.28
N LEU C 18 -30.42 15.48 -13.83
CA LEU C 18 -28.96 15.42 -13.89
C LEU C 18 -28.37 16.54 -14.77
N ASP C 19 -29.04 16.91 -15.86
CA ASP C 19 -28.61 18.07 -16.63
C ASP C 19 -28.64 19.33 -15.78
N VAL C 20 -29.71 19.52 -15.01
CA VAL C 20 -29.76 20.66 -14.10
C VAL C 20 -28.61 20.59 -13.11
N ALA C 21 -28.32 19.41 -12.56
CA ALA C 21 -27.24 19.31 -11.58
C ALA C 21 -25.90 19.64 -12.23
N THR C 22 -25.68 19.08 -13.43
CA THR C 22 -24.44 19.35 -14.17
C THR C 22 -24.27 20.84 -14.46
N GLU C 23 -25.36 21.54 -14.80
CA GLU C 23 -25.22 22.98 -15.06
C GLU C 23 -24.93 23.76 -13.78
N LEU C 24 -25.58 23.39 -12.67
CA LEU C 24 -25.24 23.99 -11.38
C LEU C 24 -23.76 23.82 -11.09
N ALA C 25 -23.26 22.59 -11.24
CA ALA C 25 -21.89 22.30 -10.86
C ALA C 25 -20.91 23.09 -11.70
N LYS C 26 -21.16 23.18 -13.01
CA LYS C 26 -20.37 24.08 -13.88
C LYS C 26 -20.22 25.47 -13.29
N THR C 27 -21.34 26.09 -12.88
CA THR C 27 -21.25 27.45 -12.34
C THR C 27 -20.49 27.47 -11.02
N PHE C 28 -20.71 26.48 -10.14
CA PHE C 28 -19.99 26.46 -8.87
C PHE C 28 -18.48 26.37 -9.08
N ARG C 29 -18.03 25.57 -10.05
CA ARG C 29 -16.59 25.43 -10.31
C ARG C 29 -15.92 26.77 -10.54
N VAL C 30 -16.58 27.68 -11.26
CA VAL C 30 -15.98 28.97 -11.61
C VAL C 30 -15.54 29.72 -10.37
N THR C 31 -16.25 29.60 -9.26
CA THR C 31 -16.00 30.44 -8.09
C THR C 31 -15.57 29.70 -6.83
N VAL C 32 -15.50 28.36 -6.84
CA VAL C 32 -15.28 27.63 -5.59
C VAL C 32 -13.93 28.03 -4.98
N ARG C 33 -12.91 28.19 -5.80
CA ARG C 33 -11.58 28.45 -5.27
C ARG C 33 -11.60 29.69 -4.40
N GLU C 34 -12.24 30.75 -4.87
CA GLU C 34 -12.26 31.99 -4.09
C GLU C 34 -13.26 31.90 -2.93
N ARG C 35 -14.41 31.27 -3.16
CA ARG C 35 -15.41 31.19 -2.10
C ARG C 35 -14.95 30.36 -0.91
N GLU C 36 -14.35 29.19 -1.13
CA GLU C 36 -14.07 28.33 0.01
C GLU C 36 -12.99 28.91 0.91
N ARG C 37 -12.06 29.65 0.33
CA ARG C 37 -11.05 30.34 1.15
C ARG C 37 -11.71 31.15 2.26
N ALA C 38 -12.71 31.95 1.89
CA ALA C 38 -13.38 32.80 2.88
C ALA C 38 -14.19 31.99 3.88
N GLY C 39 -14.69 30.81 3.51
CA GLY C 39 -15.56 30.07 4.43
C GLY C 39 -16.93 30.73 4.52
N GLY C 40 -17.60 30.55 5.63
CA GLY C 40 -18.89 31.20 5.69
C GLY C 40 -19.91 30.63 4.70
N THR C 41 -21.06 31.31 4.65
CA THR C 41 -22.27 30.70 4.14
C THR C 41 -22.41 30.95 2.63
N PRO C 42 -22.49 29.90 1.80
CA PRO C 42 -22.62 30.10 0.35
C PRO C 42 -24.05 30.41 -0.07
N LYS C 43 -24.54 31.57 0.40
CA LYS C 43 -25.95 31.92 0.25
C LYS C 43 -26.38 31.95 -1.20
N ALA C 44 -25.61 32.63 -2.04
CA ALA C 44 -25.94 32.72 -3.45
C ALA C 44 -26.06 31.34 -4.09
N GLU C 45 -25.18 30.42 -3.72
CA GLU C 45 -25.21 29.11 -4.35
C GLU C 45 -26.38 28.27 -3.83
N ARG C 46 -26.62 28.34 -2.52
CA ARG C 46 -27.80 27.71 -1.93
C ARG C 46 -29.08 28.21 -2.60
N ASP C 47 -29.15 29.51 -2.92
CA ASP C 47 -30.32 30.02 -3.63
C ASP C 47 -30.41 29.49 -5.03
N ALA C 48 -29.28 29.35 -5.74
CA ALA C 48 -29.35 28.73 -7.04
C ALA C 48 -29.90 27.30 -6.95
N ILE C 49 -29.49 26.55 -5.92
CA ILE C 49 -30.02 25.21 -5.75
C ILE C 49 -31.52 25.26 -5.51
N ARG C 50 -31.96 26.24 -4.70
CA ARG C 50 -33.39 26.46 -4.46
C ARG C 50 -34.13 26.70 -5.75
N ARG C 51 -33.62 27.60 -6.60
CA ARG C 51 -34.31 27.89 -7.85
C ARG C 51 -34.30 26.69 -8.78
N SER C 52 -33.33 25.77 -8.62
CA SER C 52 -33.23 24.64 -9.54
C SER C 52 -34.39 23.66 -9.38
N GLY C 53 -35.05 23.64 -8.23
CA GLY C 53 -36.04 22.61 -7.93
C GLY C 53 -35.50 21.27 -7.46
N LEU C 54 -34.17 21.07 -7.45
CA LEU C 54 -33.61 19.74 -7.14
C LEU C 54 -33.79 19.33 -5.68
N LEU C 55 -34.00 20.28 -4.78
CA LEU C 55 -34.28 19.93 -3.41
C LEU C 55 -35.60 19.14 -3.29
N THR C 56 -36.44 19.16 -4.32
CA THR C 56 -37.70 18.42 -4.31
C THR C 56 -37.58 17.09 -5.06
N LEU C 57 -36.36 16.58 -5.29
CA LEU C 57 -36.20 15.38 -6.12
C LEU C 57 -37.06 14.21 -5.62
N LEU C 58 -37.21 14.06 -4.32
CA LEU C 58 -37.85 12.87 -3.78
C LEU C 58 -39.27 13.11 -3.31
N ILE C 59 -39.79 14.29 -3.49
CA ILE C 59 -41.20 14.58 -3.28
C ILE C 59 -41.96 14.22 -4.55
N SER C 60 -43.10 13.55 -4.37
CA SER C 60 -43.89 13.12 -5.52
C SER C 60 -44.36 14.31 -6.35
N LYS C 61 -44.60 14.05 -7.64
CA LYS C 61 -45.04 15.07 -8.62
C LYS C 61 -46.36 15.73 -8.21
N GLU C 62 -46.83 15.33 -7.08
CA GLU C 62 -48.15 15.59 -6.55
C GLU C 62 -47.81 15.85 -5.11
N ARG C 63 -48.12 17.02 -4.59
CA ARG C 63 -47.28 17.66 -3.60
C ARG C 63 -46.25 18.45 -4.36
N GLY C 64 -46.18 18.33 -5.68
CA GLY C 64 -45.44 19.27 -6.48
C GLY C 64 -43.95 19.03 -6.62
N GLY C 65 -43.45 17.86 -6.21
CA GLY C 65 -42.03 17.55 -6.33
C GLY C 65 -41.71 17.01 -7.71
N LEU C 66 -40.50 16.44 -7.84
CA LEU C 66 -40.06 15.92 -9.13
C LEU C 66 -40.31 14.43 -9.28
N GLY C 67 -40.69 13.73 -8.23
CA GLY C 67 -40.99 12.31 -8.39
C GLY C 67 -39.81 11.51 -8.90
N GLU C 68 -38.60 11.87 -8.48
CA GLU C 68 -37.39 11.21 -8.96
C GLU C 68 -36.96 10.13 -7.97
N SER C 69 -35.81 9.51 -8.23
CA SER C 69 -35.39 8.35 -7.46
C SER C 69 -34.02 8.61 -6.82
N TRP C 70 -33.68 7.72 -5.88
CA TRP C 70 -32.39 7.81 -5.20
C TRP C 70 -31.19 7.73 -6.15
N PRO C 71 -31.18 6.87 -7.17
CA PRO C 71 -30.04 6.88 -8.10
C PRO C 71 -29.77 8.25 -8.73
N THR C 72 -30.84 8.97 -9.08
CA THR C 72 -30.69 10.33 -9.58
C THR C 72 -30.12 11.26 -8.51
N VAL C 73 -30.64 11.15 -7.29
CA VAL C 73 -30.14 11.91 -6.16
C VAL C 73 -28.64 11.68 -5.99
N TYR C 74 -28.23 10.41 -5.95
CA TYR C 74 -26.83 10.11 -5.72
C TYR C 74 -25.96 10.66 -6.83
N GLU C 75 -26.39 10.48 -8.08
CA GLU C 75 -25.64 11.01 -9.21
C GLU C 75 -25.50 12.53 -9.11
N ALA C 76 -26.57 13.21 -8.71
CA ALA C 76 -26.47 14.66 -8.57
C ALA C 76 -25.52 15.04 -7.45
N ILE C 77 -25.51 14.27 -6.35
CA ILE C 77 -24.62 14.57 -5.23
C ILE C 77 -23.18 14.50 -5.70
N ALA C 78 -22.83 13.40 -6.36
CA ALA C 78 -21.47 13.20 -6.84
C ALA C 78 -21.08 14.27 -7.86
N GLU C 79 -22.01 14.64 -8.73
CA GLU C 79 -21.70 15.63 -9.74
C GLU C 79 -21.44 16.99 -9.10
N ILE C 80 -22.30 17.42 -8.19
CA ILE C 80 -22.09 18.71 -7.56
C ILE C 80 -20.84 18.70 -6.71
N ALA C 81 -20.61 17.61 -5.97
CA ALA C 81 -19.41 17.47 -5.15
C ALA C 81 -18.11 17.56 -5.97
N SER C 82 -18.11 17.07 -7.20
CA SER C 82 -16.90 17.12 -8.00
C SER C 82 -16.48 18.56 -8.27
N ALA C 83 -17.43 19.48 -8.24
CA ALA C 83 -17.20 20.90 -8.49
C ALA C 83 -17.00 21.68 -7.21
N ASP C 84 -17.77 21.39 -6.16
CA ASP C 84 -17.69 22.11 -4.90
C ASP C 84 -18.14 21.13 -3.81
N ALA C 85 -17.19 20.65 -3.02
CA ALA C 85 -17.49 19.62 -2.05
C ALA C 85 -18.45 20.12 -0.99
N SER C 86 -18.37 21.41 -0.64
CA SER C 86 -19.24 21.96 0.40
C SER C 86 -20.67 22.01 -0.09
N LEU C 87 -20.87 22.43 -1.31
CA LEU C 87 -22.21 22.44 -1.84
C LEU C 87 -22.72 21.03 -2.11
N GLY C 88 -21.84 20.10 -2.48
CA GLY C 88 -22.25 18.71 -2.57
C GLY C 88 -22.69 18.16 -1.22
N HIS C 89 -21.95 18.49 -0.19
CA HIS C 89 -22.27 18.08 1.16
C HIS C 89 -23.59 18.68 1.61
N LEU C 90 -23.77 19.99 1.44
CA LEU C 90 -25.02 20.61 1.88
C LEU C 90 -26.22 19.95 1.20
N PHE C 91 -26.12 19.78 -0.13
CA PHE C 91 -27.12 19.09 -0.96
C PHE C 91 -27.39 17.67 -0.48
N GLY C 92 -26.35 16.86 -0.32
CA GLY C 92 -26.53 15.48 0.14
C GLY C 92 -27.15 15.42 1.53
N TYR C 93 -26.71 16.30 2.42
CA TYR C 93 -27.26 16.25 3.77
C TYR C 93 -28.71 16.66 3.79
N HIS C 94 -29.09 17.60 2.92
CA HIS C 94 -30.51 17.90 2.77
C HIS C 94 -31.31 16.61 2.55
N PHE C 95 -30.82 15.72 1.70
CA PHE C 95 -31.53 14.48 1.42
C PHE C 95 -31.43 13.46 2.55
N SER C 96 -30.33 13.44 3.32
CA SER C 96 -30.33 12.68 4.56
C SER C 96 -31.40 13.17 5.53
N ASN C 97 -31.51 14.49 5.70
CA ASN C 97 -32.55 15.04 6.54
C ASN C 97 -33.94 14.72 5.99
N PHE C 98 -34.11 14.90 4.69
CA PHE C 98 -35.39 14.57 4.08
C PHE C 98 -35.74 13.10 4.31
N ALA C 99 -34.75 12.21 4.15
CA ALA C 99 -35.00 10.78 4.35
C ALA C 99 -35.50 10.49 5.76
N TYR C 100 -34.86 11.08 6.78
CA TYR C 100 -35.31 10.89 8.15
C TYR C 100 -36.75 11.38 8.31
N VAL C 101 -37.04 12.58 7.80
CA VAL C 101 -38.41 13.10 7.88
C VAL C 101 -39.37 12.14 7.21
N ASP C 102 -39.04 11.69 6.00
CA ASP C 102 -39.97 10.83 5.28
C ASP C 102 -40.16 9.50 6.01
N LEU C 103 -39.14 9.03 6.73
CA LEU C 103 -39.25 7.71 7.33
C LEU C 103 -40.03 7.74 8.62
N PHE C 104 -40.15 8.92 9.27
CA PHE C 104 -40.80 9.02 10.57
C PHE C 104 -42.04 9.90 10.58
N ALA C 105 -42.30 10.69 9.53
CA ALA C 105 -43.38 11.64 9.59
C ALA C 105 -44.74 10.95 9.45
N SER C 106 -45.73 11.56 10.08
CA SER C 106 -47.11 11.10 9.97
C SER C 106 -47.70 11.43 8.61
N PRO C 107 -48.81 10.78 8.23
CA PRO C 107 -49.47 11.18 6.96
C PRO C 107 -49.93 12.65 6.93
N GLU C 108 -50.40 13.20 8.04
CA GLU C 108 -50.81 14.62 8.01
C GLU C 108 -49.58 15.54 7.95
N GLN C 109 -48.50 15.19 8.65
CA GLN C 109 -47.26 15.95 8.50
C GLN C 109 -46.80 15.99 7.05
N LYS C 110 -46.84 14.85 6.36
CA LYS C 110 -46.40 14.85 4.96
C LYS C 110 -47.33 15.68 4.08
N ALA C 111 -48.65 15.58 4.34
CA ALA C 111 -49.63 16.34 3.56
C ALA C 111 -49.39 17.83 3.70
N ARG C 112 -48.94 18.29 4.87
CA ARG C 112 -48.68 19.73 5.03
C ARG C 112 -47.27 20.14 4.59
N TRP C 113 -46.25 19.41 5.09
CA TRP C 113 -44.86 19.82 4.91
C TRP C 113 -44.41 19.74 3.46
N TYR C 114 -44.84 18.71 2.73
CA TYR C 114 -44.17 18.50 1.46
C TYR C 114 -44.59 19.55 0.42
N PRO C 115 -45.87 19.94 0.33
CA PRO C 115 -46.19 21.06 -0.56
C PRO C 115 -45.59 22.36 -0.08
N GLN C 116 -45.52 22.56 1.23
CA GLN C 116 -44.86 23.74 1.79
C GLN C 116 -43.37 23.76 1.45
N ALA C 117 -42.73 22.59 1.45
CA ALA C 117 -41.31 22.51 1.11
C ALA C 117 -41.07 22.87 -0.34
N VAL C 118 -42.01 22.51 -1.23
CA VAL C 118 -41.92 22.90 -2.63
C VAL C 118 -42.20 24.39 -2.79
N ARG C 119 -43.30 24.87 -2.21
CA ARG C 119 -43.69 26.28 -2.28
C ARG C 119 -42.57 27.20 -1.81
N GLU C 120 -42.07 26.96 -0.60
CA GLU C 120 -41.10 27.84 0.03
C GLU C 120 -39.66 27.46 -0.29
N ARG C 121 -39.43 26.46 -1.13
CA ARG C 121 -38.09 26.05 -1.57
C ARG C 121 -37.18 25.74 -0.37
N TRP C 122 -37.64 24.80 0.44
CA TRP C 122 -36.93 24.46 1.67
C TRP C 122 -35.59 23.79 1.38
N PHE C 123 -34.55 24.28 2.05
CA PHE C 123 -33.23 23.68 2.08
C PHE C 123 -33.00 23.31 3.55
N LEU C 124 -32.97 22.01 3.86
CA LEU C 124 -32.93 21.53 5.24
C LEU C 124 -31.52 21.49 5.81
N GLY C 125 -31.40 21.77 7.11
CA GLY C 125 -30.18 21.55 7.86
C GLY C 125 -30.48 20.69 9.09
N ASN C 126 -29.45 20.44 9.91
CA ASN C 126 -29.70 19.59 11.07
C ASN C 126 -28.80 19.98 12.23
N ALA C 127 -29.27 19.63 13.43
CA ALA C 127 -28.55 19.86 14.68
C ALA C 127 -28.72 18.60 15.54
N SER C 128 -27.73 17.73 15.50
CA SER C 128 -27.88 16.34 15.97
C SER C 128 -26.75 15.93 16.89
N SER C 129 -25.50 16.09 16.43
CA SER C 129 -24.32 15.67 17.18
C SER C 129 -23.93 16.71 18.23
N GLU C 130 -23.14 16.27 19.22
CA GLU C 130 -22.69 17.10 20.33
C GLU C 130 -21.20 16.91 20.53
N ASN C 131 -20.60 17.80 21.32
CA ASN C 131 -19.16 17.71 21.60
C ASN C 131 -18.88 17.35 23.05
N ASN C 132 -19.35 16.18 23.48
CA ASN C 132 -19.15 15.71 24.83
C ASN C 132 -18.09 14.61 24.81
N ALA C 133 -18.03 13.79 25.87
CA ALA C 133 -16.89 12.90 26.09
C ALA C 133 -16.76 11.86 24.98
N HIS C 134 -17.88 11.45 24.39
CA HIS C 134 -17.89 10.53 23.24
C HIS C 134 -19.20 10.75 22.50
N VAL C 135 -19.29 10.13 21.31
CA VAL C 135 -20.42 10.40 20.41
C VAL C 135 -21.76 9.86 20.91
N LEU C 136 -21.80 8.98 21.91
CA LEU C 136 -23.07 8.58 22.53
C LEU C 136 -23.53 9.50 23.66
N ASP C 137 -22.72 10.50 24.03
CA ASP C 137 -22.94 11.30 25.23
C ASP C 137 -23.75 12.53 24.84
N TRP C 138 -25.09 12.40 24.81
CA TRP C 138 -25.98 13.49 24.41
C TRP C 138 -26.55 14.18 25.65
N ARG C 139 -26.51 15.52 25.66
CA ARG C 139 -26.96 16.30 26.79
C ARG C 139 -27.94 17.41 26.43
N VAL C 140 -28.21 17.66 25.14
CA VAL C 140 -29.30 18.54 24.75
C VAL C 140 -30.60 17.86 25.16
N THR C 141 -31.34 18.51 26.04
CA THR C 141 -32.52 17.94 26.67
C THR C 141 -33.80 18.45 26.05
N ALA C 142 -34.83 17.62 26.10
CA ALA C 142 -36.21 17.98 25.76
C ALA C 142 -37.02 17.83 27.04
N THR C 143 -37.52 18.96 27.59
CA THR C 143 -38.29 18.95 28.82
C THR C 143 -39.76 19.18 28.51
N PRO C 144 -40.68 18.39 29.05
CA PRO C 144 -42.08 18.54 28.67
C PRO C 144 -42.62 19.93 28.99
N LEU C 145 -43.45 20.42 28.09
CA LEU C 145 -44.25 21.61 28.34
C LEU C 145 -45.70 21.16 28.29
N PRO C 146 -46.66 22.04 28.57
CA PRO C 146 -48.07 21.64 28.47
C PRO C 146 -48.48 21.34 27.04
N ASP C 147 -49.56 20.57 26.95
CA ASP C 147 -50.20 20.24 25.69
C ASP C 147 -49.32 19.39 24.79
N GLY C 148 -48.30 18.75 25.37
CA GLY C 148 -47.46 17.83 24.61
C GLY C 148 -46.24 18.45 23.96
N SER C 149 -46.02 19.73 24.18
CA SER C 149 -44.82 20.39 23.67
C SER C 149 -43.60 20.03 24.51
N TYR C 150 -42.44 20.37 23.96
CA TYR C 150 -41.16 20.16 24.62
C TYR C 150 -40.37 21.45 24.56
N GLU C 151 -39.54 21.64 25.58
CA GLU C 151 -38.53 22.71 25.59
C GLU C 151 -37.14 22.12 25.38
N ILE C 152 -36.42 22.64 24.39
CA ILE C 152 -35.06 22.17 24.07
C ILE C 152 -34.03 23.13 24.65
N ASN C 153 -33.03 22.59 25.35
CA ASN C 153 -31.93 23.36 25.90
C ASN C 153 -30.62 22.63 25.67
N GLY C 154 -29.62 23.36 25.19
CA GLY C 154 -28.28 22.85 25.08
C GLY C 154 -27.63 23.22 23.76
N THR C 155 -26.36 22.83 23.57
CA THR C 155 -25.60 23.20 22.38
C THR C 155 -25.28 21.95 21.56
N LYS C 156 -25.56 22.01 20.26
CA LYS C 156 -25.19 20.98 19.29
C LYS C 156 -23.93 21.40 18.53
N ALA C 157 -23.17 20.39 18.11
CA ALA C 157 -21.97 20.56 17.33
C ALA C 157 -22.16 19.91 15.96
N PHE C 158 -21.37 20.39 14.98
CA PHE C 158 -21.36 19.83 13.62
C PHE C 158 -22.74 19.93 12.97
N CYS C 159 -23.34 21.12 13.07
CA CYS C 159 -24.71 21.30 12.63
C CYS C 159 -24.70 21.72 11.15
N SER C 160 -24.45 20.74 10.29
CA SER C 160 -24.29 21.04 8.86
C SER C 160 -25.53 21.74 8.29
N GLY C 161 -25.30 22.73 7.43
CA GLY C 161 -26.41 23.42 6.80
C GLY C 161 -27.28 24.18 7.77
N SER C 162 -26.78 24.48 8.97
CA SER C 162 -27.60 25.15 9.97
C SER C 162 -27.79 26.62 9.69
N ALA C 163 -26.92 27.22 8.88
CA ALA C 163 -27.09 28.61 8.44
C ALA C 163 -27.98 28.62 7.23
N ASP C 164 -28.84 29.64 7.14
CA ASP C 164 -29.71 29.82 5.98
C ASP C 164 -30.65 28.65 5.79
N ALA C 165 -30.96 27.92 6.86
CA ALA C 165 -31.81 26.75 6.76
C ALA C 165 -33.27 27.12 6.91
N ASP C 166 -34.10 26.58 6.03
CA ASP C 166 -35.54 26.81 6.15
C ASP C 166 -36.13 26.05 7.33
N ARG C 167 -35.63 24.83 7.58
CA ARG C 167 -35.99 24.05 8.75
C ARG C 167 -34.72 23.35 9.25
N LEU C 168 -34.69 23.11 10.55
CA LEU C 168 -33.65 22.31 11.19
C LEU C 168 -34.28 21.02 11.68
N LEU C 169 -33.65 19.91 11.33
CA LEU C 169 -33.91 18.62 11.96
C LEU C 169 -33.06 18.54 13.23
N VAL C 170 -33.73 18.47 14.37
CA VAL C 170 -33.09 18.61 15.67
C VAL C 170 -33.37 17.35 16.48
N PHE C 171 -32.36 16.91 17.26
CA PHE C 171 -32.46 15.75 18.13
C PHE C 171 -32.14 16.11 19.56
N ALA C 172 -32.92 15.55 20.49
CA ALA C 172 -32.74 15.77 21.92
C ALA C 172 -33.14 14.51 22.67
N VAL C 173 -32.83 14.51 23.97
CA VAL C 173 -33.17 13.41 24.87
C VAL C 173 -34.08 13.94 25.97
N THR C 174 -35.15 13.19 26.24
CA THR C 174 -36.15 13.64 27.20
C THR C 174 -35.53 13.74 28.59
N SER C 175 -36.02 14.73 29.35
CA SER C 175 -35.59 14.97 30.72
C SER C 175 -36.80 15.48 31.51
N ARG C 176 -36.83 15.13 32.79
CA ARG C 176 -37.96 15.49 33.67
C ARG C 176 -39.30 15.08 33.02
N ASP C 177 -39.31 13.91 32.41
CA ASP C 177 -40.43 13.49 31.56
C ASP C 177 -41.21 12.39 32.26
N PRO C 178 -42.47 12.60 32.66
CA PRO C 178 -43.20 11.53 33.36
C PRO C 178 -43.39 10.29 32.51
N ASN C 179 -43.41 10.44 31.19
CA ASN C 179 -43.51 9.33 30.26
C ASN C 179 -42.17 8.67 29.96
N GLY C 180 -41.10 9.01 30.68
CA GLY C 180 -39.78 8.36 30.56
C GLY C 180 -38.66 9.28 30.08
N ASP C 181 -37.56 9.27 30.84
CA ASP C 181 -36.37 10.07 30.57
C ASP C 181 -35.43 9.35 29.61
N GLY C 182 -34.58 10.14 28.95
CA GLY C 182 -33.56 9.57 28.11
C GLY C 182 -34.03 9.04 26.78
N ARG C 183 -35.28 9.33 26.39
CA ARG C 183 -35.79 8.92 25.11
C ARG C 183 -35.41 9.94 24.04
N ILE C 184 -35.01 9.46 22.87
CA ILE C 184 -34.60 10.36 21.78
C ILE C 184 -35.83 10.89 21.06
N VAL C 185 -35.94 12.23 20.99
CA VAL C 185 -36.96 12.93 20.22
C VAL C 185 -36.28 13.61 19.06
N ALA C 186 -36.94 13.62 17.91
CA ALA C 186 -36.50 14.41 16.77
C ALA C 186 -37.63 15.33 16.36
N ALA C 187 -37.28 16.52 15.90
CA ALA C 187 -38.28 17.49 15.47
C ALA C 187 -37.74 18.28 14.29
N LEU C 188 -38.67 18.82 13.50
CA LEU C 188 -38.35 19.67 12.37
C LEU C 188 -38.92 21.05 12.65
N ILE C 189 -38.05 22.04 12.88
CA ILE C 189 -38.48 23.34 13.37
C ILE C 189 -37.88 24.45 12.52
N PRO C 190 -38.48 25.63 12.57
CA PRO C 190 -37.87 26.81 11.93
C PRO C 190 -36.57 27.16 12.61
N SER C 191 -35.58 27.56 11.78
CA SER C 191 -34.27 27.92 12.28
C SER C 191 -34.26 29.27 12.97
N ASP C 192 -35.31 30.06 12.81
CA ASP C 192 -35.39 31.34 13.50
C ASP C 192 -36.41 31.32 14.63
N ARG C 193 -36.87 30.15 15.05
CA ARG C 193 -37.66 30.10 16.27
C ARG C 193 -36.90 30.76 17.41
N ALA C 194 -37.64 31.45 18.28
CA ALA C 194 -37.07 32.05 19.47
C ALA C 194 -36.19 31.08 20.24
N GLY C 195 -34.98 31.52 20.56
CA GLY C 195 -34.05 30.74 21.35
C GLY C 195 -33.11 29.85 20.57
N VAL C 196 -33.29 29.72 19.26
CA VAL C 196 -32.28 29.07 18.40
C VAL C 196 -31.19 30.10 18.06
N GLN C 197 -29.95 29.79 18.41
CA GLN C 197 -28.82 30.66 18.05
C GLN C 197 -27.79 29.86 17.27
N VAL C 198 -27.75 30.09 15.96
CA VAL C 198 -26.73 29.54 15.09
C VAL C 198 -25.45 30.33 15.33
N ASN C 199 -24.41 29.66 15.82
CA ASN C 199 -23.26 30.40 16.35
C ASN C 199 -22.21 30.82 15.31
N GLY C 200 -22.22 30.31 14.09
CA GLY C 200 -21.25 30.83 13.10
C GLY C 200 -19.78 30.61 13.46
N ASP C 201 -19.46 29.49 14.10
CA ASP C 201 -18.09 29.20 14.52
C ASP C 201 -17.44 28.08 13.70
N TRP C 202 -17.89 27.82 12.49
CA TRP C 202 -17.28 26.80 11.63
C TRP C 202 -16.07 27.38 10.93
N ASP C 203 -14.90 26.80 11.20
CA ASP C 203 -13.65 27.29 10.59
C ASP C 203 -12.74 26.06 10.44
N SER C 204 -12.91 25.36 9.34
CA SER C 204 -12.38 24.01 9.19
C SER C 204 -11.27 23.94 8.16
N LEU C 205 -10.50 22.86 8.22
CA LEU C 205 -9.48 22.58 7.20
C LEU C 205 -10.10 22.50 5.81
N GLY C 206 -11.12 21.67 5.65
CA GLY C 206 -11.86 21.49 4.42
C GLY C 206 -13.36 21.52 4.67
N MET C 207 -14.18 21.27 3.64
CA MET C 207 -15.62 21.44 3.78
C MET C 207 -15.92 22.82 4.37
N ARG C 208 -15.20 23.84 3.92
CA ARG C 208 -15.24 25.11 4.63
C ARG C 208 -16.56 25.88 4.48
N GLN C 209 -17.42 25.55 3.51
CA GLN C 209 -18.67 26.30 3.36
C GLN C 209 -19.90 25.46 3.70
N THR C 210 -19.76 24.46 4.56
CA THR C 210 -20.91 23.63 4.95
C THR C 210 -21.62 24.14 6.20
N ASP C 211 -21.12 25.23 6.81
CA ASP C 211 -21.71 25.82 8.01
C ASP C 211 -21.97 24.76 9.09
N SER C 212 -21.01 23.86 9.29
CA SER C 212 -21.15 22.78 10.28
C SER C 212 -20.72 23.18 11.67
N GLY C 213 -21.07 24.39 12.12
CA GLY C 213 -20.69 24.86 13.44
C GLY C 213 -21.70 24.47 14.49
N SER C 214 -21.61 25.15 15.65
CA SER C 214 -22.49 24.85 16.77
C SER C 214 -23.80 25.65 16.70
N VAL C 215 -24.84 25.10 17.34
CA VAL C 215 -26.12 25.78 17.49
C VAL C 215 -26.55 25.62 18.93
N THR C 216 -26.92 26.73 19.57
CA THR C 216 -27.30 26.74 20.98
C THR C 216 -28.82 26.92 21.05
N PHE C 217 -29.43 26.13 21.91
CA PHE C 217 -30.88 26.10 22.10
C PHE C 217 -31.17 26.61 23.51
N SER C 218 -31.88 27.75 23.62
CA SER C 218 -32.26 28.31 24.93
C SER C 218 -33.77 28.40 24.99
N GLY C 219 -34.38 27.52 25.78
CA GLY C 219 -35.84 27.54 25.94
C GLY C 219 -36.63 27.38 24.65
N VAL C 220 -36.14 26.56 23.72
CA VAL C 220 -36.80 26.47 22.42
C VAL C 220 -38.01 25.54 22.50
N VAL C 221 -39.16 26.05 22.12
CA VAL C 221 -40.40 25.28 22.15
C VAL C 221 -40.50 24.46 20.86
N VAL C 222 -40.87 23.19 21.03
CA VAL C 222 -41.16 22.24 19.96
C VAL C 222 -42.59 21.75 20.19
N TYR C 223 -43.38 21.88 19.22
CA TYR C 223 -44.79 21.53 19.25
C TYR C 223 -45.01 20.09 18.77
N PRO C 224 -46.09 19.45 19.22
CA PRO C 224 -46.35 18.05 18.82
C PRO C 224 -46.42 17.82 17.32
N ASP C 225 -46.99 18.74 16.56
CA ASP C 225 -47.03 18.54 15.11
C ASP C 225 -45.69 18.79 14.44
N GLU C 226 -44.65 19.07 15.23
CA GLU C 226 -43.29 19.12 14.71
C GLU C 226 -42.47 17.89 15.10
N LEU C 227 -43.01 17.02 15.96
CA LEU C 227 -42.25 15.86 16.42
C LEU C 227 -42.32 14.74 15.38
N LEU C 228 -41.19 14.09 15.17
CA LEU C 228 -41.07 13.05 14.14
C LEU C 228 -41.14 11.71 14.87
N GLY C 229 -42.36 11.23 15.07
CA GLY C 229 -42.58 10.06 15.88
C GLY C 229 -42.54 10.40 17.35
N THR C 230 -42.91 9.42 18.14
CA THR C 230 -42.93 9.60 19.57
C THR C 230 -41.50 9.46 20.12
N PRO C 231 -41.26 9.96 21.34
CA PRO C 231 -39.91 9.87 21.91
C PRO C 231 -39.49 8.42 22.10
N GLY C 232 -38.27 8.11 21.60
CA GLY C 232 -37.75 6.76 21.65
C GLY C 232 -38.15 5.87 20.49
N GLN C 233 -39.05 6.33 19.61
CA GLN C 233 -39.41 5.53 18.44
C GLN C 233 -38.19 5.20 17.58
N VAL C 234 -37.26 6.14 17.39
CA VAL C 234 -36.14 5.87 16.50
C VAL C 234 -35.29 4.72 17.04
N THR C 235 -35.13 4.64 18.36
CA THR C 235 -34.37 3.56 18.97
C THR C 235 -35.00 2.22 18.66
N ASP C 236 -36.33 2.13 18.74
CA ASP C 236 -37.03 0.90 18.43
C ASP C 236 -36.99 0.59 16.94
N ALA C 237 -37.18 1.60 16.10
CA ALA C 237 -37.18 1.37 14.66
C ALA C 237 -35.81 0.88 14.20
N PHE C 238 -34.73 1.45 14.73
CA PHE C 238 -33.39 1.02 14.33
C PHE C 238 -33.06 -0.34 14.91
N ALA C 239 -33.35 -0.56 16.20
CA ALA C 239 -33.02 -1.83 16.84
C ALA C 239 -33.78 -2.98 16.20
N SER C 240 -34.96 -2.72 15.66
CA SER C 240 -35.79 -3.78 15.12
C SER C 240 -35.56 -4.03 13.63
N GLY C 241 -34.81 -3.18 12.93
CA GLY C 241 -34.69 -3.27 11.48
C GLY C 241 -35.96 -2.93 10.73
N SER C 242 -36.84 -2.12 11.33
CA SER C 242 -37.98 -1.60 10.60
C SER C 242 -37.49 -0.67 9.48
N LYS C 243 -38.42 -0.19 8.70
CA LYS C 243 -38.08 0.57 7.50
C LYS C 243 -37.20 1.77 7.80
N PRO C 244 -37.39 2.50 8.89
CA PRO C 244 -36.50 3.65 9.16
C PRO C 244 -35.06 3.27 9.36
N SER C 245 -34.75 1.99 9.62
CA SER C 245 -33.35 1.61 9.73
C SER C 245 -32.60 1.73 8.39
N LEU C 246 -33.29 1.99 7.29
CA LEU C 246 -32.64 2.35 6.05
C LEU C 246 -31.97 3.73 6.09
N TRP C 247 -32.24 4.54 7.10
CA TRP C 247 -31.69 5.89 7.07
C TRP C 247 -30.17 5.85 7.03
N THR C 248 -29.58 4.92 7.76
CA THR C 248 -28.11 4.91 7.91
C THR C 248 -27.43 4.48 6.62
N PRO C 249 -27.78 3.35 5.99
CA PRO C 249 -27.13 3.05 4.70
C PRO C 249 -27.38 4.11 3.65
N ILE C 250 -28.59 4.70 3.60
CA ILE C 250 -28.84 5.81 2.68
C ILE C 250 -27.82 6.92 2.92
N THR C 251 -27.63 7.30 4.18
CA THR C 251 -26.83 8.47 4.48
C THR C 251 -25.33 8.17 4.29
N GLN C 252 -24.89 6.98 4.69
CA GLN C 252 -23.51 6.59 4.46
C GLN C 252 -23.21 6.47 2.98
N LEU C 253 -24.21 6.12 2.16
CA LEU C 253 -23.98 6.11 0.73
C LEU C 253 -23.94 7.52 0.16
N ILE C 254 -24.63 8.47 0.80
CA ILE C 254 -24.46 9.89 0.44
C ILE C 254 -23.00 10.30 0.65
N PHE C 255 -22.44 9.98 1.81
CA PHE C 255 -21.02 10.25 2.07
C PHE C 255 -20.13 9.61 1.02
N THR C 256 -20.39 8.34 0.67
CA THR C 256 -19.64 7.66 -0.38
C THR C 256 -19.63 8.43 -1.69
N HIS C 257 -20.77 8.96 -2.11
CA HIS C 257 -20.81 9.72 -3.36
C HIS C 257 -20.11 11.08 -3.26
N LEU C 258 -20.07 11.69 -2.07
CA LEU C 258 -19.19 12.84 -1.89
C LEU C 258 -17.73 12.49 -2.17
N TYR C 259 -17.27 11.33 -1.67
CA TYR C 259 -15.87 10.98 -1.84
C TYR C 259 -15.55 10.66 -3.29
N LEU C 260 -16.45 9.98 -3.98
CA LEU C 260 -16.26 9.68 -5.38
C LEU C 260 -16.33 10.93 -6.24
N GLY C 261 -17.22 11.86 -5.90
CA GLY C 261 -17.27 13.14 -6.60
C GLY C 261 -15.96 13.91 -6.47
N ILE C 262 -15.46 14.04 -5.24
CA ILE C 262 -14.19 14.71 -4.99
C ILE C 262 -13.07 14.02 -5.74
N ALA C 263 -13.05 12.68 -5.71
CA ALA C 263 -12.01 11.92 -6.40
C ALA C 263 -12.01 12.22 -7.89
N ARG C 264 -13.19 12.23 -8.51
CA ARG C 264 -13.30 12.50 -9.95
C ARG C 264 -12.92 13.93 -10.28
N GLY C 265 -13.43 14.90 -9.52
CA GLY C 265 -13.05 16.29 -9.76
C GLY C 265 -11.54 16.50 -9.63
N ALA C 266 -10.93 15.87 -8.63
CA ALA C 266 -9.49 16.00 -8.43
C ALA C 266 -8.71 15.39 -9.58
N LEU C 267 -9.08 14.17 -9.98
CA LEU C 267 -8.41 13.51 -11.09
C LEU C 267 -8.50 14.35 -12.36
N GLU C 268 -9.69 14.89 -12.67
CA GLU C 268 -9.86 15.68 -13.88
C GLU C 268 -9.10 17.01 -13.79
N GLU C 269 -9.04 17.62 -12.60
CA GLU C 269 -8.29 18.87 -12.48
C GLU C 269 -6.80 18.61 -12.63
N ALA C 270 -6.31 17.52 -12.06
CA ALA C 270 -4.90 17.20 -12.23
C ALA C 270 -4.58 16.98 -13.70
N ALA C 271 -5.41 16.18 -14.39
CA ALA C 271 -5.13 15.88 -15.79
C ALA C 271 -5.08 17.16 -16.63
N HIS C 272 -5.94 18.13 -16.32
CA HIS C 272 -5.86 19.42 -17.03
C HIS C 272 -4.50 20.09 -16.79
N TYR C 273 -4.04 20.11 -15.54
CA TYR C 273 -2.74 20.71 -15.25
C TYR C 273 -1.60 19.94 -15.93
N SER C 274 -1.63 18.61 -15.88
CA SER C 274 -0.61 17.80 -16.53
C SER C 274 -0.54 18.07 -18.03
N ARG C 275 -1.71 18.19 -18.67
CA ARG C 275 -1.71 18.45 -20.10
C ARG C 275 -1.17 19.84 -20.42
N SER C 276 -1.36 20.84 -19.56
CA SER C 276 -1.04 22.20 -19.97
C SER C 276 0.13 22.84 -19.23
N HIS C 277 0.56 22.32 -18.08
CA HIS C 277 1.58 23.02 -17.28
C HIS C 277 2.74 22.15 -16.85
N SER C 278 2.54 20.85 -16.71
CA SER C 278 3.64 19.99 -16.32
C SER C 278 4.76 20.03 -17.34
N ARG C 279 6.00 19.95 -16.83
CA ARG C 279 7.19 19.88 -17.66
C ARG C 279 7.68 18.44 -17.77
N PRO C 280 8.23 18.06 -18.91
CA PRO C 280 8.84 16.73 -19.02
C PRO C 280 10.15 16.69 -18.24
N PHE C 281 10.46 15.52 -17.70
CA PHE C 281 11.72 15.31 -17.00
C PHE C 281 12.78 14.95 -18.03
N THR C 282 13.19 15.98 -18.78
CA THR C 282 14.14 15.79 -19.89
C THR C 282 15.43 15.13 -19.44
N LEU C 283 15.77 15.19 -18.15
CA LEU C 283 16.95 14.49 -17.65
C LEU C 283 16.93 13.02 -18.00
N ALA C 284 15.74 12.42 -18.12
CA ALA C 284 15.58 11.01 -18.42
C ALA C 284 15.13 10.78 -19.85
N GLY C 285 15.23 11.78 -20.71
CA GLY C 285 14.85 11.62 -22.10
C GLY C 285 13.38 11.76 -22.40
N VAL C 286 12.57 12.23 -21.45
CA VAL C 286 11.15 12.46 -21.72
C VAL C 286 11.02 13.77 -22.48
N GLU C 287 10.20 13.76 -23.52
CA GLU C 287 9.92 14.96 -24.31
C GLU C 287 8.57 15.59 -23.96
N LYS C 288 7.62 14.81 -23.44
CA LYS C 288 6.30 15.31 -23.06
C LYS C 288 5.88 14.64 -21.76
N ALA C 289 5.49 15.45 -20.78
CA ALA C 289 5.04 14.90 -19.50
C ALA C 289 3.88 13.94 -19.68
N THR C 290 3.05 14.16 -20.70
CA THR C 290 1.88 13.33 -20.96
C THR C 290 2.24 11.98 -21.55
N GLU C 291 3.49 11.77 -21.94
CA GLU C 291 3.99 10.48 -22.37
C GLU C 291 4.95 9.86 -21.35
N ASP C 292 5.15 10.52 -20.22
CA ASP C 292 6.02 9.95 -19.20
C ASP C 292 5.43 8.67 -18.67
N PRO C 293 6.18 7.57 -18.60
CA PRO C 293 5.56 6.31 -18.21
C PRO C 293 5.05 6.30 -16.78
N TYR C 294 5.64 7.09 -15.90
CA TYR C 294 5.22 7.08 -14.51
C TYR C 294 4.08 8.05 -14.26
N VAL C 295 4.01 9.17 -14.99
CA VAL C 295 2.80 9.99 -14.99
C VAL C 295 1.62 9.16 -15.45
N LEU C 296 1.79 8.45 -16.56
CA LEU C 296 0.70 7.63 -17.09
C LEU C 296 0.27 6.55 -16.09
N ALA C 297 1.21 5.98 -15.33
CA ALA C 297 0.86 4.93 -14.39
C ALA C 297 0.00 5.47 -13.25
N ILE C 298 0.32 6.68 -12.77
CA ILE C 298 -0.44 7.29 -11.70
C ILE C 298 -1.89 7.52 -12.12
N TYR C 299 -2.07 8.13 -13.31
CA TYR C 299 -3.43 8.35 -13.80
C TYR C 299 -4.14 7.03 -14.05
N GLY C 300 -3.43 6.02 -14.53
CA GLY C 300 -4.08 4.75 -14.79
C GLY C 300 -4.53 4.03 -13.53
N GLU C 301 -3.66 3.97 -12.53
CA GLU C 301 -4.01 3.32 -11.27
C GLU C 301 -5.27 3.94 -10.68
N PHE C 302 -5.27 5.28 -10.59
CA PHE C 302 -6.38 5.98 -9.95
C PHE C 302 -7.64 6.02 -10.83
N ALA C 303 -7.52 6.27 -12.14
CA ALA C 303 -8.71 6.21 -12.98
C ALA C 303 -9.32 4.81 -12.95
N ALA C 304 -8.47 3.77 -12.88
CA ALA C 304 -8.99 2.40 -12.86
C ALA C 304 -9.78 2.11 -11.60
N GLN C 305 -9.26 2.53 -10.45
CA GLN C 305 -9.98 2.28 -9.21
C GLN C 305 -11.25 3.13 -9.15
N LEU C 306 -11.19 4.34 -9.70
CA LEU C 306 -12.36 5.21 -9.72
C LEU C 306 -13.48 4.60 -10.57
N GLN C 307 -13.15 4.08 -11.75
CA GLN C 307 -14.19 3.48 -12.60
C GLN C 307 -14.90 2.34 -11.87
N VAL C 308 -14.12 1.47 -11.22
CA VAL C 308 -14.67 0.30 -10.54
C VAL C 308 -15.49 0.73 -9.34
N ALA C 309 -14.99 1.71 -8.56
CA ALA C 309 -15.74 2.24 -7.43
C ALA C 309 -17.05 2.88 -7.89
N GLU C 310 -17.00 3.68 -8.97
CA GLU C 310 -18.20 4.35 -9.45
C GLU C 310 -19.23 3.34 -9.95
N ALA C 311 -18.80 2.39 -10.77
CA ALA C 311 -19.71 1.35 -11.24
C ALA C 311 -20.32 0.62 -10.06
N GLY C 312 -19.51 0.28 -9.07
CA GLY C 312 -20.02 -0.38 -7.89
C GLY C 312 -21.06 0.47 -7.17
N ALA C 313 -20.79 1.78 -7.04
CA ALA C 313 -21.70 2.67 -6.34
C ALA C 313 -23.05 2.74 -7.03
N ARG C 314 -23.08 2.65 -8.36
CA ARG C 314 -24.36 2.67 -9.08
C ARG C 314 -25.22 1.46 -8.71
N GLU C 315 -24.60 0.29 -8.60
CA GLU C 315 -25.36 -0.91 -8.23
C GLU C 315 -26.00 -0.76 -6.86
N VAL C 316 -25.23 -0.26 -5.88
CA VAL C 316 -25.74 -0.15 -4.53
C VAL C 316 -26.82 0.91 -4.45
N ALA C 317 -26.69 1.98 -5.25
CA ALA C 317 -27.71 3.00 -5.27
C ALA C 317 -29.05 2.43 -5.74
N LEU C 318 -29.01 1.56 -6.76
CA LEU C 318 -30.22 0.92 -7.28
C LEU C 318 -30.88 0.05 -6.21
N ARG C 319 -30.05 -0.62 -5.40
CA ARG C 319 -30.58 -1.43 -4.31
C ARG C 319 -31.24 -0.55 -3.25
N VAL C 320 -30.66 0.63 -2.98
CA VAL C 320 -31.32 1.57 -2.05
C VAL C 320 -32.73 1.86 -2.55
N GLN C 321 -32.88 2.17 -3.83
CA GLN C 321 -34.21 2.49 -4.36
C GLN C 321 -35.16 1.33 -4.19
N GLU C 322 -34.69 0.11 -4.48
CA GLU C 322 -35.55 -1.07 -4.42
C GLU C 322 -36.09 -1.26 -3.00
N LEU C 323 -35.23 -1.11 -2.01
CA LEU C 323 -35.67 -1.29 -0.64
C LEU C 323 -36.50 -0.12 -0.15
N TRP C 324 -36.17 1.09 -0.60
CA TRP C 324 -36.94 2.30 -0.28
C TRP C 324 -38.41 2.14 -0.66
N GLU C 325 -38.66 1.41 -1.73
CA GLU C 325 -40.02 1.17 -2.22
C GLU C 325 -40.72 0.01 -1.54
N ARG C 326 -40.02 -0.79 -0.75
CA ARG C 326 -40.64 -1.95 -0.12
C ARG C 326 -41.43 -1.53 1.11
N ASN C 327 -42.51 -2.26 1.38
CA ASN C 327 -43.29 -1.98 2.58
C ASN C 327 -42.53 -2.40 3.83
N HIS C 328 -41.89 -3.55 3.76
CA HIS C 328 -41.12 -4.09 4.88
C HIS C 328 -39.77 -4.54 4.36
N VAL C 329 -38.72 -4.29 5.15
CA VAL C 329 -37.37 -4.75 4.86
C VAL C 329 -36.91 -5.69 5.98
N THR C 330 -36.42 -6.85 5.61
CA THR C 330 -35.92 -7.78 6.62
C THR C 330 -34.57 -7.32 7.18
N PRO C 331 -34.21 -7.77 8.38
CA PRO C 331 -32.86 -7.47 8.89
C PRO C 331 -31.76 -7.93 7.96
N GLU C 332 -32.00 -9.03 7.23
CA GLU C 332 -31.01 -9.56 6.32
C GLU C 332 -30.86 -8.67 5.07
N GLN C 333 -31.98 -8.15 4.57
CA GLN C 333 -31.92 -7.19 3.47
C GLN C 333 -31.27 -5.88 3.91
N ARG C 334 -31.63 -5.38 5.09
CA ARG C 334 -31.06 -4.11 5.56
C ARG C 334 -29.58 -4.29 5.87
N GLY C 335 -29.24 -5.42 6.49
CA GLY C 335 -27.86 -5.69 6.84
C GLY C 335 -26.98 -5.92 5.63
N GLN C 336 -27.51 -6.62 4.63
CA GLN C 336 -26.75 -6.76 3.40
C GLN C 336 -26.50 -5.40 2.77
N LEU C 337 -27.53 -4.56 2.74
CA LEU C 337 -27.38 -3.24 2.15
C LEU C 337 -26.33 -2.42 2.89
N MET C 338 -26.36 -2.45 4.23
CA MET C 338 -25.40 -1.68 5.01
C MET C 338 -23.98 -2.17 4.75
N VAL C 339 -23.81 -3.49 4.56
CA VAL C 339 -22.49 -4.05 4.29
C VAL C 339 -22.00 -3.60 2.92
N GLN C 340 -22.88 -3.65 1.92
CA GLN C 340 -22.51 -3.15 0.60
C GLN C 340 -22.18 -1.66 0.64
N VAL C 341 -22.98 -0.88 1.38
CA VAL C 341 -22.71 0.56 1.51
C VAL C 341 -21.37 0.80 2.20
N ALA C 342 -21.17 0.14 3.34
CA ALA C 342 -19.91 0.28 4.07
C ALA C 342 -18.72 -0.10 3.19
N SER C 343 -18.86 -1.19 2.41
CA SER C 343 -17.80 -1.58 1.49
C SER C 343 -17.52 -0.45 0.51
N ALA C 344 -18.56 0.10 -0.11
CA ALA C 344 -18.37 1.19 -1.05
C ALA C 344 -17.68 2.38 -0.39
N LYS C 345 -18.05 2.68 0.86
CA LYS C 345 -17.49 3.85 1.52
C LYS C 345 -16.02 3.61 1.83
N ILE C 346 -15.67 2.39 2.25
CA ILE C 346 -14.28 2.05 2.54
C ILE C 346 -13.42 2.27 1.30
N VAL C 347 -13.83 1.67 0.19
CA VAL C 347 -13.00 1.76 -1.01
C VAL C 347 -12.90 3.21 -1.45
N ALA C 348 -14.03 3.94 -1.41
CA ALA C 348 -14.03 5.33 -1.85
C ALA C 348 -13.20 6.21 -0.91
N THR C 349 -13.18 5.88 0.39
CA THR C 349 -12.38 6.65 1.35
C THR C 349 -10.91 6.48 1.05
N ARG C 350 -10.46 5.22 0.95
CA ARG C 350 -9.06 4.98 0.63
C ARG C 350 -8.69 5.60 -0.69
N LEU C 351 -9.56 5.49 -1.68
CA LEU C 351 -9.27 6.03 -2.99
C LEU C 351 -9.08 7.53 -2.94
N VAL C 352 -10.05 8.27 -2.38
CA VAL C 352 -9.96 9.73 -2.43
C VAL C 352 -8.79 10.24 -1.60
N ILE C 353 -8.49 9.60 -0.46
CA ILE C 353 -7.39 10.10 0.37
C ILE C 353 -6.06 9.90 -0.33
N GLU C 354 -5.87 8.76 -0.99
CA GLU C 354 -4.60 8.54 -1.69
C GLU C 354 -4.46 9.44 -2.91
N LEU C 355 -5.48 9.44 -3.75
CA LEU C 355 -5.47 10.17 -5.01
C LEU C 355 -5.22 11.68 -4.81
N THR C 356 -5.93 12.31 -3.88
CA THR C 356 -5.84 13.76 -3.77
C THR C 356 -4.45 14.19 -3.25
N SER C 357 -3.71 13.29 -2.62
CA SER C 357 -2.33 13.57 -2.24
C SER C 357 -1.34 13.15 -3.33
N ARG C 358 -1.46 11.93 -3.88
CA ARG C 358 -0.44 11.39 -4.77
C ARG C 358 -0.44 12.01 -6.17
N LEU C 359 -1.55 12.62 -6.59
CA LEU C 359 -1.60 13.20 -7.92
C LEU C 359 -0.65 14.37 -8.08
N TYR C 360 -0.22 14.99 -6.99
CA TYR C 360 0.86 15.99 -7.10
C TYR C 360 2.08 15.40 -7.81
N GLU C 361 2.37 14.12 -7.57
CA GLU C 361 3.53 13.48 -8.20
C GLU C 361 3.38 13.36 -9.71
N ALA C 362 2.16 13.39 -10.23
CA ALA C 362 1.98 13.41 -11.66
C ALA C 362 2.01 14.82 -12.22
N MET C 363 1.89 15.84 -11.36
CA MET C 363 1.82 17.23 -11.79
C MET C 363 3.16 17.94 -11.69
N GLY C 364 3.90 17.75 -10.62
CA GLY C 364 5.19 18.40 -10.44
C GLY C 364 5.16 19.46 -9.36
N ALA C 365 6.36 19.96 -9.06
CA ALA C 365 6.53 20.84 -7.92
C ALA C 365 5.81 22.18 -8.06
N ARG C 366 5.64 22.70 -9.27
CA ARG C 366 5.00 24.00 -9.38
C ARG C 366 3.53 23.94 -9.07
N ALA C 367 2.93 22.75 -9.10
CA ALA C 367 1.57 22.60 -8.62
C ALA C 367 1.46 22.87 -7.12
N ALA C 368 2.49 22.55 -6.34
CA ALA C 368 2.49 22.90 -4.93
C ALA C 368 3.12 24.26 -4.68
N ALA C 369 4.06 24.65 -5.54
CA ALA C 369 4.84 25.86 -5.30
C ALA C 369 3.98 27.09 -5.43
N SER C 370 2.93 27.00 -6.23
CA SER C 370 1.97 28.06 -6.44
C SER C 370 0.71 27.78 -5.65
N ARG C 371 0.65 28.28 -4.41
CA ARG C 371 -0.49 28.06 -3.54
C ARG C 371 -1.81 28.34 -4.26
N GLN C 372 -1.84 29.37 -5.10
CA GLN C 372 -3.10 29.82 -5.67
C GLN C 372 -3.69 28.84 -6.68
N PHE C 373 -2.91 27.90 -7.24
CA PHE C 373 -3.50 26.81 -8.02
C PHE C 373 -4.61 26.12 -7.22
N GLY C 374 -4.44 25.98 -5.91
CA GLY C 374 -5.50 25.55 -5.01
C GLY C 374 -5.89 24.09 -5.08
N PHE C 375 -5.03 23.24 -5.65
CA PHE C 375 -5.38 21.83 -5.82
C PHE C 375 -5.58 21.12 -4.51
N ASP C 376 -4.96 21.62 -3.43
CA ASP C 376 -5.04 21.00 -2.12
C ASP C 376 -6.44 21.04 -1.54
N ARG C 377 -7.33 21.84 -2.14
CA ARG C 377 -8.71 21.83 -1.70
C ARG C 377 -9.28 20.43 -1.70
N PHE C 378 -8.95 19.63 -2.71
CA PHE C 378 -9.55 18.32 -2.83
C PHE C 378 -9.14 17.44 -1.66
N TRP C 379 -7.84 17.42 -1.34
CA TRP C 379 -7.38 16.70 -0.17
C TRP C 379 -7.97 17.26 1.11
N ARG C 380 -8.03 18.59 1.25
CA ARG C 380 -8.55 19.15 2.50
C ARG C 380 -10.00 18.76 2.70
N ASP C 381 -10.81 18.82 1.64
CA ASP C 381 -12.21 18.46 1.74
C ASP C 381 -12.38 16.99 2.08
N ALA C 382 -11.70 16.13 1.34
CA ALA C 382 -11.76 14.69 1.56
C ALA C 382 -11.19 14.31 2.92
N ARG C 383 -10.05 14.88 3.29
CA ARG C 383 -9.44 14.52 4.57
C ARG C 383 -10.33 14.90 5.75
N THR C 384 -11.01 16.04 5.64
CA THR C 384 -11.95 16.45 6.69
C THR C 384 -13.16 15.51 6.76
N HIS C 385 -13.86 15.32 5.64
CA HIS C 385 -15.13 14.61 5.69
C HIS C 385 -14.99 13.11 5.96
N THR C 386 -13.94 12.47 5.42
CA THR C 386 -13.79 11.03 5.65
C THR C 386 -13.66 10.69 7.14
N LEU C 387 -13.45 11.66 8.00
CA LEU C 387 -13.30 11.43 9.43
C LEU C 387 -14.63 11.48 10.18
N HIS C 388 -15.73 11.73 9.45
CA HIS C 388 -17.08 11.81 10.04
C HIS C 388 -17.32 10.69 11.02
N ASP C 389 -17.10 9.46 10.57
CA ASP C 389 -17.05 8.31 11.46
C ASP C 389 -15.90 7.43 10.99
N PRO C 390 -15.29 6.68 11.90
CA PRO C 390 -13.98 6.09 11.60
C PRO C 390 -14.08 4.90 10.65
N VAL C 391 -13.32 4.98 9.56
CA VAL C 391 -13.35 3.92 8.57
C VAL C 391 -12.86 2.61 9.14
N ALA C 392 -12.04 2.65 10.18
CA ALA C 392 -11.56 1.40 10.78
C ALA C 392 -12.72 0.55 11.29
N TYR C 393 -13.79 1.19 11.78
CA TYR C 393 -14.94 0.45 12.29
C TYR C 393 -15.93 0.09 11.21
N LYS C 394 -15.97 0.83 10.12
CA LYS C 394 -16.66 0.31 8.94
C LYS C 394 -15.97 -0.98 8.46
N ILE C 395 -14.64 -0.99 8.40
CA ILE C 395 -13.89 -2.20 8.04
C ILE C 395 -14.20 -3.33 9.01
N ARG C 396 -14.16 -3.03 10.31
CA ARG C 396 -14.49 -4.06 11.30
C ARG C 396 -15.89 -4.58 11.08
N GLU C 397 -16.84 -3.70 10.77
CA GLU C 397 -18.20 -4.14 10.55
C GLU C 397 -18.31 -5.08 9.34
N VAL C 398 -17.60 -4.77 8.26
CA VAL C 398 -17.64 -5.67 7.09
C VAL C 398 -16.98 -6.98 7.43
N GLY C 399 -15.90 -6.94 8.21
CA GLY C 399 -15.20 -8.16 8.58
C GLY C 399 -16.02 -9.05 9.50
N ASN C 400 -16.67 -8.45 10.50
CA ASN C 400 -17.60 -9.16 11.36
C ASN C 400 -18.73 -9.82 10.56
N TRP C 401 -19.24 -9.15 9.54
CA TRP C 401 -20.24 -9.79 8.71
C TRP C 401 -19.64 -10.98 7.95
N PHE C 402 -18.48 -10.76 7.31
CA PHE C 402 -17.96 -11.80 6.44
C PHE C 402 -17.50 -13.02 7.25
N LEU C 403 -16.81 -12.80 8.37
CA LEU C 403 -16.24 -13.89 9.13
C LEU C 403 -17.26 -14.54 10.06
N ASN C 404 -18.10 -13.72 10.70
CA ASN C 404 -18.97 -14.21 11.75
C ASN C 404 -20.44 -14.19 11.37
N HIS C 405 -20.75 -13.75 10.14
CA HIS C 405 -22.14 -13.65 9.67
C HIS C 405 -22.95 -12.75 10.58
N ARG C 406 -22.33 -11.71 11.12
CA ARG C 406 -23.05 -10.76 11.96
C ARG C 406 -23.21 -9.44 11.20
N PHE C 407 -24.45 -9.07 10.97
CA PHE C 407 -24.74 -7.77 10.39
C PHE C 407 -24.47 -6.65 11.40
N PRO C 408 -24.15 -5.45 10.93
CA PRO C 408 -23.90 -4.35 11.86
C PRO C 408 -25.16 -4.08 12.67
N THR C 409 -24.96 -3.67 13.91
CA THR C 409 -26.07 -3.30 14.75
C THR C 409 -26.55 -1.90 14.34
N PRO C 410 -27.79 -1.75 13.89
CA PRO C 410 -28.20 -0.45 13.38
C PRO C 410 -28.04 0.63 14.45
N SER C 411 -27.62 1.81 13.99
CA SER C 411 -27.42 2.98 14.85
C SER C 411 -27.37 4.20 13.93
N PHE C 412 -27.01 5.37 14.47
CA PHE C 412 -26.81 6.52 13.60
C PHE C 412 -25.53 6.42 12.77
N TYR C 413 -24.70 5.40 13.02
CA TYR C 413 -23.44 5.23 12.31
C TYR C 413 -23.31 3.92 11.56
N SER C 414 -24.14 2.94 11.87
CA SER C 414 -24.04 1.63 11.25
C SER C 414 -25.41 1.02 11.12
N HIS D 15 27.67 15.98 22.25
CA HIS D 15 26.26 16.28 22.01
C HIS D 15 25.96 17.79 22.15
N ARG D 16 26.98 18.62 22.30
CA ARG D 16 26.75 20.05 22.47
C ARG D 16 25.95 20.61 21.30
N ALA D 17 26.46 20.40 20.09
CA ALA D 17 25.82 20.94 18.90
C ALA D 17 24.38 20.46 18.82
N LEU D 18 24.15 19.17 19.08
CA LEU D 18 22.78 18.66 18.99
C LEU D 18 21.87 19.25 20.06
N ASP D 19 22.38 19.52 21.27
CA ASP D 19 21.56 20.18 22.29
C ASP D 19 21.18 21.58 21.87
N VAL D 20 22.10 22.33 21.26
CA VAL D 20 21.78 23.65 20.72
C VAL D 20 20.66 23.53 19.68
N ALA D 21 20.79 22.59 18.75
CA ALA D 21 19.75 22.38 17.75
C ALA D 21 18.40 22.05 18.40
N THR D 22 18.39 21.19 19.39
CA THR D 22 17.14 20.84 20.06
C THR D 22 16.48 22.05 20.69
N GLU D 23 17.28 22.93 21.32
CA GLU D 23 16.72 24.09 22.00
C GLU D 23 16.18 25.10 20.99
N LEU D 24 16.88 25.29 19.88
CA LEU D 24 16.35 26.09 18.78
C LEU D 24 15.02 25.55 18.30
N ALA D 25 14.94 24.24 18.12
CA ALA D 25 13.70 23.63 17.62
C ALA D 25 12.57 23.88 18.59
N LYS D 26 12.82 23.70 19.89
CA LYS D 26 11.81 23.93 20.91
C LYS D 26 11.25 25.33 20.83
N THR D 27 12.11 26.34 20.64
CA THR D 27 11.60 27.70 20.46
C THR D 27 10.80 27.83 19.18
N PHE D 28 11.30 27.27 18.07
CA PHE D 28 10.58 27.41 16.81
C PHE D 28 9.19 26.82 16.89
N ARG D 29 9.03 25.71 17.62
CA ARG D 29 7.73 25.07 17.74
C ARG D 29 6.68 26.01 18.32
N VAL D 30 7.07 26.88 19.24
CA VAL D 30 6.09 27.72 19.91
C VAL D 30 5.38 28.63 18.94
N THR D 31 6.06 29.07 17.87
CA THR D 31 5.54 30.12 17.00
C THR D 31 5.30 29.72 15.54
N VAL D 32 5.60 28.47 15.15
CA VAL D 32 5.57 28.10 13.73
C VAL D 32 4.15 28.20 13.15
N ARG D 33 3.14 27.81 13.91
CA ARG D 33 1.78 27.84 13.39
CA ARG D 33 1.78 27.83 13.38
C ARG D 33 1.41 29.22 12.87
N GLU D 34 1.66 30.26 13.68
CA GLU D 34 1.32 31.63 13.26
C GLU D 34 2.27 32.12 12.18
N ARG D 35 3.56 31.83 12.33
CA ARG D 35 4.51 32.36 11.38
C ARG D 35 4.28 31.84 9.98
N GLU D 36 4.01 30.53 9.82
CA GLU D 36 4.02 30.01 8.45
C GLU D 36 2.77 30.43 7.67
N ARG D 37 1.64 30.70 8.35
CA ARG D 37 0.49 31.27 7.65
C ARG D 37 0.87 32.54 6.91
N ALA D 38 1.59 33.42 7.59
CA ALA D 38 1.97 34.68 6.96
C ALA D 38 2.97 34.48 5.83
N GLY D 39 3.77 33.42 5.87
CA GLY D 39 4.76 33.31 4.79
C GLY D 39 5.85 34.35 5.07
N GLY D 40 6.54 34.74 4.01
CA GLY D 40 7.55 35.78 4.18
C GLY D 40 8.78 35.27 4.93
N THR D 41 9.62 36.21 5.34
CA THR D 41 10.96 35.86 5.79
C THR D 41 10.99 35.71 7.30
N PRO D 42 11.42 34.53 7.82
CA PRO D 42 11.53 34.34 9.30
C PRO D 42 12.84 34.92 9.83
N LYS D 43 12.93 36.25 9.75
CA LYS D 43 14.19 36.94 10.05
C LYS D 43 14.64 36.66 11.49
N ALA D 44 13.74 36.82 12.47
CA ALA D 44 14.12 36.59 13.86
C ALA D 44 14.65 35.17 14.08
N GLU D 45 14.08 34.20 13.36
CA GLU D 45 14.50 32.82 13.60
C GLU D 45 15.83 32.53 12.90
N ARG D 46 16.04 33.13 11.73
CA ARG D 46 17.33 33.04 11.06
C ARG D 46 18.42 33.66 11.94
N ASP D 47 18.12 34.80 12.57
CA ASP D 47 19.12 35.45 13.41
C ASP D 47 19.46 34.60 14.62
N ALA D 48 18.47 33.91 15.18
CA ALA D 48 18.73 32.96 16.27
C ALA D 48 19.61 31.79 15.79
N ILE D 49 19.45 31.37 14.54
CA ILE D 49 20.36 30.36 14.00
C ILE D 49 21.76 30.94 13.87
N ARG D 50 21.87 32.20 13.41
CA ARG D 50 23.17 32.88 13.35
C ARG D 50 23.86 32.88 14.71
N ARG D 51 23.13 33.26 15.75
CA ARG D 51 23.71 33.39 17.08
C ARG D 51 24.09 32.04 17.66
N SER D 52 23.42 30.95 17.23
CA SER D 52 23.69 29.61 17.73
C SER D 52 25.07 29.11 17.37
N GLY D 53 25.67 29.63 16.30
CA GLY D 53 26.91 29.08 15.77
C GLY D 53 26.76 27.88 14.85
N LEU D 54 25.59 27.26 14.76
CA LEU D 54 25.48 26.00 14.04
C LEU D 54 25.71 26.16 12.54
N LEU D 55 25.59 27.36 11.99
CA LEU D 55 25.89 27.55 10.59
C LEU D 55 27.35 27.23 10.28
N THR D 56 28.20 27.16 11.30
CA THR D 56 29.62 26.89 11.12
C THR D 56 29.97 25.46 11.45
N LEU D 57 28.98 24.56 11.50
CA LEU D 57 29.21 23.18 11.93
C LEU D 57 30.33 22.49 11.16
N LEU D 58 30.39 22.68 9.84
CA LEU D 58 31.37 21.96 9.03
C LEU D 58 32.66 22.76 8.80
N ILE D 59 32.71 24.02 9.23
CA ILE D 59 33.95 24.77 9.15
C ILE D 59 34.91 24.26 10.23
N SER D 60 36.16 23.97 9.85
CA SER D 60 37.14 23.46 10.80
C SER D 60 37.37 24.43 11.96
N LYS D 61 37.73 23.87 13.12
CA LYS D 61 38.05 24.73 14.27
C LYS D 61 39.19 25.68 13.95
N GLU D 62 40.13 25.24 13.13
CA GLU D 62 41.23 26.10 12.72
C GLU D 62 40.75 27.37 12.01
N ARG D 63 39.64 27.28 11.28
CA ARG D 63 39.07 28.44 10.59
C ARG D 63 37.96 29.08 11.40
N GLY D 64 37.82 28.69 12.66
CA GLY D 64 36.92 29.32 13.59
C GLY D 64 35.57 28.65 13.70
N GLY D 65 35.38 27.52 13.01
CA GLY D 65 34.12 26.82 13.04
C GLY D 65 34.07 25.80 14.16
N LEU D 66 33.05 24.93 14.09
CA LEU D 66 32.82 23.95 15.15
C LEU D 66 33.54 22.63 14.92
N GLY D 67 34.11 22.42 13.74
CA GLY D 67 34.82 21.19 13.43
C GLY D 67 33.97 19.95 13.56
N GLU D 68 32.70 20.01 13.21
CA GLU D 68 31.82 18.87 13.40
C GLU D 68 31.69 18.10 12.08
N SER D 69 30.89 17.06 12.12
CA SER D 69 30.75 16.08 11.05
C SER D 69 29.38 16.11 10.39
N TRP D 70 29.29 15.49 9.22
CA TRP D 70 28.00 15.34 8.54
C TRP D 70 26.96 14.61 9.38
N PRO D 71 27.25 13.50 10.07
CA PRO D 71 26.22 12.92 10.94
C PRO D 71 25.58 13.93 11.88
N THR D 72 26.36 14.84 12.45
CA THR D 72 25.80 15.83 13.36
C THR D 72 24.95 16.84 12.58
N VAL D 73 25.41 17.28 11.43
CA VAL D 73 24.64 18.21 10.62
C VAL D 73 23.29 17.60 10.25
N TYR D 74 23.30 16.34 9.78
CA TYR D 74 22.08 15.65 9.37
C TYR D 74 21.10 15.50 10.53
N GLU D 75 21.59 15.14 11.72
CA GLU D 75 20.70 15.06 12.88
C GLU D 75 20.14 16.43 13.25
N ALA D 76 20.96 17.48 13.15
CA ALA D 76 20.44 18.80 13.47
C ALA D 76 19.39 19.25 12.45
N ILE D 77 19.59 18.92 11.18
CA ILE D 77 18.61 19.28 10.15
C ILE D 77 17.27 18.63 10.45
N ALA D 78 17.29 17.33 10.72
CA ALA D 78 16.05 16.62 11.05
C ALA D 78 15.40 17.19 12.30
N GLU D 79 16.21 17.56 13.30
CA GLU D 79 15.64 18.04 14.54
C GLU D 79 14.92 19.37 14.34
N ILE D 80 15.55 20.29 13.62
CA ILE D 80 14.95 21.58 13.36
C ILE D 80 13.73 21.42 12.46
N ALA D 81 13.85 20.56 11.45
CA ALA D 81 12.74 20.37 10.55
C ALA D 81 11.53 19.78 11.26
N SER D 82 11.74 18.95 12.29
CA SER D 82 10.62 18.37 13.03
C SER D 82 9.77 19.45 13.70
N ALA D 83 10.38 20.59 13.98
CA ALA D 83 9.73 21.73 14.62
C ALA D 83 9.17 22.71 13.62
N ASP D 84 9.93 23.00 12.56
CA ASP D 84 9.58 24.03 11.58
C ASP D 84 10.29 23.64 10.29
N ALA D 85 9.51 23.14 9.33
CA ALA D 85 10.08 22.57 8.11
C ALA D 85 10.75 23.61 7.25
N SER D 86 10.27 24.86 7.31
CA SER D 86 10.89 25.92 6.52
C SER D 86 12.26 26.28 7.08
N LEU D 87 12.35 26.41 8.41
CA LEU D 87 13.65 26.64 9.02
C LEU D 87 14.60 25.47 8.81
N GLY D 88 14.09 24.24 8.91
CA GLY D 88 14.92 23.09 8.65
C GLY D 88 15.48 23.10 7.24
N HIS D 89 14.62 23.43 6.27
CA HIS D 89 15.04 23.56 4.88
C HIS D 89 16.08 24.63 4.68
N LEU D 90 15.81 25.85 5.18
CA LEU D 90 16.81 26.91 5.06
C LEU D 90 18.15 26.47 5.64
N PHE D 91 18.13 25.91 6.84
CA PHE D 91 19.35 25.43 7.50
C PHE D 91 20.02 24.34 6.66
N GLY D 92 19.22 23.38 6.21
CA GLY D 92 19.76 22.30 5.41
C GLY D 92 20.35 22.78 4.09
N TYR D 93 19.68 23.72 3.42
CA TYR D 93 20.17 24.18 2.14
C TYR D 93 21.41 25.01 2.30
N HIS D 94 21.51 25.76 3.40
CA HIS D 94 22.77 26.40 3.75
C HIS D 94 23.95 25.41 3.67
N PHE D 95 23.79 24.20 4.20
CA PHE D 95 24.85 23.21 4.11
C PHE D 95 25.01 22.61 2.71
N SER D 96 23.95 22.56 1.89
CA SER D 96 24.16 22.18 0.48
C SER D 96 24.99 23.24 -0.23
N ASN D 97 24.71 24.51 0.04
CA ASN D 97 25.48 25.58 -0.55
C ASN D 97 26.93 25.51 -0.07
N PHE D 98 27.12 25.29 1.24
CA PHE D 98 28.44 25.18 1.81
C PHE D 98 29.20 24.00 1.20
N ALA D 99 28.52 22.85 1.02
CA ALA D 99 29.16 21.69 0.41
C ALA D 99 29.71 22.02 -0.97
N TYR D 100 28.92 22.72 -1.78
CA TYR D 100 29.38 23.07 -3.11
C TYR D 100 30.63 23.95 -3.03
N VAL D 101 30.59 24.99 -2.20
CA VAL D 101 31.74 25.89 -2.06
C VAL D 101 32.95 25.07 -1.63
N ASP D 102 32.76 24.17 -0.66
CA ASP D 102 33.89 23.43 -0.12
C ASP D 102 34.52 22.51 -1.16
N LEU D 103 33.70 21.93 -2.03
CA LEU D 103 34.16 20.96 -3.02
C LEU D 103 34.82 21.62 -4.22
N PHE D 104 34.52 22.90 -4.49
CA PHE D 104 35.04 23.57 -5.66
C PHE D 104 35.96 24.74 -5.39
N ALA D 105 35.88 25.37 -4.22
CA ALA D 105 36.72 26.55 -3.98
C ALA D 105 38.18 26.15 -3.73
N SER D 106 39.08 27.08 -4.00
CA SER D 106 40.49 26.82 -3.74
C SER D 106 40.78 26.93 -2.25
N PRO D 107 41.87 26.33 -1.79
CA PRO D 107 42.25 26.52 -0.38
C PRO D 107 42.42 27.99 -0.01
N GLU D 108 42.97 28.79 -0.92
CA GLU D 108 43.15 30.20 -0.64
C GLU D 108 41.81 30.90 -0.47
N GLN D 109 40.83 30.55 -1.29
CA GLN D 109 39.49 31.12 -1.14
C GLN D 109 38.89 30.74 0.21
N LYS D 110 39.01 29.46 0.58
CA LYS D 110 38.38 29.01 1.81
C LYS D 110 39.06 29.61 3.04
N ALA D 111 40.37 29.86 2.94
CA ALA D 111 41.10 30.48 4.04
C ALA D 111 40.58 31.87 4.34
N ARG D 112 40.08 32.57 3.32
CA ARG D 112 39.50 33.90 3.50
C ARG D 112 38.01 33.81 3.85
N TRP D 113 37.25 33.02 3.08
CA TRP D 113 35.81 32.99 3.21
C TRP D 113 35.34 32.41 4.55
N TYR D 114 35.94 31.30 4.99
CA TYR D 114 35.37 30.59 6.14
C TYR D 114 35.55 31.37 7.43
N PRO D 115 36.71 31.94 7.74
CA PRO D 115 36.75 32.84 8.91
C PRO D 115 35.77 34.00 8.79
N GLN D 116 35.58 34.54 7.56
CA GLN D 116 34.63 35.64 7.36
C GLN D 116 33.20 35.17 7.63
N ALA D 117 32.88 33.94 7.21
CA ALA D 117 31.57 33.36 7.46
C ALA D 117 31.32 33.16 8.94
N VAL D 118 32.36 32.82 9.70
CA VAL D 118 32.21 32.69 11.15
C VAL D 118 31.93 34.05 11.76
N ARG D 119 32.81 35.00 11.46
CA ARG D 119 32.79 36.32 12.08
C ARG D 119 31.54 37.11 11.68
N GLU D 120 31.12 37.03 10.43
CA GLU D 120 29.92 37.75 10.02
C GLU D 120 28.64 36.92 10.12
N ARG D 121 28.70 35.69 10.64
CA ARG D 121 27.51 34.86 10.86
C ARG D 121 26.72 34.64 9.56
N TRP D 122 27.42 34.12 8.57
CA TRP D 122 26.84 33.98 7.25
C TRP D 122 25.78 32.86 7.22
N PHE D 123 24.63 33.18 6.64
CA PHE D 123 23.55 32.25 6.34
C PHE D 123 23.46 32.27 4.81
N LEU D 124 23.81 31.16 4.14
CA LEU D 124 23.93 31.13 2.67
C LEU D 124 22.59 30.87 1.99
N GLY D 125 22.39 31.50 0.84
CA GLY D 125 21.27 31.23 -0.03
C GLY D 125 21.74 30.85 -1.43
N ASN D 126 20.79 30.52 -2.30
CA ASN D 126 21.20 30.13 -3.64
C ASN D 126 20.23 30.63 -4.69
N ALA D 127 20.77 30.78 -5.89
CA ALA D 127 20.01 31.13 -7.09
C ALA D 127 20.57 30.26 -8.21
N SER D 128 19.88 29.14 -8.44
CA SER D 128 20.36 28.03 -9.26
C SER D 128 19.34 27.66 -10.32
N SER D 129 18.16 27.22 -9.89
CA SER D 129 17.16 26.70 -10.81
C SER D 129 16.47 27.83 -11.59
N GLU D 130 15.74 27.43 -12.64
CA GLU D 130 15.04 28.37 -13.51
C GLU D 130 13.68 27.80 -13.92
N ASN D 131 12.80 28.67 -14.37
CA ASN D 131 11.43 28.25 -14.70
C ASN D 131 11.25 28.09 -16.20
N ASN D 132 12.14 27.34 -16.85
CA ASN D 132 12.10 27.20 -18.30
C ASN D 132 11.41 25.88 -18.69
N ALA D 133 11.33 25.63 -20.01
CA ALA D 133 10.55 24.51 -20.51
C ALA D 133 10.92 23.20 -19.83
N HIS D 134 12.17 23.07 -19.41
CA HIS D 134 12.60 21.88 -18.67
C HIS D 134 13.84 22.23 -17.84
N VAL D 135 14.11 21.38 -16.85
CA VAL D 135 15.14 21.68 -15.86
C VAL D 135 16.54 21.63 -16.46
N LEU D 136 16.73 20.93 -17.58
CA LEU D 136 18.02 20.88 -18.26
C LEU D 136 18.18 22.03 -19.26
N ASP D 137 17.78 23.26 -18.91
CA ASP D 137 17.72 24.36 -19.89
C ASP D 137 17.89 25.68 -19.14
N TRP D 138 19.14 26.09 -18.96
CA TRP D 138 19.44 27.32 -18.24
C TRP D 138 19.65 28.47 -19.22
N ARG D 139 19.08 29.62 -18.88
CA ARG D 139 19.14 30.83 -19.69
C ARG D 139 19.74 32.01 -18.95
N VAL D 140 20.05 31.87 -17.66
CA VAL D 140 20.79 32.92 -16.96
C VAL D 140 22.24 32.86 -17.42
N THR D 141 22.76 33.98 -17.94
CA THR D 141 24.04 33.92 -18.65
C THR D 141 25.14 34.62 -17.88
N ALA D 142 26.37 34.17 -18.14
CA ALA D 142 27.60 34.79 -17.62
C ALA D 142 28.43 35.27 -18.82
N THR D 143 28.57 36.57 -18.98
CA THR D 143 29.32 37.12 -20.10
C THR D 143 30.72 37.49 -19.64
N PRO D 144 31.76 36.93 -20.24
CA PRO D 144 33.11 37.20 -19.74
C PRO D 144 33.55 38.59 -20.11
N LEU D 145 34.09 39.28 -19.15
CA LEU D 145 34.67 40.60 -19.30
C LEU D 145 36.18 40.48 -19.41
N PRO D 146 36.86 41.53 -19.86
CA PRO D 146 38.29 41.39 -20.18
C PRO D 146 39.15 41.09 -18.96
N ASP D 147 38.82 41.63 -17.79
CA ASP D 147 39.62 41.43 -16.58
C ASP D 147 39.46 40.05 -15.95
N GLY D 148 38.67 39.16 -16.51
CA GLY D 148 38.39 37.89 -15.87
C GLY D 148 37.12 37.90 -15.06
N SER D 149 36.45 39.04 -14.96
CA SER D 149 35.13 39.14 -14.36
C SER D 149 34.07 38.59 -15.30
N TYR D 150 32.86 38.44 -14.76
CA TYR D 150 31.70 38.12 -15.55
C TYR D 150 30.56 39.05 -15.20
N GLU D 151 29.65 39.18 -16.17
CA GLU D 151 28.39 39.87 -15.98
C GLU D 151 27.28 38.82 -16.05
N ILE D 152 26.47 38.75 -14.99
CA ILE D 152 25.35 37.83 -14.90
C ILE D 152 24.05 38.55 -15.31
N ASN D 153 23.25 37.90 -16.16
CA ASN D 153 21.96 38.44 -16.60
C ASN D 153 20.91 37.35 -16.66
N GLY D 154 19.74 37.62 -16.08
CA GLY D 154 18.61 36.72 -16.21
C GLY D 154 17.88 36.50 -14.91
N THR D 155 16.87 35.64 -14.92
CA THR D 155 16.05 35.38 -13.75
C THR D 155 16.14 33.92 -13.32
N LYS D 156 16.37 33.70 -12.03
CA LYS D 156 16.36 32.39 -11.40
C LYS D 156 15.05 32.17 -10.63
N ALA D 157 14.65 30.91 -10.54
CA ALA D 157 13.46 30.47 -9.80
C ALA D 157 13.86 29.57 -8.63
N PHE D 158 12.97 29.49 -7.64
CA PHE D 158 13.17 28.58 -6.49
C PHE D 158 14.48 28.90 -5.78
N CYS D 159 14.69 30.18 -5.49
CA CYS D 159 15.97 30.64 -4.92
C CYS D 159 15.87 30.60 -3.40
N SER D 160 15.90 29.38 -2.86
CA SER D 160 15.76 29.16 -1.43
C SER D 160 16.77 29.98 -0.64
N GLY D 161 16.29 30.57 0.45
CA GLY D 161 17.11 31.37 1.32
C GLY D 161 17.65 32.62 0.68
N SER D 162 17.04 33.09 -0.41
CA SER D 162 17.57 34.25 -1.11
C SER D 162 17.30 35.55 -0.35
N ALA D 163 16.26 35.58 0.48
CA ALA D 163 16.06 36.71 1.37
C ALA D 163 16.93 36.61 2.62
N ASP D 164 17.46 37.75 3.03
CA ASP D 164 18.27 37.85 4.24
C ASP D 164 19.54 37.01 4.14
N ALA D 165 19.99 36.73 2.92
CA ALA D 165 21.17 35.93 2.70
C ALA D 165 22.44 36.78 2.76
N ASP D 166 23.48 36.26 3.43
CA ASP D 166 24.76 36.98 3.44
C ASP D 166 25.55 36.79 2.16
N ARG D 167 25.39 35.64 1.52
CA ARG D 167 25.94 35.39 0.20
C ARG D 167 24.97 34.50 -0.55
N LEU D 168 24.97 34.63 -1.89
CA LEU D 168 24.22 33.75 -2.77
C LEU D 168 25.18 32.90 -3.56
N LEU D 169 24.93 31.61 -3.56
CA LEU D 169 25.56 30.70 -4.49
C LEU D 169 24.79 30.73 -5.80
N VAL D 170 25.43 31.25 -6.85
CA VAL D 170 24.80 31.58 -8.12
C VAL D 170 25.42 30.71 -9.21
N PHE D 171 24.57 30.14 -10.05
CA PHE D 171 24.98 29.36 -11.21
C PHE D 171 24.52 30.05 -12.50
N ALA D 172 25.40 30.04 -13.52
CA ALA D 172 25.10 30.67 -14.80
C ALA D 172 25.82 29.88 -15.89
N VAL D 173 25.42 30.10 -17.15
CA VAL D 173 26.10 29.46 -18.28
C VAL D 173 26.78 30.55 -19.12
N THR D 174 27.98 30.28 -19.61
CA THR D 174 28.73 31.28 -20.32
C THR D 174 28.00 31.66 -21.61
N SER D 175 28.13 32.93 -21.99
CA SER D 175 27.52 33.46 -23.19
C SER D 175 28.45 34.50 -23.80
N ARG D 176 28.41 34.63 -25.11
CA ARG D 176 29.29 35.59 -25.79
C ARG D 176 30.74 35.28 -25.44
N ASP D 177 31.05 34.01 -25.39
CA ASP D 177 32.31 33.53 -24.82
C ASP D 177 33.18 32.92 -25.92
N PRO D 178 34.30 33.53 -26.25
CA PRO D 178 35.14 32.97 -27.34
C PRO D 178 35.74 31.63 -27.00
N ASN D 179 35.76 31.27 -25.73
CA ASN D 179 36.31 30.00 -25.27
C ASN D 179 35.24 28.95 -25.06
N GLY D 180 34.01 29.23 -25.47
CA GLY D 180 32.96 28.24 -25.46
C GLY D 180 31.71 28.61 -24.69
N ASP D 181 30.57 28.67 -25.38
CA ASP D 181 29.32 29.04 -24.73
C ASP D 181 28.66 27.84 -24.04
N GLY D 182 27.79 28.14 -23.10
CA GLY D 182 27.07 27.07 -22.42
C GLY D 182 27.79 26.41 -21.25
N ARG D 183 28.98 26.85 -20.89
CA ARG D 183 29.72 26.22 -19.79
C ARG D 183 29.23 26.78 -18.45
N ILE D 184 29.08 25.91 -17.46
CA ILE D 184 28.50 26.32 -16.18
C ILE D 184 29.57 26.97 -15.30
N VAL D 185 29.26 28.17 -14.83
CA VAL D 185 30.06 28.87 -13.84
C VAL D 185 29.23 29.02 -12.57
N ALA D 186 29.93 29.02 -11.45
CA ALA D 186 29.32 29.19 -10.15
C ALA D 186 30.13 30.22 -9.37
N ALA D 187 29.42 30.99 -8.57
CA ALA D 187 30.05 32.05 -7.80
C ALA D 187 29.32 32.24 -6.49
N LEU D 188 30.03 32.88 -5.55
CA LEU D 188 29.52 33.17 -4.23
C LEU D 188 29.62 34.68 -4.09
N ILE D 189 28.47 35.35 -4.05
CA ILE D 189 28.45 36.81 -4.15
C ILE D 189 27.54 37.41 -3.10
N PRO D 190 27.76 38.67 -2.74
CA PRO D 190 26.82 39.36 -1.85
C PRO D 190 25.44 39.46 -2.47
N SER D 191 24.39 39.32 -1.63
CA SER D 191 23.02 39.37 -2.13
C SER D 191 22.58 40.78 -2.46
N ASP D 192 23.31 41.79 -1.98
CA ASP D 192 22.99 43.19 -2.24
C ASP D 192 23.93 43.80 -3.25
N ARG D 193 24.67 42.98 -4.00
CA ARG D 193 25.46 43.55 -5.06
C ARG D 193 24.54 44.19 -6.09
N ALA D 194 24.98 45.32 -6.64
CA ALA D 194 24.20 46.04 -7.64
C ALA D 194 23.71 45.11 -8.74
N GLY D 195 22.42 45.24 -9.09
CA GLY D 195 21.83 44.43 -10.12
C GLY D 195 21.14 43.17 -9.63
N VAL D 196 21.36 42.79 -8.38
CA VAL D 196 20.65 41.65 -7.78
C VAL D 196 19.34 42.17 -7.23
N GLN D 197 18.24 41.57 -7.67
CA GLN D 197 16.90 41.91 -7.19
C GLN D 197 16.20 40.64 -6.75
N VAL D 198 16.08 40.44 -5.44
CA VAL D 198 15.30 39.35 -4.87
C VAL D 198 13.83 39.76 -4.90
N ASN D 199 13.00 38.98 -5.61
CA ASN D 199 11.66 39.45 -5.98
C ASN D 199 10.56 39.14 -4.98
N GLY D 200 10.80 38.31 -3.97
CA GLY D 200 9.80 38.13 -2.92
C GLY D 200 8.43 37.68 -3.41
N ASP D 201 8.41 36.73 -4.34
CA ASP D 201 7.19 36.23 -4.96
C ASP D 201 6.90 34.77 -4.59
N TRP D 202 7.35 34.33 -3.43
CA TRP D 202 7.16 32.95 -2.99
C TRP D 202 5.87 32.86 -2.19
N ASP D 203 4.91 32.08 -2.69
CA ASP D 203 3.60 31.93 -2.06
C ASP D 203 3.11 30.52 -2.37
N SER D 204 3.44 29.59 -1.49
CA SER D 204 3.39 28.16 -1.78
C SER D 204 2.44 27.44 -0.83
N LEU D 205 2.14 26.20 -1.19
CA LEU D 205 1.29 25.34 -0.36
C LEU D 205 1.93 25.10 0.99
N GLY D 206 3.18 24.66 0.97
CA GLY D 206 3.97 24.43 2.17
C GLY D 206 5.36 25.00 1.99
N MET D 207 6.26 24.71 2.95
N MET D 207 6.27 24.72 2.93
CA MET D 207 7.58 25.34 2.98
CA MET D 207 7.59 25.35 2.91
C MET D 207 7.44 26.85 2.80
C MET D 207 7.46 26.87 2.79
N ARG D 208 6.46 27.43 3.49
CA ARG D 208 6.04 28.79 3.22
C ARG D 208 7.03 29.86 3.66
N GLN D 209 8.02 29.54 4.47
CA GLN D 209 9.00 30.55 4.91
C GLN D 209 10.42 30.25 4.42
N THR D 210 10.56 29.54 3.31
CA THR D 210 11.87 29.25 2.72
C THR D 210 12.34 30.30 1.73
N ASP D 211 11.49 31.30 1.43
CA ASP D 211 11.82 32.38 0.52
C ASP D 211 12.35 31.83 -0.80
N SER D 212 11.72 30.77 -1.30
CA SER D 212 12.20 30.14 -2.54
C SER D 212 11.58 30.79 -3.77
N GLY D 213 11.56 32.13 -3.81
CA GLY D 213 11.05 32.89 -4.92
C GLY D 213 12.10 33.07 -5.99
N SER D 214 11.84 34.01 -6.89
CA SER D 214 12.73 34.28 -8.01
C SER D 214 13.68 35.44 -7.71
N VAL D 215 14.81 35.44 -8.43
CA VAL D 215 15.86 36.46 -8.28
C VAL D 215 16.32 36.85 -9.67
N THR D 216 16.25 38.14 -9.98
CA THR D 216 16.62 38.68 -11.29
C THR D 216 17.98 39.37 -11.21
N PHE D 217 18.84 39.06 -12.16
CA PHE D 217 20.20 39.61 -12.22
C PHE D 217 20.26 40.55 -13.41
N SER D 218 20.55 41.83 -13.15
CA SER D 218 20.70 42.83 -14.18
C SER D 218 22.14 43.33 -14.17
N GLY D 219 22.92 42.93 -15.16
CA GLY D 219 24.30 43.40 -15.27
C GLY D 219 25.14 43.17 -14.02
N VAL D 220 24.97 42.01 -13.37
CA VAL D 220 25.61 41.77 -12.09
C VAL D 220 27.04 41.31 -12.32
N VAL D 221 27.96 42.01 -11.71
CA VAL D 221 29.38 41.71 -11.88
C VAL D 221 29.76 40.60 -10.91
N VAL D 222 30.51 39.62 -11.42
CA VAL D 222 31.16 38.61 -10.60
C VAL D 222 32.67 38.73 -10.82
N TYR D 223 33.40 38.89 -9.75
CA TYR D 223 34.86 39.04 -9.75
C TYR D 223 35.60 37.69 -9.74
N PRO D 224 36.81 37.66 -10.30
CA PRO D 224 37.46 36.36 -10.44
C PRO D 224 37.61 35.63 -9.12
N ASP D 225 37.85 36.34 -8.03
CA ASP D 225 38.05 35.69 -6.74
C ASP D 225 36.76 35.25 -6.09
N GLU D 226 35.62 35.42 -6.77
CA GLU D 226 34.33 34.92 -6.30
C GLU D 226 33.91 33.66 -7.02
N LEU D 227 34.62 33.27 -8.08
CA LEU D 227 34.28 32.13 -8.90
C LEU D 227 34.72 30.81 -8.24
N LEU D 228 33.89 29.79 -8.43
CA LEU D 228 34.12 28.45 -7.87
C LEU D 228 34.56 27.55 -9.02
N GLY D 229 35.85 27.27 -9.08
CA GLY D 229 36.35 26.48 -10.18
C GLY D 229 36.35 27.28 -11.49
N THR D 230 36.54 26.55 -12.57
CA THR D 230 36.63 27.13 -13.90
C THR D 230 35.35 26.82 -14.67
N PRO D 231 35.09 27.50 -15.77
CA PRO D 231 33.83 27.27 -16.49
C PRO D 231 33.72 25.82 -16.96
N GLY D 232 32.58 25.22 -16.70
CA GLY D 232 32.36 23.84 -17.04
C GLY D 232 33.04 22.83 -16.16
N GLN D 233 33.80 23.27 -15.15
CA GLN D 233 34.44 22.30 -14.26
C GLN D 233 33.42 21.39 -13.56
N VAL D 234 32.26 21.91 -13.16
CA VAL D 234 31.29 21.05 -12.47
C VAL D 234 30.80 19.96 -13.40
N THR D 235 30.63 20.28 -14.68
CA THR D 235 30.21 19.28 -15.65
C THR D 235 31.27 18.20 -15.81
N ASP D 236 32.54 18.61 -15.84
CA ASP D 236 33.64 17.66 -15.93
C ASP D 236 33.69 16.77 -14.70
N ALA D 237 33.46 17.34 -13.52
CA ALA D 237 33.44 16.55 -12.29
C ALA D 237 32.29 15.54 -12.29
N PHE D 238 31.09 15.97 -12.68
CA PHE D 238 29.95 15.05 -12.79
C PHE D 238 30.25 13.92 -13.75
N ALA D 239 30.67 14.27 -14.97
CA ALA D 239 30.95 13.27 -15.99
C ALA D 239 32.09 12.34 -15.59
N SER D 240 32.93 12.74 -14.63
CA SER D 240 34.01 11.88 -14.14
C SER D 240 33.64 11.10 -12.90
N GLY D 241 32.55 11.45 -12.22
CA GLY D 241 32.21 10.78 -10.98
C GLY D 241 33.24 11.04 -9.91
N SER D 242 33.96 12.15 -9.99
CA SER D 242 34.98 12.52 -9.02
C SER D 242 34.38 13.17 -7.77
N LYS D 243 35.25 13.53 -6.83
CA LYS D 243 34.81 13.94 -5.50
C LYS D 243 33.79 15.07 -5.52
N PRO D 244 33.94 16.11 -6.35
CA PRO D 244 32.93 17.19 -6.31
C PRO D 244 31.55 16.73 -6.70
N SER D 245 31.42 15.61 -7.43
CA SER D 245 30.10 15.04 -7.67
C SER D 245 29.47 14.43 -6.40
N LEU D 246 30.15 14.43 -5.25
CA LEU D 246 29.46 14.10 -4.00
C LEU D 246 28.44 15.12 -3.61
N TRP D 247 28.44 16.31 -4.23
CA TRP D 247 27.47 17.33 -3.87
C TRP D 247 26.05 16.79 -3.93
N THR D 248 25.75 15.88 -4.88
CA THR D 248 24.36 15.49 -5.10
C THR D 248 23.90 14.50 -4.03
N PRO D 249 24.61 13.39 -3.77
CA PRO D 249 24.20 12.54 -2.66
C PRO D 249 24.16 13.28 -1.32
N ILE D 250 25.11 14.20 -1.07
CA ILE D 250 25.06 15.00 0.14
C ILE D 250 23.74 15.77 0.22
N THR D 251 23.38 16.45 -0.85
CA THR D 251 22.19 17.29 -0.84
C THR D 251 20.91 16.45 -0.80
N GLN D 252 20.87 15.34 -1.55
CA GLN D 252 19.71 14.48 -1.54
C GLN D 252 19.54 13.84 -0.18
N LEU D 253 20.63 13.66 0.56
CA LEU D 253 20.44 13.13 1.91
C LEU D 253 19.98 14.24 2.86
N ILE D 254 20.33 15.51 2.58
CA ILE D 254 19.74 16.61 3.33
C ILE D 254 18.22 16.56 3.21
N PHE D 255 17.72 16.47 1.96
CA PHE D 255 16.28 16.36 1.74
C PHE D 255 15.69 15.19 2.52
N THR D 256 16.36 14.03 2.45
CA THR D 256 15.91 12.86 3.18
C THR D 256 15.69 13.18 4.65
N HIS D 257 16.59 13.94 5.25
CA HIS D 257 16.47 14.24 6.67
C HIS D 257 15.38 15.27 6.96
N LEU D 258 15.09 16.15 6.01
CA LEU D 258 13.89 16.96 6.12
C LEU D 258 12.65 16.08 6.19
N TYR D 259 12.57 15.07 5.32
CA TYR D 259 11.38 14.22 5.29
C TYR D 259 11.26 13.39 6.55
N LEU D 260 12.38 12.88 7.07
CA LEU D 260 12.32 12.13 8.32
C LEU D 260 11.99 13.05 9.49
N GLY D 261 12.52 14.28 9.48
CA GLY D 261 12.22 15.21 10.56
C GLY D 261 10.75 15.61 10.60
N ILE D 262 10.18 15.93 9.43
CA ILE D 262 8.75 16.23 9.33
C ILE D 262 7.93 15.02 9.79
N ALA D 263 8.36 13.82 9.40
CA ALA D 263 7.62 12.63 9.79
C ALA D 263 7.58 12.49 11.31
N ARG D 264 8.73 12.67 11.95
CA ARG D 264 8.80 12.51 13.39
C ARG D 264 8.02 13.61 14.08
N GLY D 265 8.11 14.85 13.58
CA GLY D 265 7.33 15.92 14.18
C GLY D 265 5.84 15.69 14.07
N ALA D 266 5.38 15.27 12.90
CA ALA D 266 3.97 15.01 12.71
C ALA D 266 3.50 13.88 13.62
N LEU D 267 4.30 12.82 13.74
CA LEU D 267 3.88 11.72 14.56
C LEU D 267 3.80 12.12 16.04
N GLU D 268 4.76 12.93 16.52
CA GLU D 268 4.70 13.35 17.91
C GLU D 268 3.52 14.28 18.17
N GLU D 269 3.29 15.23 17.26
CA GLU D 269 2.15 16.14 17.42
C GLU D 269 0.84 15.37 17.39
N ALA D 270 0.69 14.41 16.47
CA ALA D 270 -0.52 13.59 16.45
C ALA D 270 -0.72 12.89 17.78
N ALA D 271 0.34 12.28 18.32
CA ALA D 271 0.17 11.47 19.53
C ALA D 271 -0.22 12.34 20.73
N HIS D 272 0.31 13.56 20.80
CA HIS D 272 -0.13 14.48 21.83
C HIS D 272 -1.62 14.76 21.75
N TYR D 273 -2.13 14.98 20.54
CA TYR D 273 -3.56 15.15 20.35
C TYR D 273 -4.32 13.88 20.72
N SER D 274 -3.84 12.72 20.26
CA SER D 274 -4.52 11.47 20.63
C SER D 274 -4.57 11.27 22.14
N ARG D 275 -3.50 11.62 22.86
CA ARG D 275 -3.53 11.45 24.31
C ARG D 275 -4.41 12.49 25.00
N SER D 276 -4.55 13.68 24.43
CA SER D 276 -5.16 14.82 25.11
C SER D 276 -6.58 15.14 24.65
N HIS D 277 -6.95 14.80 23.42
CA HIS D 277 -8.18 15.34 22.86
C HIS D 277 -9.03 14.28 22.17
N SER D 278 -8.43 13.20 21.67
CA SER D 278 -9.22 12.20 20.97
C SER D 278 -10.24 11.59 21.92
N ARG D 279 -11.41 11.25 21.38
CA ARG D 279 -12.46 10.62 22.15
C ARG D 279 -12.54 9.15 21.81
N PRO D 280 -12.94 8.30 22.76
CA PRO D 280 -13.08 6.87 22.46
C PRO D 280 -14.32 6.59 21.62
N PHE D 281 -14.22 5.60 20.74
CA PHE D 281 -15.34 5.22 19.89
C PHE D 281 -16.17 4.22 20.69
N THR D 282 -16.97 4.78 21.62
CA THR D 282 -17.81 3.99 22.51
C THR D 282 -18.86 3.18 21.76
N LEU D 283 -19.26 3.58 20.56
CA LEU D 283 -20.12 2.70 19.76
C LEU D 283 -19.59 1.28 19.77
N ALA D 284 -18.27 1.13 19.73
CA ALA D 284 -17.64 -0.17 19.63
C ALA D 284 -17.04 -0.65 20.94
N GLY D 285 -17.37 -0.01 22.06
CA GLY D 285 -16.92 -0.49 23.36
C GLY D 285 -15.55 -0.02 23.78
N VAL D 286 -14.97 0.96 23.08
CA VAL D 286 -13.68 1.49 23.47
C VAL D 286 -13.89 2.50 24.60
N GLU D 287 -13.04 2.41 25.62
CA GLU D 287 -13.12 3.31 26.76
C GLU D 287 -12.11 4.44 26.69
N LYS D 288 -10.95 4.20 26.06
CA LYS D 288 -9.91 5.21 25.90
C LYS D 288 -9.35 5.15 24.48
N ALA D 289 -9.29 6.30 23.82
CA ALA D 289 -8.73 6.33 22.47
C ALA D 289 -7.33 5.76 22.41
N THR D 290 -6.53 5.99 23.46
CA THR D 290 -5.15 5.53 23.49
C THR D 290 -5.03 4.02 23.64
N GLU D 291 -6.15 3.33 23.84
CA GLU D 291 -6.20 1.88 23.89
C GLU D 291 -6.94 1.30 22.70
N ASP D 292 -7.41 2.14 21.78
CA ASP D 292 -8.11 1.64 20.59
C ASP D 292 -7.12 0.84 19.74
N PRO D 293 -7.44 -0.40 19.33
CA PRO D 293 -6.45 -1.19 18.58
C PRO D 293 -6.09 -0.58 17.22
N TYR D 294 -7.04 0.08 16.57
CA TYR D 294 -6.70 0.66 15.27
C TYR D 294 -5.86 1.93 15.39
N VAL D 295 -6.13 2.73 16.43
CA VAL D 295 -5.27 3.87 16.76
C VAL D 295 -3.86 3.38 17.04
N LEU D 296 -3.75 2.32 17.84
CA LEU D 296 -2.43 1.79 18.19
C LEU D 296 -1.71 1.24 16.96
N ALA D 297 -2.47 0.63 16.04
CA ALA D 297 -1.85 0.06 14.84
C ALA D 297 -1.31 1.15 13.91
N ILE D 298 -1.99 2.29 13.83
CA ILE D 298 -1.52 3.40 12.99
C ILE D 298 -0.21 3.95 13.55
N TYR D 299 -0.14 4.23 14.85
CA TYR D 299 1.12 4.71 15.40
C TYR D 299 2.22 3.66 15.28
N GLY D 300 1.89 2.39 15.53
CA GLY D 300 2.90 1.35 15.46
C GLY D 300 3.46 1.17 14.06
N GLU D 301 2.60 1.16 13.03
CA GLU D 301 3.10 0.98 11.68
C GLU D 301 4.03 2.10 11.28
N PHE D 302 3.60 3.35 11.49
CA PHE D 302 4.40 4.48 11.05
C PHE D 302 5.63 4.66 11.94
N ALA D 303 5.47 4.47 13.26
CA ALA D 303 6.62 4.57 14.15
C ALA D 303 7.69 3.53 13.80
N ALA D 304 7.26 2.31 13.48
CA ALA D 304 8.21 1.27 13.09
C ALA D 304 8.98 1.65 11.84
N GLN D 305 8.27 2.10 10.80
CA GLN D 305 8.92 2.45 9.56
C GLN D 305 9.91 3.59 9.79
N LEU D 306 9.54 4.55 10.65
CA LEU D 306 10.44 5.64 10.98
C LEU D 306 11.69 5.16 11.72
N GLN D 307 11.55 4.25 12.68
CA GLN D 307 12.74 3.74 13.37
C GLN D 307 13.73 3.13 12.38
N VAL D 308 13.24 2.30 11.45
CA VAL D 308 14.13 1.63 10.50
C VAL D 308 14.78 2.65 9.59
N ALA D 309 13.98 3.59 9.06
CA ALA D 309 14.50 4.60 8.16
C ALA D 309 15.53 5.48 8.84
N GLU D 310 15.27 5.87 10.10
CA GLU D 310 16.21 6.70 10.83
C GLU D 310 17.51 5.95 11.14
N ALA D 311 17.42 4.65 11.46
CA ALA D 311 18.62 3.86 11.69
C ALA D 311 19.44 3.74 10.41
N GLY D 312 18.78 3.39 9.31
CA GLY D 312 19.49 3.32 8.05
C GLY D 312 20.08 4.64 7.62
N ALA D 313 19.39 5.75 7.90
CA ALA D 313 19.92 7.05 7.48
C ALA D 313 21.22 7.36 8.20
N ARG D 314 21.34 6.95 9.47
CA ARG D 314 22.56 7.19 10.24
C ARG D 314 23.75 6.47 9.64
N GLU D 315 23.54 5.26 9.11
CA GLU D 315 24.64 4.57 8.45
C GLU D 315 25.08 5.30 7.18
N VAL D 316 24.13 5.76 6.36
CA VAL D 316 24.53 6.48 5.15
C VAL D 316 25.20 7.81 5.49
N ALA D 317 24.74 8.49 6.55
CA ALA D 317 25.40 9.73 6.95
C ALA D 317 26.87 9.48 7.31
N LEU D 318 27.18 8.36 7.94
CA LEU D 318 28.58 8.10 8.26
C LEU D 318 29.39 7.89 6.99
N ARG D 319 28.79 7.26 5.99
CA ARG D 319 29.50 7.07 4.73
C ARG D 319 29.72 8.39 4.03
N VAL D 320 28.79 9.35 4.14
CA VAL D 320 29.05 10.67 3.58
C VAL D 320 30.30 11.26 4.22
N GLN D 321 30.40 11.16 5.55
CA GLN D 321 31.53 11.75 6.26
C GLN D 321 32.83 11.10 5.82
N GLU D 322 32.83 9.78 5.66
CA GLU D 322 34.03 9.06 5.23
C GLU D 322 34.54 9.59 3.91
N LEU D 323 33.67 9.62 2.89
CA LEU D 323 34.12 10.11 1.59
C LEU D 323 34.44 11.60 1.62
N TRP D 324 33.67 12.35 2.39
CA TRP D 324 33.95 13.78 2.53
C TRP D 324 35.40 14.01 2.94
N GLU D 325 35.95 13.11 3.75
CA GLU D 325 37.30 13.28 4.28
C GLU D 325 38.39 12.78 3.36
N ARG D 326 38.05 12.06 2.29
CA ARG D 326 39.04 11.55 1.35
C ARG D 326 39.55 12.62 0.39
N ASN D 327 40.83 12.51 0.02
CA ASN D 327 41.37 13.37 -1.04
C ASN D 327 40.80 13.04 -2.41
N HIS D 328 40.52 11.77 -2.66
CA HIS D 328 40.03 11.32 -3.94
C HIS D 328 38.90 10.32 -3.73
N VAL D 329 37.89 10.41 -4.59
CA VAL D 329 36.73 9.55 -4.52
C VAL D 329 36.54 8.94 -5.90
N THR D 330 36.35 7.63 -5.97
CA THR D 330 36.14 7.00 -7.26
C THR D 330 34.69 7.08 -7.69
N PRO D 331 34.43 6.88 -8.98
CA PRO D 331 33.03 6.82 -9.42
C PRO D 331 32.22 5.71 -8.77
N GLU D 332 32.87 4.61 -8.38
CA GLU D 332 32.16 3.50 -7.77
C GLU D 332 31.79 3.83 -6.33
N GLN D 333 32.68 4.47 -5.58
CA GLN D 333 32.33 4.97 -4.25
C GLN D 333 31.19 5.98 -4.32
N ARG D 334 31.29 6.96 -5.20
CA ARG D 334 30.24 7.97 -5.33
C ARG D 334 28.93 7.35 -5.77
N GLY D 335 28.99 6.45 -6.75
CA GLY D 335 27.79 5.80 -7.25
C GLY D 335 27.12 4.91 -6.22
N GLN D 336 27.90 4.16 -5.44
CA GLN D 336 27.31 3.35 -4.39
C GLN D 336 26.64 4.22 -3.35
N LEU D 337 27.28 5.33 -2.99
CA LEU D 337 26.67 6.22 -2.02
C LEU D 337 25.36 6.82 -2.55
N MET D 338 25.34 7.25 -3.82
CA MET D 338 24.14 7.87 -4.37
C MET D 338 22.98 6.88 -4.37
N VAL D 339 23.25 5.61 -4.66
CA VAL D 339 22.22 4.56 -4.58
C VAL D 339 21.66 4.43 -3.17
N GLN D 340 22.53 4.44 -2.17
CA GLN D 340 22.11 4.36 -0.77
C GLN D 340 21.31 5.59 -0.37
N VAL D 341 21.74 6.78 -0.82
CA VAL D 341 20.99 7.99 -0.56
C VAL D 341 19.63 7.93 -1.26
N ALA D 342 19.64 7.56 -2.53
CA ALA D 342 18.40 7.54 -3.28
C ALA D 342 17.40 6.61 -2.59
N SER D 343 17.88 5.44 -2.15
CA SER D 343 17.04 4.50 -1.42
C SER D 343 16.46 5.14 -0.18
N ALA D 344 17.29 5.79 0.65
CA ALA D 344 16.75 6.43 1.84
C ALA D 344 15.74 7.51 1.46
N LYS D 345 15.97 8.23 0.35
CA LYS D 345 15.04 9.30 0.00
C LYS D 345 13.70 8.74 -0.44
N ILE D 346 13.70 7.64 -1.21
CA ILE D 346 12.47 6.99 -1.65
C ILE D 346 11.62 6.59 -0.45
N VAL D 347 12.22 5.81 0.45
CA VAL D 347 11.54 5.33 1.64
C VAL D 347 11.03 6.49 2.50
N ALA D 348 11.87 7.52 2.71
CA ALA D 348 11.44 8.64 3.54
C ALA D 348 10.30 9.41 2.87
N THR D 349 10.37 9.55 1.53
CA THR D 349 9.29 10.23 0.81
C THR D 349 7.97 9.50 1.00
N ARG D 350 7.95 8.19 0.75
CA ARG D 350 6.71 7.42 0.88
C ARG D 350 6.19 7.54 2.31
N LEU D 351 7.08 7.44 3.29
CA LEU D 351 6.67 7.46 4.67
C LEU D 351 6.03 8.80 5.06
N VAL D 352 6.71 9.91 4.74
CA VAL D 352 6.20 11.19 5.24
C VAL D 352 4.88 11.56 4.54
N ILE D 353 4.75 11.21 3.26
CA ILE D 353 3.53 11.51 2.51
C ILE D 353 2.35 10.73 3.06
N GLU D 354 2.55 9.44 3.36
CA GLU D 354 1.46 8.61 3.88
C GLU D 354 1.10 9.02 5.29
N LEU D 355 2.11 9.23 6.12
CA LEU D 355 1.89 9.44 7.53
C LEU D 355 1.17 10.77 7.77
N THR D 356 1.62 11.84 7.13
CA THR D 356 1.07 13.17 7.42
C THR D 356 -0.40 13.29 7.01
N SER D 357 -0.86 12.42 6.10
CA SER D 357 -2.27 12.35 5.75
C SER D 357 -3.03 11.34 6.63
N ARG D 358 -2.45 10.17 6.88
CA ARG D 358 -3.21 9.12 7.53
C ARG D 358 -3.36 9.31 9.03
N LEU D 359 -2.45 10.05 9.67
CA LEU D 359 -2.53 10.16 11.12
C LEU D 359 -3.82 10.85 11.57
N TYR D 360 -4.47 11.60 10.70
CA TYR D 360 -5.79 12.15 11.02
C TYR D 360 -6.72 11.05 11.50
N GLU D 361 -6.59 9.87 10.93
CA GLU D 361 -7.44 8.75 11.30
C GLU D 361 -7.19 8.29 12.73
N ALA D 362 -6.02 8.57 13.30
CA ALA D 362 -5.79 8.28 14.71
C ALA D 362 -6.22 9.41 15.63
N MET D 363 -6.58 10.58 15.11
CA MET D 363 -6.93 11.70 15.96
C MET D 363 -8.43 11.96 16.00
N GLY D 364 -9.11 11.89 14.86
CA GLY D 364 -10.55 12.06 14.77
C GLY D 364 -10.91 13.32 14.00
N ALA D 365 -12.22 13.46 13.76
CA ALA D 365 -12.70 14.55 12.91
C ALA D 365 -12.36 15.94 13.44
N ARG D 366 -12.34 16.13 14.77
CA ARG D 366 -12.14 17.49 15.26
C ARG D 366 -10.73 18.01 15.04
N ALA D 367 -9.75 17.14 14.80
CA ALA D 367 -8.43 17.59 14.39
C ALA D 367 -8.46 18.27 13.02
N ALA D 368 -9.40 17.90 12.15
CA ALA D 368 -9.57 18.63 10.90
C ALA D 368 -10.67 19.69 10.96
N ALA D 369 -11.70 19.51 11.76
CA ALA D 369 -12.79 20.49 11.78
C ALA D 369 -12.36 21.82 12.39
N SER D 370 -11.31 21.82 13.19
CA SER D 370 -10.76 23.02 13.77
C SER D 370 -9.50 23.38 13.00
N ARG D 371 -9.65 24.25 12.01
CA ARG D 371 -8.52 24.62 11.17
C ARG D 371 -7.33 25.08 11.99
N GLN D 372 -7.59 25.76 13.10
CA GLN D 372 -6.47 26.37 13.80
C GLN D 372 -5.58 25.36 14.51
N PHE D 373 -6.00 24.11 14.65
CA PHE D 373 -5.06 23.12 15.13
C PHE D 373 -3.82 23.05 14.22
N GLY D 374 -4.02 23.21 12.91
CA GLY D 374 -2.91 23.43 11.99
C GLY D 374 -2.07 22.20 11.68
N PHE D 375 -2.61 21.00 11.88
CA PHE D 375 -1.82 19.79 11.71
C PHE D 375 -1.50 19.54 10.25
N ASP D 376 -2.32 20.09 9.36
CA ASP D 376 -2.15 19.93 7.92
C ASP D 376 -0.85 20.55 7.44
N ARG D 377 -0.22 21.42 8.26
CA ARG D 377 1.09 21.96 7.90
C ARG D 377 2.09 20.86 7.58
N PHE D 378 2.07 19.75 8.31
CA PHE D 378 3.03 18.70 8.05
C PHE D 378 2.86 18.17 6.65
N TRP D 379 1.61 17.87 6.25
CA TRP D 379 1.38 17.34 4.91
C TRP D 379 1.72 18.38 3.85
N ARG D 380 1.36 19.65 4.11
CA ARG D 380 1.61 20.69 3.12
C ARG D 380 3.10 20.85 2.87
N ASP D 381 3.91 20.89 3.95
CA ASP D 381 5.37 21.02 3.82
C ASP D 381 5.97 19.81 3.11
N ALA D 382 5.60 18.60 3.57
CA ALA D 382 6.14 17.40 2.96
C ALA D 382 5.69 17.26 1.50
N ARG D 383 4.42 17.50 1.23
CA ARG D 383 3.92 17.35 -0.13
C ARG D 383 4.60 18.32 -1.08
N THR D 384 4.93 19.51 -0.58
CA THR D 384 5.61 20.48 -1.43
C THR D 384 7.04 20.04 -1.68
N HIS D 385 7.78 19.73 -0.63
CA HIS D 385 9.21 19.53 -0.80
C HIS D 385 9.52 18.23 -1.55
N THR D 386 8.76 17.16 -1.30
CA THR D 386 9.01 15.87 -1.95
C THR D 386 8.93 15.94 -3.47
N LEU D 387 8.41 17.01 -4.02
CA LEU D 387 8.31 17.18 -5.47
C LEU D 387 9.53 17.82 -6.07
N HIS D 388 10.52 18.16 -5.23
CA HIS D 388 11.73 18.83 -5.67
C HIS D 388 12.29 18.22 -6.95
N ASP D 389 12.45 16.90 -6.93
CA ASP D 389 12.72 16.10 -8.11
C ASP D 389 11.91 14.83 -7.99
N PRO D 390 11.59 14.19 -9.12
CA PRO D 390 10.59 13.11 -9.12
C PRO D 390 11.10 11.82 -8.49
N VAL D 391 10.40 11.35 -7.45
CA VAL D 391 10.80 10.11 -6.78
C VAL D 391 10.69 8.94 -7.75
N ALA D 392 9.84 9.04 -8.77
CA ALA D 392 9.78 7.96 -9.76
C ALA D 392 11.14 7.70 -10.41
N TYR D 393 11.92 8.76 -10.65
CA TYR D 393 13.23 8.56 -11.27
C TYR D 393 14.32 8.22 -10.27
N LYS D 394 14.14 8.51 -8.98
CA LYS D 394 15.00 7.90 -7.96
C LYS D 394 14.79 6.39 -7.90
N ILE D 395 13.54 5.98 -8.03
CA ILE D 395 13.20 4.56 -8.07
C ILE D 395 13.80 3.90 -9.30
N ARG D 396 13.66 4.53 -10.47
CA ARG D 396 14.30 3.99 -11.67
C ARG D 396 15.80 3.86 -11.47
N GLU D 397 16.43 4.87 -10.88
CA GLU D 397 17.87 4.87 -10.72
C GLU D 397 18.33 3.72 -9.84
N VAL D 398 17.59 3.45 -8.76
CA VAL D 398 17.95 2.34 -7.91
C VAL D 398 17.72 1.02 -8.63
N GLY D 399 16.66 0.93 -9.43
CA GLY D 399 16.38 -0.31 -10.15
C GLY D 399 17.38 -0.57 -11.28
N ASN D 400 17.79 0.48 -11.99
CA ASN D 400 18.77 0.37 -13.04
C ASN D 400 20.12 -0.08 -12.47
N TRP D 401 20.42 0.35 -11.25
CA TRP D 401 21.62 -0.13 -10.57
C TRP D 401 21.48 -1.60 -10.19
N PHE D 402 20.43 -1.95 -9.46
CA PHE D 402 20.26 -3.32 -9.01
C PHE D 402 20.13 -4.28 -10.19
N LEU D 403 19.35 -3.93 -11.21
CA LEU D 403 19.12 -4.89 -12.29
C LEU D 403 20.24 -4.89 -13.31
N ASN D 404 20.73 -3.72 -13.70
CA ASN D 404 21.68 -3.60 -14.80
C ASN D 404 23.08 -3.20 -14.35
N HIS D 405 23.32 -3.08 -13.03
CA HIS D 405 24.63 -2.70 -12.50
C HIS D 405 25.11 -1.38 -13.10
N ARG D 406 24.20 -0.45 -13.36
CA ARG D 406 24.55 0.89 -13.84
C ARG D 406 24.30 1.89 -12.72
N PHE D 407 25.36 2.60 -12.32
CA PHE D 407 25.21 3.67 -11.35
C PHE D 407 24.49 4.86 -11.97
N PRO D 408 23.82 5.66 -11.16
CA PRO D 408 23.17 6.85 -11.71
C PRO D 408 24.16 7.77 -12.41
N THR D 409 23.71 8.40 -13.47
CA THR D 409 24.55 9.36 -14.13
C THR D 409 24.61 10.60 -13.25
N PRO D 410 25.80 11.04 -12.84
CA PRO D 410 25.85 12.21 -11.93
C PRO D 410 25.33 13.46 -12.59
N SER D 411 24.59 14.25 -11.82
CA SER D 411 23.99 15.49 -12.28
C SER D 411 23.54 16.24 -11.04
N PHE D 412 22.89 17.40 -11.26
CA PHE D 412 22.39 18.14 -10.12
C PHE D 412 21.26 17.43 -9.39
N TYR D 413 20.69 16.40 -9.98
CA TYR D 413 19.62 15.63 -9.37
C TYR D 413 19.94 14.17 -9.07
N SER D 414 20.95 13.60 -9.68
CA SER D 414 21.23 12.17 -9.51
C SER D 414 22.72 11.91 -9.38
N1 FMN E . 8.45 -22.17 18.57
C2 FMN E . 9.46 -22.50 19.43
O2 FMN E . 9.24 -22.44 20.65
N3 FMN E . 10.69 -22.90 18.96
C4 FMN E . 10.91 -22.95 17.60
O4 FMN E . 12.02 -23.32 17.19
C4A FMN E . 9.88 -22.62 16.71
N5 FMN E . 10.09 -22.69 15.35
C5A FMN E . 9.08 -22.36 14.47
C6 FMN E . 9.32 -22.43 13.09
C7 FMN E . 8.32 -22.10 12.19
C7M FMN E . 8.65 -22.19 10.72
C8 FMN E . 7.07 -21.69 12.67
C8M FMN E . 5.92 -21.32 11.76
C9 FMN E . 6.82 -21.63 14.04
C9A FMN E . 7.82 -21.95 14.96
N10 FMN E . 7.59 -21.87 16.34
C10 FMN E . 8.63 -22.22 17.20
C1' FMN E . 6.21 -21.52 16.91
C2' FMN E . 5.57 -20.15 16.87
O2' FMN E . 6.28 -19.28 17.72
C3' FMN E . 4.12 -20.26 17.35
O3' FMN E . 3.99 -21.29 18.31
C4' FMN E . 3.12 -20.52 16.22
O4' FMN E . 3.29 -19.51 15.25
C5' FMN E . 1.66 -20.55 16.71
O5' FMN E . 0.72 -20.94 15.70
P FMN E . -0.74 -20.24 15.49
O1P FMN E . -0.47 -18.81 15.01
O2P FMN E . -1.58 -21.00 14.49
O3P FMN E . -1.52 -20.25 16.79
HN3 FMN E . 11.41 -23.26 19.62
H6 FMN E . 10.30 -22.75 12.73
HM71 FMN E . 7.78 -21.89 10.14
HM72 FMN E . 8.93 -23.21 10.48
HM73 FMN E . 9.48 -21.51 10.50
HM81 FMN E . 5.05 -21.05 12.35
HM82 FMN E . 5.68 -22.17 11.11
HM83 FMN E . 6.22 -20.48 11.13
H9 FMN E . 5.84 -21.33 14.41
H1'1 FMN E . 5.51 -22.20 16.43
H1'2 FMN E . 6.24 -21.82 17.96
H2' FMN E . 5.59 -19.77 15.85
HO2' FMN E . 5.68 -18.94 18.42
H3' FMN E . 3.84 -19.31 17.82
H4' FMN E . 3.35 -21.49 15.77
HO4' FMN E . 2.44 -19.05 15.10
H5'1 FMN E . 1.38 -19.56 17.09
H5'2 FMN E . 1.57 -21.25 17.55
S SO4 F . 23.98 4.04 26.63
O1 SO4 F . 24.74 3.48 25.50
O2 SO4 F . 23.91 5.46 26.40
O3 SO4 F . 24.63 3.70 27.88
O4 SO4 F . 22.61 3.53 26.68
S SO4 G . 28.23 -1.64 32.74
O1 SO4 G . 27.44 -0.53 32.19
O2 SO4 G . 29.05 -2.24 31.68
O3 SO4 G . 29.12 -1.21 33.82
O4 SO4 G . 27.30 -2.60 33.33
S SO4 H . 31.77 -15.54 30.67
O1 SO4 H . 31.44 -16.04 29.32
O2 SO4 H . 32.78 -16.38 31.28
O3 SO4 H . 32.29 -14.17 30.58
O4 SO4 H . 30.60 -15.60 31.53
N1 FMN I . -1.80 -17.64 -24.74
C2 FMN I . -2.62 -18.03 -25.75
O2 FMN I . -2.47 -17.55 -26.88
N3 FMN I . -3.60 -18.97 -25.50
C4 FMN I . -3.76 -19.49 -24.23
O4 FMN I . -4.64 -20.33 -24.05
C4A FMN I . -2.92 -19.07 -23.19
N5 FMN I . -3.06 -19.58 -21.92
C5A FMN I . -2.23 -19.16 -20.89
C6 FMN I . -2.42 -19.73 -19.62
C7 FMN I . -1.61 -19.35 -18.56
C7M FMN I . -1.88 -20.00 -17.23
C8 FMN I . -0.61 -18.40 -18.80
C8M FMN I . 0.27 -17.95 -17.70
C9 FMN I . -0.41 -17.84 -20.05
C9A FMN I . -1.21 -18.22 -21.14
N10 FMN I . -1.06 -17.67 -22.44
C10 FMN I . -1.92 -18.13 -23.45
C1' FMN I . 0.01 -16.68 -22.95
C2' FMN I . 0.59 -15.51 -22.20
O2' FMN I . 0.18 -14.43 -22.99
C3' FMN I . 2.12 -15.60 -22.20
O3' FMN I . 2.51 -16.76 -21.50
C4' FMN I . 2.86 -14.38 -21.59
O4' FMN I . 2.58 -13.16 -22.25
C5' FMN I . 4.38 -14.62 -21.65
O5' FMN I . 5.09 -13.81 -20.72
P FMN I . 6.69 -13.95 -20.73
O1P FMN I . 7.35 -12.68 -20.23
O2P FMN I . 7.06 -15.16 -19.90
O3P FMN I . 7.20 -14.18 -22.13
HN3 FMN I . -4.23 -19.30 -26.27
H6 FMN I . -3.24 -20.43 -19.46
HM71 FMN I . -1.18 -19.60 -16.50
HM72 FMN I . -2.90 -19.77 -16.91
HM73 FMN I . -1.75 -21.08 -17.31
HM81 FMN I . 0.98 -17.21 -18.08
HM82 FMN I . -0.32 -17.51 -16.90
HM83 FMN I . 0.83 -18.80 -17.30
H9 FMN I . 0.38 -17.10 -20.19
H1'1 FMN I . 0.85 -17.29 -23.25
H1'2 FMN I . -0.39 -16.27 -23.88
H2' FMN I . 0.19 -15.45 -21.18
HO2' FMN I . 0.97 -13.97 -23.36
H3' FMN I . 2.45 -15.68 -23.24
H4' FMN I . 2.58 -14.31 -20.54
HO4' FMN I . 3.41 -12.76 -22.58
H5'1 FMN I . 4.59 -15.67 -21.45
H5'2 FMN I . 4.72 -14.40 -22.66
S SO4 J . -24.43 3.45 -27.33
O1 SO4 J . -23.01 3.82 -27.39
O2 SO4 J . -24.83 2.94 -28.64
O3 SO4 J . -25.21 4.62 -26.94
O4 SO4 J . -24.70 2.40 -26.35
S SO4 K . -18.07 -23.27 8.83
O1 SO4 K . -17.52 -22.80 7.57
O2 SO4 K . -18.17 -24.73 8.80
O3 SO4 K . -17.18 -22.87 9.93
O4 SO4 K . -19.40 -22.71 9.00
C1 GOL L . -18.34 -25.27 -40.86
O1 GOL L . -17.90 -25.02 -42.17
C2 GOL L . -18.16 -26.75 -40.56
O2 GOL L . -19.07 -27.46 -41.35
C3 GOL L . -16.72 -27.23 -40.87
O3 GOL L . -16.62 -28.60 -40.56
H11 GOL L . -19.26 -25.03 -40.77
H12 GOL L . -17.80 -24.75 -40.23
HO1 GOL L . -17.90 -24.18 -42.31
H2 GOL L . -18.35 -26.91 -39.62
HO2 GOL L . -18.88 -27.33 -42.18
H31 GOL L . -16.09 -26.72 -40.34
H32 GOL L . -16.53 -27.09 -41.81
HO3 GOL L . -16.81 -28.73 -39.74
N1 FMN M . -22.83 15.11 12.67
C2 FMN M . -24.19 15.31 12.68
O2 FMN M . -24.89 14.77 13.55
N3 FMN M . -24.77 16.11 11.74
C4 FMN M . -24.01 16.71 10.78
O4 FMN M . -24.58 17.40 9.92
C4A FMN M . -22.62 16.53 10.75
N5 FMN M . -21.84 17.15 9.76
C5A FMN M . -20.45 16.93 9.75
C6 FMN M . -19.66 17.53 8.77
C7 FMN M . -18.27 17.34 8.75
C7M FMN M . -17.43 17.98 7.68
C8 FMN M . -17.69 16.53 9.72
C8M FMN M . -16.21 16.27 9.76
C9 FMN M . -18.47 15.93 10.70
C9A FMN M . -19.86 16.11 10.73
N10 FMN M . -20.65 15.47 11.68
C10 FMN M . -22.03 15.71 11.71
C1' FMN M . -20.02 14.71 12.85
C2' FMN M . -19.98 13.23 13.13
O2' FMN M . -21.32 12.73 13.27
C3' FMN M . -19.19 13.06 14.45
O3' FMN M . -19.83 13.75 15.52
C4' FMN M . -17.73 13.59 14.42
O4' FMN M . -17.20 13.45 13.12
C5' FMN M . -16.85 12.90 15.47
O5' FMN M . -15.77 13.73 15.92
P FMN M . -14.38 13.15 16.56
O1P FMN M . -13.88 12.02 15.63
O2P FMN M . -14.61 12.61 17.95
O3P FMN M . -13.36 14.27 16.75
HN3 FMN M . -25.80 16.26 11.76
H6 FMN M . -20.12 18.16 8.01
HM71 FMN M . -16.39 17.71 7.82
HM72 FMN M . -17.78 17.64 6.70
HM73 FMN M . -17.54 19.06 7.74
HM81 FMN M . -15.97 15.61 10.59
HM82 FMN M . -15.67 17.22 9.89
HM83 FMN M . -15.89 15.80 8.82
H9 FMN M . -18.00 15.29 11.46
H1'1 FMN M . -18.97 15.02 12.85
H1'2 FMN M . -20.45 15.15 13.74
H2' FMN M . -19.46 12.71 12.33
HO2' FMN M . -21.45 12.40 14.18
H3' FMN M . -19.15 12.00 14.69
H4' FMN M . -17.77 14.65 14.68
HO4' FMN M . -16.38 12.93 13.16
H5'1 FMN M . -17.46 12.61 16.33
H5'2 FMN M . -16.44 11.97 15.04
S SO4 N . -43.21 -5.74 0.36
O1 SO4 N . -43.29 -4.50 -0.45
O2 SO4 N . -42.20 -6.67 -0.18
O3 SO4 N . -42.82 -5.47 1.75
O4 SO4 N . -44.52 -6.37 0.35
S SO4 O . -7.92 20.36 -21.60
O1 SO4 O . -8.85 19.36 -22.11
O2 SO4 O . -6.61 20.22 -22.23
O3 SO4 O . -7.77 20.18 -20.15
O4 SO4 O . -8.47 21.68 -21.90
S SO4 P . -35.08 -9.42 -2.56
O1 SO4 P . -35.05 -8.32 -3.53
O2 SO4 P . -34.83 -10.66 -3.28
O3 SO4 P . -34.05 -9.30 -1.53
O4 SO4 P . -36.38 -9.45 -1.91
N1 IND Q . -28.27 13.54 11.21
C2 IND Q . -27.43 13.68 10.17
C3 IND Q . -26.37 13.09 10.60
C4 IND Q . -25.41 11.89 12.59
C5 IND Q . -25.77 11.46 13.87
C6 IND Q . -27.05 11.72 14.36
C7 IND Q . -27.99 12.39 13.56
C8 IND Q . -27.65 12.84 12.29
C9 IND Q . -26.33 12.56 11.79
HN1 IND Q . -29.09 13.84 11.21
H2 IND Q . -27.58 14.09 9.35
H3 IND Q . -25.61 13.05 10.06
H4 IND Q . -24.56 11.71 12.26
H5 IND Q . -25.15 11.00 14.39
H6 IND Q . -27.29 11.43 15.21
H7 IND Q . -28.84 12.57 13.89
N1 FMN R . 15.96 24.44 -6.86
C2 FMN R . 17.19 25.06 -6.68
O2 FMN R . 18.03 25.10 -7.58
N3 FMN R . 17.50 25.66 -5.47
C4 FMN R . 16.59 25.66 -4.44
O4 FMN R . 16.91 26.21 -3.39
C4A FMN R . 15.35 25.05 -4.61
N5 FMN R . 14.43 25.05 -3.57
C5A FMN R . 13.21 24.44 -3.74
C6 FMN R . 12.29 24.45 -2.69
C7 FMN R . 11.05 23.83 -2.84
C7M FMN R . 10.12 23.85 -1.66
C8 FMN R . 10.72 23.22 -4.05
C8M FMN R . 9.40 22.55 -4.27
C9 FMN R . 11.61 23.21 -5.11
C9A FMN R . 12.88 23.82 -4.97
N10 FMN R . 13.78 23.80 -6.02
C10 FMN R . 15.03 24.43 -5.84
C1' FMN R . 13.39 23.23 -7.38
C2' FMN R . 13.80 21.92 -7.98
O2' FMN R . 15.22 21.97 -8.15
C3' FMN R . 13.08 21.78 -9.36
O3' FMN R . 13.36 22.94 -10.11
C4' FMN R . 11.56 21.41 -9.28
O4' FMN R . 11.47 20.09 -9.78
C5' FMN R . 10.48 22.24 -10.03
O5' FMN R . 9.99 21.54 -11.18
P FMN R . 8.53 20.91 -11.61
O1P FMN R . 7.32 21.78 -11.37
O2P FMN R . 8.55 20.82 -13.12
O3P FMN R . 8.37 19.49 -11.04
HN3 FMN R . 18.43 26.11 -5.34
H6 FMN R . 12.53 24.98 -1.77
HM71 FMN R . 9.20 23.32 -1.93
HM72 FMN R . 10.59 23.36 -0.82
HM73 FMN R . 9.88 24.88 -1.39
HM81 FMN R . 9.36 22.13 -5.28
HM82 FMN R . 8.59 23.26 -4.15
HM83 FMN R . 9.28 21.73 -3.54
H9 FMN R . 11.35 22.73 -6.04
H1'1 FMN R . 12.30 23.24 -7.40
H1'2 FMN R . 13.68 24.00 -8.11
H2' FMN R . 13.51 21.10 -7.32
HO2' FMN R . 15.43 21.90 -9.11
H3' FMN R . 13.56 20.94 -9.86
HO3' FMN R . 12.52 23.30 -10.46
H4' FMN R . 11.29 21.40 -8.23
HO4' FMN R . 10.75 20.05 -10.46
H5'1 FMN R . 9.65 22.44 -9.35
H5'2 FMN R . 10.89 23.19 -10.34
S SO4 S . 42.74 9.49 -0.22
O1 SO4 S . 44.14 9.63 -0.63
O2 SO4 S . 41.91 9.96 -1.32
O3 SO4 S . 42.51 10.26 1.03
O4 SO4 S . 42.40 8.09 0.01
S SO4 T . 41.11 22.76 2.23
O1 SO4 T . 40.81 22.42 0.84
O2 SO4 T . 42.24 23.67 2.24
O3 SO4 T . 41.39 21.52 2.96
O4 SO4 T . 40.00 23.39 2.89
S SO4 U . 36.35 2.19 0.70
O1 SO4 U . 37.65 2.76 0.38
O2 SO4 U . 35.48 2.41 -0.47
O3 SO4 U . 35.93 2.88 1.91
O4 SO4 U . 36.41 0.76 0.98
S SO4 V . 1.21 14.88 26.69
O1 SO4 V . 2.13 15.02 25.55
O2 SO4 V . 0.03 14.13 26.30
O3 SO4 V . 0.81 16.22 27.15
O4 SO4 V . 1.87 14.17 27.77
N1 IND W . 22.03 24.41 -6.63
C2 IND W . 21.68 24.39 -5.36
C3 IND W . 20.66 23.60 -5.39
C4 IND W . 19.25 22.22 -6.97
C5 IND W . 19.14 21.88 -8.32
C6 IND W . 20.06 22.42 -9.25
C7 IND W . 21.07 23.27 -8.81
C8 IND W . 21.18 23.60 -7.46
C9 IND W . 20.24 23.07 -6.52
HN1 IND W . 22.70 24.87 -6.93
H2 IND W . 22.07 24.82 -4.64
H3 IND W . 20.21 23.40 -4.60
H4 IND W . 18.64 21.87 -6.35
H5 IND W . 18.47 21.31 -8.61
H6 IND W . 19.99 22.19 -10.15
H7 IND W . 21.67 23.62 -9.42
#